data_5B58
#
_entry.id   5B58
#
_cell.length_a   69.016
_cell.length_b   99.751
_cell.length_c   253.496
_cell.angle_alpha   90.000
_cell.angle_beta   90.000
_cell.angle_gamma   90.000
#
_symmetry.space_group_name_H-M   'P 21 21 21'
#
loop_
_entity.id
_entity.type
_entity.pdbx_description
1 polymer 'Putative hemin ABC transport system, membrane protein'
2 polymer 'Hemin import ATP-binding protein HmuV'
3 polymer 'Putative hemin transport system, substrate-binding protein'
#
loop_
_entity_poly.entity_id
_entity_poly.type
_entity_poly.pdbx_seq_one_letter_code
_entity_poly.pdbx_strand_id
1 'polypeptide(L)'
;MGHHHHHHHHHHSSGHIDDDDKHMPAHASPFNAPSSASRAGAARLGTSRRFAPFVLAALAILMGAMSVVALCVGAYRIPL
AEAWAALSGDPAAQQARAVLLDIRAPRVVLALLVGGGFGATGAAMQALFRNPLADPGLVGVSSGAALGATTLIVLGPALF
AAHASAAALPVAAFAGGLAVAALVYRLAASRGRLALPLLLLAGIAINALVGAAIGLLTFVADDAQLRSLTFWSLGSLGGA
QWPTLAAVAPCVALGGVLLVRERDALNALQLGETEALHLGVPVQRLKRRVLVAVALAVGALVSCAGIIGFIGLVAPHCVR
LACGPDQRIVLPGAALLGALLTLAADLAARTVAAPADIPLGVLTALLGAPFFLALLWKNRGALGG
;
A,B
2 'polypeptide(L)'
;MLTAHHLDVARRHGTILRDLSLSIEPGRVTALLGRNGAGKSTLLKTFAGELTGSVAPHGVRVTGDVTLNGEPLARIDAPR
LACLRAVLPQAAQPAFPFSVDEIVLLGRYPHARRSGATSHRDRDIAWRALERAGADALVGRDVTTLSGGELARVQFARVL
AQLWPDHDTTEPGPRYLLLDEPTAALDLAHQHRLLDTVRAVAREWQLGVLAIVHDPNLAARHADAIAMLADGTIVAHGAP
RDVMTPAHIAQCYGFAVKMVETGDGTPPVMVPA
;
C,D
3 'polypeptide(L)'
;GPLGSKRVIVIGGALAETAFALGGAETPRYRLVGADTTCTYPDAAKRLPKVGYQRALSAEGLLSLRPDLVLASAEAGPPT
AIAQVKGAGVTVTTFDERHDVESVRAKITGVAQALDVRDAGAALLQRFDRDWQAARDAVAARVPGGAQPPRVLFVLNHTG
TQALVAGQRTAADAMIRYAGARNAMQGFDHYKPLTTEALAAAAPDVVLISDEGLAAVGGHAALLATPGFGATPAGRARRV
VSLDALFLLGFGPRLPLAVTTLHRRLSDALA
;
T
#
# COMPACT_ATOMS: atom_id res chain seq x y z
N LEU A 45 -38.42 -13.13 -3.04
CA LEU A 45 -38.90 -11.75 -3.13
C LEU A 45 -38.96 -11.14 -1.73
N GLY A 46 -37.78 -10.82 -1.17
CA GLY A 46 -36.52 -10.93 -1.87
C GLY A 46 -35.60 -9.70 -1.94
N THR A 47 -34.73 -9.44 -0.94
CA THR A 47 -34.45 -10.31 0.21
C THR A 47 -33.38 -9.67 1.13
N SER A 48 -32.70 -10.55 1.89
CA SER A 48 -31.55 -10.34 2.77
C SER A 48 -30.95 -8.93 2.90
N ARG A 49 -31.80 -7.95 3.19
CA ARG A 49 -31.36 -6.72 3.84
C ARG A 49 -32.02 -6.61 5.21
N ARG A 50 -32.64 -7.70 5.69
CA ARG A 50 -33.16 -7.78 7.06
C ARG A 50 -31.94 -7.96 7.96
N PHE A 51 -31.71 -9.15 8.55
CA PHE A 51 -30.63 -9.45 9.51
C PHE A 51 -29.83 -8.23 10.04
N ALA A 52 -29.66 -7.22 9.18
CA ALA A 52 -28.93 -6.01 9.55
C ALA A 52 -29.47 -5.20 10.73
N PRO A 53 -30.79 -4.99 10.91
CA PRO A 53 -31.20 -4.28 12.13
C PRO A 53 -30.81 -5.06 13.35
N PHE A 54 -30.86 -6.40 13.27
CA PHE A 54 -30.45 -7.22 14.39
C PHE A 54 -28.98 -7.03 14.70
N VAL A 55 -28.15 -6.82 13.69
CA VAL A 55 -26.74 -6.56 13.92
C VAL A 55 -26.47 -5.08 14.16
N LEU A 56 -27.38 -4.18 13.76
CA LEU A 56 -27.23 -2.78 14.09
C LEU A 56 -27.79 -2.47 15.47
N ALA A 57 -28.89 -3.13 15.83
CA ALA A 57 -29.43 -2.96 17.18
C ALA A 57 -28.45 -3.50 18.19
N ALA A 58 -28.05 -4.76 18.04
CA ALA A 58 -27.12 -5.36 18.96
C ALA A 58 -25.81 -4.59 18.98
N LEU A 59 -25.50 -3.87 17.90
CA LEU A 59 -24.34 -2.99 17.91
C LEU A 59 -24.60 -1.76 18.76
N ALA A 60 -25.81 -1.18 18.66
CA ALA A 60 -26.13 -0.02 19.48
C ALA A 60 -26.20 -0.39 20.94
N ILE A 61 -26.73 -1.57 21.25
CA ILE A 61 -26.73 -2.06 22.63
C ILE A 61 -25.30 -2.17 23.15
N LEU A 62 -24.47 -2.94 22.45
CA LEU A 62 -23.11 -3.19 22.91
C LEU A 62 -22.28 -1.92 23.01
N MET A 63 -22.66 -0.89 22.26
CA MET A 63 -21.93 0.36 22.36
C MET A 63 -22.22 1.05 23.67
N GLY A 64 -23.49 1.10 24.07
CA GLY A 64 -23.83 1.74 25.32
C GLY A 64 -23.33 0.95 26.51
N ALA A 65 -23.60 -0.36 26.51
CA ALA A 65 -23.13 -1.22 27.59
C ALA A 65 -21.65 -1.00 27.84
N MET A 66 -20.87 -0.90 26.78
CA MET A 66 -19.43 -0.71 26.94
C MET A 66 -19.13 0.66 27.51
N SER A 67 -19.95 1.66 27.17
CA SER A 67 -19.71 3.00 27.70
C SER A 67 -19.84 3.01 29.21
N VAL A 68 -20.73 2.19 29.75
CA VAL A 68 -20.94 2.15 31.20
C VAL A 68 -19.73 1.51 31.88
N VAL A 69 -19.24 0.40 31.34
CA VAL A 69 -18.02 -0.21 31.87
C VAL A 69 -16.85 0.75 31.76
N ALA A 70 -16.81 1.54 30.69
CA ALA A 70 -15.76 2.54 30.53
C ALA A 70 -15.90 3.65 31.56
N LEU A 71 -17.13 4.13 31.78
CA LEU A 71 -17.41 5.01 32.91
C LEU A 71 -16.97 4.37 34.22
N CYS A 72 -17.21 3.08 34.36
CA CYS A 72 -17.07 2.41 35.65
C CYS A 72 -15.75 1.68 35.78
N VAL A 73 -14.65 2.33 35.42
CA VAL A 73 -13.31 1.94 35.83
C VAL A 73 -12.48 3.21 35.93
N GLY A 74 -11.61 3.28 36.92
CA GLY A 74 -10.54 4.25 36.96
C GLY A 74 -9.38 3.61 37.66
N ALA A 75 -8.53 4.45 38.23
CA ALA A 75 -7.52 3.95 39.16
C ALA A 75 -8.22 3.20 40.29
N TYR A 76 -7.75 1.98 40.55
CA TYR A 76 -8.63 0.85 40.87
C TYR A 76 -9.51 0.99 42.11
N ARG A 77 -9.31 2.01 42.95
CA ARG A 77 -10.06 2.12 44.20
C ARG A 77 -11.25 3.05 43.99
N ILE A 78 -12.30 2.53 43.36
CA ILE A 78 -13.52 3.32 43.18
C ILE A 78 -14.72 2.44 42.88
N PRO A 79 -15.69 2.30 43.82
CA PRO A 79 -16.87 1.45 43.55
C PRO A 79 -18.07 2.22 43.03
N LEU A 80 -19.08 1.50 42.49
CA LEU A 80 -20.26 2.13 41.90
C LEU A 80 -21.12 2.86 42.94
N ALA A 81 -21.13 2.40 44.19
CA ALA A 81 -21.97 3.01 45.22
C ALA A 81 -21.56 4.46 45.47
N GLU A 82 -20.26 4.71 45.64
CA GLU A 82 -19.76 6.08 45.82
C GLU A 82 -19.69 6.85 44.51
N ALA A 83 -19.68 6.15 43.37
CA ALA A 83 -19.80 6.81 42.07
C ALA A 83 -21.22 7.34 41.84
N TRP A 84 -22.23 6.51 42.14
CA TRP A 84 -23.61 6.99 42.11
C TRP A 84 -23.84 8.09 43.14
N ALA A 85 -23.20 7.95 44.31
CA ALA A 85 -23.29 9.00 45.34
C ALA A 85 -22.64 10.30 44.86
N ALA A 86 -21.55 10.19 44.10
CA ALA A 86 -20.91 11.39 43.57
C ALA A 86 -21.82 12.11 42.57
N LEU A 87 -22.25 11.40 41.51
CA LEU A 87 -23.02 12.04 40.45
C LEU A 87 -24.40 12.49 40.92
N SER A 88 -25.02 11.74 41.85
CA SER A 88 -26.39 12.02 42.29
C SER A 88 -26.47 11.88 43.82
N GLY A 89 -25.75 12.75 44.52
CA GLY A 89 -25.77 12.71 45.96
C GLY A 89 -25.01 13.86 46.61
N ASP A 90 -24.73 13.68 47.90
CA ASP A 90 -24.20 14.73 48.76
C ASP A 90 -22.74 15.03 48.45
N PRO A 91 -22.19 16.18 48.97
CA PRO A 91 -20.82 16.59 48.60
C PRO A 91 -19.70 15.76 49.22
N ALA A 92 -20.03 14.59 49.79
CA ALA A 92 -18.98 13.78 50.42
C ALA A 92 -18.08 13.10 49.38
N ALA A 93 -18.68 12.60 48.30
CA ALA A 93 -17.94 12.01 47.19
C ALA A 93 -17.58 13.04 46.13
N GLN A 94 -17.60 14.33 46.48
CA GLN A 94 -17.43 15.42 45.53
C GLN A 94 -16.10 15.35 44.77
N GLN A 95 -15.06 14.73 45.34
CA GLN A 95 -13.82 14.53 44.59
C GLN A 95 -14.03 13.52 43.47
N ALA A 96 -14.81 12.47 43.71
CA ALA A 96 -15.25 11.60 42.62
C ALA A 96 -16.25 12.29 41.70
N ARG A 97 -16.98 13.31 42.19
CA ARG A 97 -17.84 14.09 41.31
C ARG A 97 -17.03 14.89 40.29
N ALA A 98 -15.78 15.22 40.62
CA ALA A 98 -14.92 15.89 39.67
C ALA A 98 -14.55 14.95 38.52
N VAL A 99 -13.93 13.82 38.85
CA VAL A 99 -13.43 12.86 37.88
C VAL A 99 -14.53 12.43 36.92
N LEU A 100 -15.53 11.72 37.45
CA LEU A 100 -16.58 11.13 36.63
C LEU A 100 -17.23 12.11 35.68
N LEU A 101 -17.02 13.41 35.88
CA LEU A 101 -17.59 14.41 34.99
C LEU A 101 -16.56 15.21 34.23
N ASP A 102 -15.31 15.28 34.71
CA ASP A 102 -14.28 16.09 34.07
C ASP A 102 -13.15 15.27 33.47
N ILE A 103 -12.85 14.10 34.01
CA ILE A 103 -11.75 13.27 33.52
C ILE A 103 -12.30 12.14 32.68
N ARG A 104 -13.19 11.34 33.26
CA ARG A 104 -13.61 10.12 32.59
C ARG A 104 -14.64 10.41 31.50
N ALA A 105 -15.68 11.17 31.82
CA ALA A 105 -16.73 11.48 30.85
C ALA A 105 -16.18 12.04 29.54
N PRO A 106 -15.25 12.99 29.52
CA PRO A 106 -14.71 13.43 28.23
C PRO A 106 -13.82 12.39 27.57
N ARG A 107 -13.16 11.53 28.36
CA ARG A 107 -12.31 10.50 27.78
C ARG A 107 -13.14 9.45 27.06
N VAL A 108 -14.27 9.04 27.65
CA VAL A 108 -15.11 8.04 27.03
C VAL A 108 -15.75 8.60 25.76
N VAL A 109 -16.39 9.76 25.86
CA VAL A 109 -17.10 10.32 24.72
C VAL A 109 -16.15 10.61 23.56
N LEU A 110 -14.90 10.96 23.87
CA LEU A 110 -13.91 11.13 22.82
C LEU A 110 -13.67 9.80 22.11
N ALA A 111 -13.66 8.71 22.86
CA ALA A 111 -13.42 7.39 22.26
C ALA A 111 -14.59 6.96 21.40
N LEU A 112 -15.81 7.37 21.72
CA LEU A 112 -16.95 7.07 20.87
C LEU A 112 -16.98 7.96 19.63
N LEU A 113 -16.37 9.14 19.71
CA LEU A 113 -16.35 10.04 18.56
C LEU A 113 -15.20 9.70 17.62
N VAL A 114 -14.01 9.53 18.16
CA VAL A 114 -12.89 9.02 17.36
C VAL A 114 -13.24 7.66 16.76
N GLY A 115 -13.88 6.80 17.54
CA GLY A 115 -14.25 5.48 17.02
C GLY A 115 -15.32 5.55 15.96
N GLY A 116 -16.43 6.21 16.25
CA GLY A 116 -17.47 6.36 15.25
C GLY A 116 -17.02 7.13 14.02
N GLY A 117 -16.16 8.13 14.21
CA GLY A 117 -15.73 8.92 13.08
C GLY A 117 -14.78 8.16 12.16
N PHE A 118 -13.76 7.54 12.74
CA PHE A 118 -12.82 6.79 11.92
C PHE A 118 -13.48 5.60 11.24
N GLY A 119 -14.41 4.93 11.91
CA GLY A 119 -15.12 3.86 11.25
C GLY A 119 -16.00 4.37 10.11
N ALA A 120 -16.68 5.50 10.33
CA ALA A 120 -17.63 5.98 9.33
C ALA A 120 -16.92 6.60 8.13
N THR A 121 -15.86 7.36 8.38
CA THR A 121 -15.06 7.85 7.27
C THR A 121 -14.42 6.70 6.53
N GLY A 122 -13.99 5.65 7.24
CA GLY A 122 -13.44 4.49 6.56
C GLY A 122 -14.44 3.85 5.60
N ALA A 123 -15.67 3.67 6.05
CA ALA A 123 -16.71 3.11 5.18
C ALA A 123 -16.85 3.93 3.91
N ALA A 124 -16.80 5.26 4.02
CA ALA A 124 -16.98 6.12 2.86
C ALA A 124 -15.80 6.03 1.92
N MET A 125 -14.57 6.23 2.44
CA MET A 125 -13.39 6.12 1.60
C MET A 125 -13.40 4.83 0.79
N GLN A 126 -13.67 3.72 1.44
CA GLN A 126 -13.63 2.41 0.81
C GLN A 126 -14.76 2.18 -0.16
N ALA A 127 -15.90 2.86 0.02
CA ALA A 127 -16.92 2.87 -1.01
C ALA A 127 -16.49 3.69 -2.21
N LEU A 128 -15.65 4.70 -1.99
CA LEU A 128 -15.27 5.65 -3.02
C LEU A 128 -14.23 5.06 -3.95
N PHE A 129 -13.21 4.43 -3.40
CA PHE A 129 -12.18 3.79 -4.18
C PHE A 129 -12.54 2.39 -4.62
N ARG A 130 -13.78 1.95 -4.33
CA ARG A 130 -14.21 0.58 -4.61
C ARG A 130 -13.23 -0.46 -4.10
N ASN A 131 -12.48 -0.12 -3.05
CA ASN A 131 -11.43 -0.98 -2.52
C ASN A 131 -11.56 -1.00 -1.02
N PRO A 132 -11.81 -2.16 -0.41
CA PRO A 132 -12.01 -2.20 1.05
C PRO A 132 -10.77 -1.91 1.87
N LEU A 133 -9.68 -1.46 1.25
CA LEU A 133 -8.45 -1.17 1.97
C LEU A 133 -8.24 0.32 2.27
N ALA A 134 -8.80 1.22 1.47
CA ALA A 134 -8.52 2.64 1.60
C ALA A 134 -8.84 3.15 3.01
N ASP A 135 -7.81 3.66 3.69
CA ASP A 135 -8.05 4.32 4.96
C ASP A 135 -8.37 5.79 4.75
N PRO A 136 -9.01 6.45 5.72
CA PRO A 136 -9.28 7.90 5.58
C PRO A 136 -8.03 8.76 5.47
N GLY A 137 -6.84 8.22 5.65
CA GLY A 137 -5.62 8.99 5.55
C GLY A 137 -4.97 9.06 4.18
N LEU A 138 -5.64 8.58 3.13
CA LEU A 138 -5.09 8.69 1.77
C LEU A 138 -5.13 10.11 1.25
N VAL A 139 -5.99 10.97 1.79
CA VAL A 139 -6.01 12.37 1.41
C VAL A 139 -4.74 13.09 1.86
N GLY A 140 -3.90 12.44 2.66
CA GLY A 140 -2.78 13.12 3.29
C GLY A 140 -3.14 13.92 4.52
N VAL A 141 -4.38 13.82 4.99
CA VAL A 141 -4.81 14.64 6.13
C VAL A 141 -4.22 14.13 7.44
N SER A 142 -3.93 12.84 7.56
CA SER A 142 -3.26 12.33 8.75
C SER A 142 -1.82 12.81 8.81
N SER A 143 -1.13 12.79 7.66
CA SER A 143 0.23 13.31 7.61
C SER A 143 0.26 14.80 7.92
N GLY A 144 -0.55 15.59 7.23
CA GLY A 144 -0.55 17.03 7.46
C GLY A 144 -0.90 17.42 8.88
N ALA A 145 -1.76 16.64 9.53
CA ALA A 145 -2.03 16.87 10.94
C ALA A 145 -0.80 16.55 11.77
N ALA A 146 -0.15 15.41 11.50
CA ALA A 146 1.10 15.09 12.18
C ALA A 146 2.12 16.20 12.00
N LEU A 147 2.20 16.78 10.80
CA LEU A 147 3.15 17.86 10.55
C LEU A 147 2.73 19.14 11.26
N GLY A 148 1.51 19.61 11.01
CA GLY A 148 1.06 20.82 11.68
C GLY A 148 1.26 20.76 13.17
N ALA A 149 0.98 19.60 13.76
CA ALA A 149 1.17 19.45 15.19
C ALA A 149 2.64 19.53 15.57
N THR A 150 3.51 18.83 14.84
CA THR A 150 4.93 18.83 15.18
C THR A 150 5.64 20.10 14.75
N THR A 151 5.08 20.87 13.82
CA THR A 151 5.63 22.16 13.46
C THR A 151 5.30 23.24 14.49
N LEU A 152 4.43 22.95 15.45
CA LEU A 152 4.10 23.87 16.53
C LEU A 152 4.82 23.55 17.82
N ILE A 153 5.14 22.28 18.07
CA ILE A 153 6.03 21.89 19.16
C ILE A 153 7.43 22.49 19.02
N VAL A 154 7.74 23.05 17.84
CA VAL A 154 8.99 23.77 17.62
C VAL A 154 8.71 25.13 16.97
N LEU A 155 7.93 25.98 17.65
CA LEU A 155 7.49 27.24 17.07
C LEU A 155 7.48 28.34 18.13
N GLY A 156 7.52 29.58 17.65
CA GLY A 156 7.53 30.75 18.52
C GLY A 156 8.93 31.13 18.93
N ALA A 164 4.53 26.20 20.56
CA ALA A 164 3.97 27.13 21.55
C ALA A 164 2.96 26.42 22.44
N SER A 165 1.91 27.15 22.82
CA SER A 165 0.86 26.65 23.72
C SER A 165 -0.28 27.67 23.78
N ALA A 166 -1.51 27.22 24.05
CA ALA A 166 -1.82 25.83 24.35
C ALA A 166 -2.90 25.27 23.44
N ALA A 167 -4.15 25.65 23.69
CA ALA A 167 -5.27 25.21 22.85
C ALA A 167 -5.05 25.55 21.37
N ALA A 168 -4.11 26.43 21.07
CA ALA A 168 -3.66 26.65 19.70
C ALA A 168 -2.82 25.50 19.16
N LEU A 169 -2.77 24.30 19.78
CA LEU A 169 -2.11 23.18 19.12
C LEU A 169 -3.12 22.37 18.31
N PRO A 170 -4.22 21.84 18.90
CA PRO A 170 -5.21 21.17 18.05
C PRO A 170 -5.77 22.04 16.93
N VAL A 171 -5.44 23.34 16.88
CA VAL A 171 -5.70 24.14 15.69
C VAL A 171 -4.55 24.04 14.69
N ALA A 172 -3.32 23.85 15.16
CA ALA A 172 -2.22 23.60 14.25
C ALA A 172 -2.42 22.27 13.52
N ALA A 173 -2.69 21.21 14.27
CA ALA A 173 -2.88 19.90 13.65
C ALA A 173 -4.13 19.88 12.78
N PHE A 174 -5.18 20.59 13.17
CA PHE A 174 -6.40 20.61 12.36
C PHE A 174 -6.20 21.44 11.10
N ALA A 175 -5.52 22.58 11.22
CA ALA A 175 -5.24 23.37 10.03
C ALA A 175 -4.14 22.73 9.20
N GLY A 176 -3.13 22.15 9.86
CA GLY A 176 -2.10 21.43 9.12
C GLY A 176 -2.66 20.23 8.38
N GLY A 177 -3.59 19.51 8.99
CA GLY A 177 -4.21 18.37 8.32
C GLY A 177 -5.10 18.79 7.16
N LEU A 178 -5.83 19.88 7.33
CA LEU A 178 -6.70 20.35 6.24
C LEU A 178 -5.89 20.84 5.05
N ALA A 179 -4.79 21.55 5.32
CA ALA A 179 -4.01 22.14 4.24
C ALA A 179 -3.49 21.07 3.30
N VAL A 180 -2.86 20.04 3.85
CA VAL A 180 -2.24 19.00 3.04
C VAL A 180 -3.27 18.25 2.22
N ALA A 181 -4.49 18.14 2.73
CA ALA A 181 -5.54 17.45 1.99
C ALA A 181 -6.00 18.28 0.80
N ALA A 182 -6.05 19.61 0.95
CA ALA A 182 -6.40 20.46 -0.18
C ALA A 182 -5.25 20.55 -1.17
N LEU A 183 -4.02 20.39 -0.68
CA LEU A 183 -2.88 20.27 -1.56
C LEU A 183 -3.00 19.02 -2.41
N VAL A 184 -3.16 17.86 -1.76
CA VAL A 184 -3.21 16.58 -2.47
C VAL A 184 -4.30 16.63 -3.54
N TYR A 185 -5.45 17.19 -3.21
CA TYR A 185 -6.50 17.33 -4.21
C TYR A 185 -6.07 18.24 -5.34
N ARG A 186 -5.40 19.35 -5.02
CA ARG A 186 -5.14 20.34 -6.07
C ARG A 186 -4.12 19.84 -7.08
N LEU A 187 -3.13 19.07 -6.64
CA LEU A 187 -2.24 18.39 -7.58
C LEU A 187 -3.03 17.39 -8.41
N ALA A 188 -3.74 16.50 -7.73
CA ALA A 188 -4.34 15.35 -8.42
C ALA A 188 -5.48 15.78 -9.33
N ALA A 189 -6.22 16.81 -8.93
CA ALA A 189 -7.34 17.26 -9.73
C ALA A 189 -6.85 17.90 -11.03
N SER A 190 -7.64 17.72 -12.08
CA SER A 190 -7.30 18.24 -13.39
C SER A 190 -7.99 19.56 -13.70
N ARG A 191 -8.95 19.98 -12.88
CA ARG A 191 -9.82 21.11 -13.19
C ARG A 191 -10.43 20.92 -14.59
N GLY A 192 -11.45 20.08 -14.69
CA GLY A 192 -11.94 19.31 -13.56
C GLY A 192 -12.40 17.93 -13.96
N ARG A 193 -11.71 16.90 -13.45
CA ARG A 193 -12.20 15.53 -13.54
C ARG A 193 -11.81 14.76 -12.28
N LEU A 194 -10.51 14.45 -12.12
CA LEU A 194 -9.79 14.00 -10.90
C LEU A 194 -8.92 12.74 -11.12
N ALA A 195 -9.56 11.56 -11.11
CA ALA A 195 -8.98 10.23 -11.36
C ALA A 195 -8.53 9.53 -10.09
N LEU A 196 -8.90 8.26 -9.95
CA LEU A 196 -8.66 7.51 -8.71
C LEU A 196 -7.18 7.28 -8.43
N PRO A 197 -6.35 6.74 -9.35
CA PRO A 197 -4.96 6.47 -8.97
C PRO A 197 -4.09 7.73 -8.90
N LEU A 198 -4.47 8.80 -9.58
CA LEU A 198 -3.69 10.03 -9.47
C LEU A 198 -3.78 10.63 -8.07
N LEU A 199 -4.86 10.34 -7.34
CA LEU A 199 -4.97 10.88 -6.00
C LEU A 199 -4.03 10.16 -5.05
N LEU A 200 -3.90 8.84 -5.19
CA LEU A 200 -2.91 8.13 -4.39
C LEU A 200 -1.51 8.51 -4.83
N LEU A 201 -1.32 8.76 -6.13
CA LEU A 201 -0.03 9.21 -6.60
C LEU A 201 0.38 10.50 -5.88
N ALA A 202 -0.49 11.53 -5.94
CA ALA A 202 -0.17 12.79 -5.31
C ALA A 202 -0.28 12.73 -3.79
N GLY A 203 -1.11 11.82 -3.27
CA GLY A 203 -1.24 11.71 -1.82
C GLY A 203 0.03 11.19 -1.17
N ILE A 204 0.62 10.14 -1.74
CA ILE A 204 1.87 9.60 -1.21
C ILE A 204 3.09 10.26 -1.82
N ALA A 205 2.94 11.10 -2.84
CA ALA A 205 4.03 11.98 -3.22
C ALA A 205 4.28 13.02 -2.13
N ILE A 206 3.21 13.56 -1.54
CA ILE A 206 3.35 14.55 -0.49
C ILE A 206 3.67 13.87 0.84
N ASN A 207 3.09 12.69 1.07
CA ASN A 207 3.43 11.85 2.21
C ASN A 207 4.95 11.77 2.38
N ALA A 208 5.68 11.76 1.26
CA ALA A 208 7.14 11.86 1.34
C ALA A 208 7.55 13.21 1.88
N LEU A 209 7.02 14.30 1.30
CA LEU A 209 7.37 15.67 1.68
C LEU A 209 7.21 15.88 3.17
N VAL A 210 5.97 15.78 3.64
CA VAL A 210 5.63 15.91 5.06
C VAL A 210 6.58 15.08 5.90
N GLY A 211 6.51 13.76 5.74
CA GLY A 211 7.32 12.83 6.53
C GLY A 211 8.80 13.19 6.62
N ALA A 212 9.31 13.93 5.64
CA ALA A 212 10.68 14.43 5.71
C ALA A 212 10.77 15.71 6.52
N ALA A 213 9.82 16.63 6.32
CA ALA A 213 9.73 17.79 7.19
C ALA A 213 9.64 17.35 8.64
N ILE A 214 8.93 16.25 8.90
CA ILE A 214 8.94 15.65 10.24
C ILE A 214 10.34 15.18 10.57
N GLY A 215 10.94 14.36 9.71
CA GLY A 215 12.25 13.80 10.00
C GLY A 215 13.33 14.84 10.23
N LEU A 216 13.19 16.01 9.60
CA LEU A 216 14.00 17.16 9.97
C LEU A 216 13.68 17.62 11.37
N LEU A 217 12.40 17.89 11.66
CA LEU A 217 11.98 18.41 12.96
C LEU A 217 12.41 17.50 14.11
N THR A 218 12.13 16.20 14.02
CA THR A 218 12.52 15.29 15.10
C THR A 218 14.03 15.20 15.26
N PHE A 219 14.80 15.54 14.21
CA PHE A 219 16.25 15.56 14.35
C PHE A 219 16.69 16.77 15.17
N VAL A 220 16.31 17.97 14.75
CA VAL A 220 16.71 19.20 15.43
C VAL A 220 16.01 19.41 16.76
N ALA A 221 15.02 18.59 17.10
CA ALA A 221 14.21 18.81 18.28
C ALA A 221 14.87 18.23 19.53
N ASP A 222 14.84 19.00 20.61
CA ASP A 222 15.46 18.57 21.87
C ASP A 222 14.58 17.49 22.51
N ASP A 223 14.96 17.06 23.71
CA ASP A 223 14.45 15.81 24.25
C ASP A 223 12.96 15.91 24.52
N ALA A 224 12.54 16.99 25.18
CA ALA A 224 11.13 17.15 25.50
C ALA A 224 10.31 17.20 24.23
N GLN A 225 10.85 17.81 23.19
CA GLN A 225 10.13 17.87 21.92
C GLN A 225 10.09 16.51 21.25
N LEU A 226 11.15 15.71 21.38
CA LEU A 226 11.24 14.41 20.71
C LEU A 226 10.36 13.36 21.39
N ARG A 227 10.29 13.38 22.72
CA ARG A 227 9.35 12.56 23.45
C ARG A 227 7.90 12.92 23.11
N SER A 228 7.57 14.21 23.17
CA SER A 228 6.22 14.66 22.84
C SER A 228 5.75 14.09 21.51
N LEU A 229 6.58 14.22 20.46
CA LEU A 229 6.25 13.71 19.14
C LEU A 229 5.90 12.23 19.19
N THR A 230 6.90 11.40 19.52
CA THR A 230 6.75 9.95 19.35
C THR A 230 5.45 9.42 19.92
N PHE A 231 5.12 9.80 21.16
CA PHE A 231 3.89 9.30 21.75
C PHE A 231 2.68 9.95 21.11
N TRP A 232 2.78 11.22 20.76
CA TRP A 232 1.67 11.93 20.16
C TRP A 232 1.36 11.44 18.76
N SER A 233 2.34 10.82 18.09
CA SER A 233 2.07 10.13 16.84
C SER A 233 1.49 8.75 17.07
N LEU A 234 1.76 8.14 18.23
CA LEU A 234 1.10 6.90 18.59
C LEU A 234 -0.36 7.11 18.97
N GLY A 235 -0.72 8.31 19.40
CA GLY A 235 -2.11 8.62 19.68
C GLY A 235 -2.54 8.30 21.10
N SER A 236 -3.33 9.18 21.70
CA SER A 236 -3.79 8.98 23.06
C SER A 236 -4.95 9.91 23.36
N LEU A 237 -5.86 9.44 24.20
CA LEU A 237 -7.01 10.23 24.64
C LEU A 237 -6.82 10.74 26.06
N GLY A 238 -5.61 10.64 26.60
CA GLY A 238 -5.28 11.19 27.89
C GLY A 238 -5.29 12.70 27.97
N GLY A 239 -5.76 13.41 26.95
CA GLY A 239 -5.87 14.84 26.99
C GLY A 239 -7.32 15.29 26.97
N ALA A 240 -8.22 14.33 26.86
CA ALA A 240 -9.63 14.63 26.66
C ALA A 240 -10.18 15.45 27.82
N GLN A 241 -10.64 16.67 27.51
CA GLN A 241 -11.42 17.48 28.42
C GLN A 241 -12.61 18.05 27.66
N TRP A 242 -13.62 18.48 28.39
CA TRP A 242 -14.87 18.96 27.79
C TRP A 242 -14.68 20.02 26.71
N PRO A 243 -13.96 21.13 26.95
CA PRO A 243 -13.95 22.21 25.94
C PRO A 243 -13.36 21.77 24.61
N THR A 244 -12.34 20.91 24.64
CA THR A 244 -11.77 20.31 23.44
C THR A 244 -12.84 19.66 22.58
N LEU A 245 -13.44 18.58 23.09
CA LEU A 245 -14.39 17.82 22.29
C LEU A 245 -15.72 18.52 22.11
N ALA A 246 -15.94 19.64 22.79
CA ALA A 246 -17.03 20.49 22.37
C ALA A 246 -16.69 21.23 21.08
N ALA A 247 -15.40 21.40 20.79
CA ALA A 247 -14.95 22.00 19.55
C ALA A 247 -14.82 20.96 18.45
N VAL A 248 -14.43 19.74 18.82
CA VAL A 248 -14.27 18.67 17.83
C VAL A 248 -15.62 18.23 17.31
N ALA A 249 -16.54 17.89 18.22
CA ALA A 249 -17.79 17.21 17.89
C ALA A 249 -18.57 17.85 16.75
N PRO A 250 -18.81 19.17 16.71
CA PRO A 250 -19.62 19.72 15.61
C PRO A 250 -18.96 19.63 14.25
N CYS A 251 -17.70 19.21 14.16
CA CYS A 251 -17.09 18.89 12.87
C CYS A 251 -17.40 17.46 12.45
N VAL A 252 -17.08 16.49 13.30
CA VAL A 252 -17.32 15.10 12.94
C VAL A 252 -18.81 14.83 12.76
N ALA A 253 -19.64 15.43 13.61
CA ALA A 253 -21.08 15.28 13.44
C ALA A 253 -21.55 15.99 12.18
N LEU A 254 -20.87 17.06 11.79
CA LEU A 254 -21.17 17.70 10.51
C LEU A 254 -20.67 16.84 9.36
N GLY A 255 -19.42 16.38 9.45
CA GLY A 255 -18.90 15.52 8.41
C GLY A 255 -19.73 14.28 8.23
N GLY A 256 -20.31 13.80 9.32
CA GLY A 256 -21.22 12.67 9.22
C GLY A 256 -22.41 13.00 8.35
N VAL A 257 -23.06 14.13 8.60
CA VAL A 257 -24.35 14.40 8.00
C VAL A 257 -24.23 14.70 6.51
N LEU A 258 -23.12 15.29 6.07
CA LEU A 258 -22.89 15.37 4.63
C LEU A 258 -22.77 13.97 4.05
N LEU A 259 -22.06 13.08 4.74
CA LEU A 259 -21.88 11.70 4.28
C LEU A 259 -23.21 10.97 4.18
N VAL A 260 -23.84 10.67 5.31
CA VAL A 260 -25.08 9.90 5.33
C VAL A 260 -26.06 10.37 4.26
N ARG A 261 -26.01 11.65 3.90
CA ARG A 261 -26.85 12.16 2.82
C ARG A 261 -26.38 11.71 1.44
N GLU A 262 -25.09 11.41 1.27
CA GLU A 262 -24.56 10.94 -0.01
C GLU A 262 -24.71 9.44 -0.20
N ARG A 263 -25.28 8.73 0.78
CA ARG A 263 -25.12 7.28 0.87
C ARG A 263 -25.72 6.54 -0.31
N ASP A 264 -26.84 7.04 -0.86
CA ASP A 264 -27.45 6.35 -1.99
C ASP A 264 -26.68 6.56 -3.27
N ALA A 265 -25.97 7.68 -3.41
CA ALA A 265 -25.07 7.90 -4.54
C ALA A 265 -23.83 7.02 -4.46
N LEU A 266 -23.30 6.78 -3.25
CA LEU A 266 -22.15 5.90 -3.08
C LEU A 266 -22.48 4.45 -3.42
N ASN A 267 -23.74 4.04 -3.29
CA ASN A 267 -24.12 2.68 -3.67
C ASN A 267 -23.97 2.47 -5.17
N ALA A 268 -24.44 3.43 -5.97
CA ALA A 268 -24.29 3.32 -7.41
C ALA A 268 -22.87 3.60 -7.85
N LEU A 269 -21.95 3.88 -6.94
CA LEU A 269 -20.56 3.97 -7.36
C LEU A 269 -19.91 2.60 -7.33
N GLN A 270 -20.34 1.75 -6.39
CA GLN A 270 -19.67 0.48 -6.18
C GLN A 270 -19.83 -0.47 -7.35
N LEU A 271 -20.75 -0.21 -8.27
CA LEU A 271 -20.89 -1.08 -9.42
C LEU A 271 -20.21 -0.50 -10.65
N GLY A 272 -19.53 0.63 -10.53
CA GLY A 272 -18.72 1.13 -11.61
C GLY A 272 -18.85 2.61 -11.84
N GLU A 273 -17.72 3.30 -11.99
CA GLU A 273 -17.70 4.74 -12.20
C GLU A 273 -18.34 5.15 -13.52
N THR A 274 -18.34 4.28 -14.53
CA THR A 274 -18.96 4.62 -15.81
C THR A 274 -20.46 4.38 -15.78
N GLU A 275 -20.91 3.28 -15.15
CA GLU A 275 -22.35 3.05 -14.99
C GLU A 275 -22.95 3.96 -13.93
N ALA A 276 -22.21 4.26 -12.85
CA ALA A 276 -22.62 5.34 -11.97
C ALA A 276 -22.87 6.61 -12.77
N LEU A 277 -22.01 6.89 -13.75
CA LEU A 277 -22.23 8.04 -14.60
C LEU A 277 -23.50 7.87 -15.41
N HIS A 278 -23.79 6.64 -15.81
CA HIS A 278 -24.99 6.38 -16.60
C HIS A 278 -26.26 6.52 -15.77
N LEU A 279 -26.21 6.18 -14.49
CA LEU A 279 -27.32 6.45 -13.57
C LEU A 279 -27.36 7.90 -13.15
N GLY A 280 -26.59 8.76 -13.80
CA GLY A 280 -26.65 10.17 -13.50
C GLY A 280 -26.30 10.54 -12.09
N VAL A 281 -25.36 9.84 -11.47
CA VAL A 281 -24.69 10.34 -10.26
C VAL A 281 -23.53 11.20 -10.73
N PRO A 282 -23.45 12.47 -10.31
CA PRO A 282 -22.31 13.32 -10.68
C PRO A 282 -21.05 12.88 -9.97
N VAL A 283 -20.35 11.90 -10.56
CA VAL A 283 -19.23 11.23 -9.90
C VAL A 283 -18.25 12.26 -9.36
N GLN A 284 -17.97 13.31 -10.13
CA GLN A 284 -16.91 14.23 -9.74
C GLN A 284 -17.32 15.10 -8.56
N ARG A 285 -18.58 15.54 -8.53
CA ARG A 285 -19.06 16.31 -7.39
C ARG A 285 -19.07 15.47 -6.13
N LEU A 286 -19.65 14.27 -6.20
CA LEU A 286 -19.68 13.38 -5.04
C LEU A 286 -18.27 13.13 -4.50
N LYS A 287 -17.32 12.82 -5.40
CA LYS A 287 -15.94 12.68 -5.00
C LYS A 287 -15.49 13.87 -4.16
N ARG A 288 -15.73 15.09 -4.66
CA ARG A 288 -15.47 16.30 -3.87
C ARG A 288 -16.07 16.17 -2.48
N ARG A 289 -17.38 15.96 -2.42
CA ARG A 289 -18.13 16.07 -1.17
C ARG A 289 -17.70 15.03 -0.14
N VAL A 290 -17.49 13.79 -0.58
CA VAL A 290 -16.87 12.80 0.30
C VAL A 290 -15.54 13.31 0.81
N LEU A 291 -14.67 13.75 -0.10
CA LEU A 291 -13.34 14.20 0.27
C LEU A 291 -13.37 15.33 1.29
N VAL A 292 -14.23 16.34 1.09
CA VAL A 292 -14.33 17.42 2.08
C VAL A 292 -14.77 16.87 3.42
N ALA A 293 -15.91 16.18 3.44
CA ALA A 293 -16.49 15.74 4.70
C ALA A 293 -15.57 14.81 5.47
N VAL A 294 -14.75 14.03 4.78
CA VAL A 294 -13.82 13.15 5.46
C VAL A 294 -12.54 13.89 5.82
N ALA A 295 -12.20 14.94 5.07
CA ALA A 295 -11.07 15.77 5.47
C ALA A 295 -11.41 16.60 6.69
N LEU A 296 -12.68 16.97 6.84
CA LEU A 296 -13.14 17.74 7.98
C LEU A 296 -13.23 16.87 9.24
N ALA A 297 -13.83 15.69 9.12
CA ALA A 297 -13.98 14.81 10.27
C ALA A 297 -12.63 14.26 10.71
N VAL A 298 -11.93 13.59 9.81
CA VAL A 298 -10.66 12.96 10.17
C VAL A 298 -9.65 14.01 10.62
N GLY A 299 -9.65 15.18 9.97
CA GLY A 299 -8.77 16.25 10.43
C GLY A 299 -9.10 16.67 11.85
N ALA A 300 -10.38 16.88 12.14
CA ALA A 300 -10.79 17.24 13.49
C ALA A 300 -10.34 16.21 14.51
N LEU A 301 -10.42 14.93 14.14
CA LEU A 301 -10.28 13.85 15.11
C LEU A 301 -8.83 13.47 15.38
N VAL A 302 -7.97 13.54 14.36
CA VAL A 302 -6.56 13.25 14.62
C VAL A 302 -5.92 14.37 15.42
N SER A 303 -6.48 15.58 15.36
CA SER A 303 -5.90 16.77 15.99
C SER A 303 -5.78 16.65 17.50
N CYS A 304 -6.55 15.78 18.12
CA CYS A 304 -6.58 15.67 19.57
C CYS A 304 -6.48 14.24 20.07
N ALA A 305 -6.59 13.25 19.18
CA ALA A 305 -6.34 11.85 19.52
C ALA A 305 -5.05 11.33 18.92
N GLY A 306 -4.35 12.15 18.13
CA GLY A 306 -3.16 11.70 17.47
C GLY A 306 -3.53 10.83 16.29
N ILE A 307 -2.54 10.14 15.75
CA ILE A 307 -2.75 9.22 14.64
C ILE A 307 -3.32 7.92 15.20
N ILE A 308 -4.54 7.59 14.79
CA ILE A 308 -5.20 6.35 15.19
C ILE A 308 -5.55 5.58 13.92
N GLY A 309 -5.17 4.30 13.88
CA GLY A 309 -5.38 3.50 12.68
C GLY A 309 -5.99 2.16 13.02
N PHE A 310 -6.36 1.44 11.96
CA PHE A 310 -6.84 0.06 12.00
C PHE A 310 -8.27 0.04 12.48
N ILE A 311 -8.80 1.18 12.91
CA ILE A 311 -10.23 1.24 13.08
C ILE A 311 -10.85 1.55 11.73
N GLY A 312 -10.13 2.32 10.91
CA GLY A 312 -10.62 2.63 9.59
C GLY A 312 -10.63 1.41 8.68
N LEU A 313 -9.79 0.43 8.98
CA LEU A 313 -9.69 -0.79 8.17
C LEU A 313 -10.49 -1.96 8.75
N VAL A 314 -10.53 -2.11 10.06
CA VAL A 314 -11.22 -3.23 10.69
C VAL A 314 -12.71 -2.95 10.86
N ALA A 315 -13.08 -1.78 11.36
CA ALA A 315 -14.49 -1.54 11.69
C ALA A 315 -15.43 -1.72 10.51
N PRO A 316 -15.32 -0.97 9.41
CA PRO A 316 -16.33 -1.09 8.36
C PRO A 316 -16.29 -2.42 7.65
N HIS A 317 -15.23 -3.20 7.83
CA HIS A 317 -15.11 -4.48 7.16
C HIS A 317 -15.58 -5.66 7.99
N CYS A 318 -15.66 -5.51 9.32
CA CYS A 318 -16.33 -6.51 10.13
C CYS A 318 -17.84 -6.41 9.99
N VAL A 319 -18.36 -5.21 9.74
CA VAL A 319 -19.78 -5.05 9.43
C VAL A 319 -20.06 -5.20 7.95
N ARG A 320 -19.02 -5.27 7.12
CA ARG A 320 -19.19 -5.58 5.71
C ARG A 320 -19.30 -7.07 5.46
N LEU A 321 -18.77 -7.89 6.36
CA LEU A 321 -18.93 -9.34 6.36
C LEU A 321 -20.21 -9.78 7.06
N ALA A 322 -20.57 -9.10 8.14
CA ALA A 322 -21.77 -9.48 8.89
C ALA A 322 -23.02 -9.40 8.03
N CYS A 323 -23.13 -8.36 7.20
CA CYS A 323 -24.37 -8.13 6.49
C CYS A 323 -24.09 -7.97 5.00
N GLY A 324 -23.81 -6.74 4.59
CA GLY A 324 -23.56 -6.45 3.19
C GLY A 324 -22.70 -5.22 2.97
N PRO A 325 -22.46 -4.90 1.72
CA PRO A 325 -21.70 -3.69 1.41
C PRO A 325 -22.59 -2.50 1.15
N ASP A 326 -23.83 -2.59 1.59
CA ASP A 326 -24.88 -1.62 1.24
C ASP A 326 -24.70 -0.38 2.08
N GLN A 327 -24.35 0.74 1.44
CA GLN A 327 -23.88 1.92 2.16
C GLN A 327 -24.95 2.48 3.10
N ARG A 328 -26.23 2.23 2.81
CA ARG A 328 -27.27 2.59 3.77
C ARG A 328 -27.06 1.88 5.11
N ILE A 329 -26.50 0.66 5.10
CA ILE A 329 -26.35 -0.16 6.30
C ILE A 329 -24.92 -0.20 6.80
N VAL A 330 -23.92 0.16 6.00
CA VAL A 330 -22.54 0.07 6.45
C VAL A 330 -22.11 1.30 7.23
N LEU A 331 -22.58 2.49 6.83
CA LEU A 331 -22.07 3.70 7.49
C LEU A 331 -22.55 3.79 8.93
N PRO A 332 -23.84 3.60 9.26
CA PRO A 332 -24.20 3.44 10.68
C PRO A 332 -23.39 2.35 11.34
N GLY A 333 -23.56 1.11 10.91
CA GLY A 333 -22.91 -0.01 11.56
C GLY A 333 -21.42 0.17 11.76
N ALA A 334 -20.77 0.92 10.88
CA ALA A 334 -19.32 1.05 11.03
C ALA A 334 -18.94 2.08 12.08
N ALA A 335 -19.81 3.06 12.31
CA ALA A 335 -19.53 4.05 13.34
C ALA A 335 -19.81 3.49 14.72
N LEU A 336 -20.77 2.56 14.81
CA LEU A 336 -21.05 1.92 16.09
C LEU A 336 -19.95 0.94 16.46
N LEU A 337 -19.63 0.01 15.56
CA LEU A 337 -18.54 -0.93 15.84
C LEU A 337 -17.22 -0.20 16.00
N GLY A 338 -16.94 0.74 15.09
CA GLY A 338 -15.76 1.57 15.25
C GLY A 338 -15.65 2.19 16.62
N ALA A 339 -16.77 2.65 17.16
CA ALA A 339 -16.76 3.26 18.49
C ALA A 339 -16.52 2.21 19.58
N LEU A 340 -17.44 1.24 19.69
CA LEU A 340 -17.33 0.06 20.55
C LEU A 340 -15.88 -0.41 20.68
N LEU A 341 -15.23 -0.62 19.54
CA LEU A 341 -13.89 -1.18 19.52
C LEU A 341 -12.86 -0.25 20.15
N THR A 342 -12.80 1.01 19.69
CA THR A 342 -11.79 1.94 20.21
C THR A 342 -11.96 2.19 21.70
N LEU A 343 -13.20 2.36 22.15
CA LEU A 343 -13.49 2.43 23.59
C LEU A 343 -12.96 1.20 24.31
N ALA A 344 -13.32 0.00 23.85
CA ALA A 344 -12.70 -1.21 24.36
C ALA A 344 -11.16 -1.14 24.30
N ALA A 345 -10.62 -0.71 23.15
CA ALA A 345 -9.17 -0.63 23.01
C ALA A 345 -8.56 0.36 23.98
N ASP A 346 -9.17 1.55 24.12
CA ASP A 346 -8.67 2.53 25.09
C ASP A 346 -8.70 1.97 26.50
N LEU A 347 -9.90 1.69 27.02
CA LEU A 347 -10.01 1.22 28.39
C LEU A 347 -9.01 0.10 28.70
N ALA A 348 -8.64 -0.70 27.69
CA ALA A 348 -7.53 -1.64 27.84
C ALA A 348 -6.17 -0.94 27.91
N ALA A 349 -6.06 0.31 27.45
CA ALA A 349 -4.82 1.08 27.66
C ALA A 349 -4.86 1.89 28.95
N ARG A 350 -6.04 2.34 29.39
CA ARG A 350 -6.16 2.98 30.69
C ARG A 350 -5.68 2.08 31.82
N THR A 351 -5.95 0.78 31.71
CA THR A 351 -6.03 -0.07 32.89
C THR A 351 -5.16 -1.29 32.84
N VAL A 352 -4.66 -1.69 31.67
CA VAL A 352 -3.85 -2.92 31.62
C VAL A 352 -2.53 -2.72 32.35
N ALA A 353 -2.04 -1.48 32.44
CA ALA A 353 -0.76 -1.21 33.06
C ALA A 353 -0.81 0.03 33.94
N ALA A 354 -1.98 0.34 34.48
CA ALA A 354 -2.13 1.45 35.42
C ALA A 354 -1.06 1.39 36.56
N PRO A 355 -0.48 2.54 36.89
CA PRO A 355 -0.89 3.87 36.42
C PRO A 355 -0.36 4.31 35.03
N ALA A 356 0.36 3.43 34.34
CA ALA A 356 0.81 3.78 33.01
C ALA A 356 -0.40 3.90 32.09
N ASP A 357 -0.34 4.87 31.18
CA ASP A 357 -1.37 5.09 30.18
C ASP A 357 -0.79 4.70 28.82
N ILE A 358 -1.05 3.48 28.39
CA ILE A 358 -0.46 3.04 27.12
C ILE A 358 -1.00 3.91 25.99
N PRO A 359 -0.18 4.33 25.03
CA PRO A 359 -0.75 4.93 23.80
C PRO A 359 -1.74 3.96 23.20
N LEU A 360 -2.90 4.46 22.77
CA LEU A 360 -3.85 3.50 22.23
C LEU A 360 -3.54 3.12 20.79
N GLY A 361 -2.59 3.78 20.13
CA GLY A 361 -2.05 3.22 18.90
C GLY A 361 -1.31 1.91 19.08
N VAL A 362 -0.82 1.64 20.29
CA VAL A 362 -0.27 0.31 20.58
C VAL A 362 -1.38 -0.73 20.56
N LEU A 363 -2.57 -0.34 21.02
CA LEU A 363 -3.60 -1.33 21.27
C LEU A 363 -4.52 -1.57 20.08
N THR A 364 -4.99 -0.52 19.41
CA THR A 364 -5.76 -0.76 18.19
C THR A 364 -4.91 -1.44 17.12
N ALA A 365 -3.58 -1.40 17.28
CA ALA A 365 -2.73 -2.21 16.43
C ALA A 365 -2.75 -3.66 16.89
N LEU A 366 -2.85 -3.90 18.19
CA LEU A 366 -2.99 -5.25 18.68
C LEU A 366 -4.34 -5.81 18.40
N LEU A 367 -5.18 -5.07 17.68
CA LEU A 367 -6.57 -5.40 17.43
C LEU A 367 -6.79 -5.80 15.97
N GLY A 368 -6.08 -5.16 15.05
CA GLY A 368 -6.14 -5.55 13.67
C GLY A 368 -5.21 -6.68 13.34
N ALA A 369 -4.16 -6.88 14.13
CA ALA A 369 -3.22 -7.97 13.86
C ALA A 369 -3.88 -9.34 13.93
N PRO A 370 -4.61 -9.72 15.00
CA PRO A 370 -5.36 -10.97 14.91
C PRO A 370 -6.41 -10.96 13.82
N PHE A 371 -7.06 -9.82 13.61
CA PHE A 371 -8.21 -9.73 12.70
C PHE A 371 -7.84 -9.11 11.36
N PHE A 372 -6.56 -9.20 11.01
CA PHE A 372 -6.04 -9.30 9.65
C PHE A 372 -5.58 -10.70 9.33
N LEU A 373 -4.96 -11.37 10.31
CA LEU A 373 -4.57 -12.77 10.20
C LEU A 373 -5.77 -13.70 10.15
N ALA A 374 -6.86 -13.34 10.83
CA ALA A 374 -8.14 -13.99 10.58
C ALA A 374 -8.45 -13.89 9.08
N LEU A 375 -8.65 -12.65 8.62
CA LEU A 375 -8.91 -12.33 7.21
C LEU A 375 -8.12 -13.22 6.24
N LEU A 376 -6.82 -13.41 6.51
CA LEU A 376 -5.99 -14.26 5.66
C LEU A 376 -6.40 -15.72 5.77
N TRP A 377 -6.57 -16.19 7.00
CA TRP A 377 -7.02 -17.55 7.28
C TRP A 377 -8.22 -17.95 6.42
N LYS A 378 -9.05 -16.99 6.01
CA LYS A 378 -10.27 -17.27 5.26
C LYS A 378 -10.18 -16.86 3.79
N ASN A 379 -9.06 -16.32 3.34
CA ASN A 379 -8.90 -15.92 1.95
C ASN A 379 -7.72 -16.59 1.30
N ARG A 380 -7.13 -17.60 1.94
CA ARG A 380 -5.83 -18.10 1.49
C ARG A 380 -5.89 -18.58 0.05
N GLY A 381 -6.93 -19.34 -0.29
CA GLY A 381 -7.07 -19.83 -1.64
C GLY A 381 -8.19 -19.14 -2.36
N ALA A 382 -7.85 -18.31 -3.35
CA ALA A 382 -6.46 -17.96 -3.63
C ALA A 382 -6.30 -16.42 -3.59
N LEU B 45 18.73 -8.53 -37.54
CA LEU B 45 17.32 -8.22 -37.77
C LEU B 45 16.91 -6.93 -37.06
N GLY B 46 17.78 -6.47 -36.15
CA GLY B 46 17.41 -5.41 -35.22
C GLY B 46 16.12 -5.80 -34.55
N THR B 47 15.36 -4.84 -34.08
CA THR B 47 15.85 -3.52 -33.70
C THR B 47 15.71 -3.62 -32.18
N SER B 48 16.33 -2.74 -31.41
CA SER B 48 16.29 -2.96 -29.98
C SER B 48 16.47 -1.63 -29.27
N ARG B 49 16.65 -1.69 -27.94
CA ARG B 49 17.31 -0.63 -27.20
C ARG B 49 18.81 -0.82 -27.36
N ARG B 50 19.43 0.04 -28.17
CA ARG B 50 20.88 0.10 -28.25
C ARG B 50 21.47 1.05 -27.21
N PHE B 51 20.64 1.92 -26.62
CA PHE B 51 21.03 2.85 -25.58
C PHE B 51 21.62 2.16 -24.36
N ALA B 52 21.36 0.86 -24.21
CA ALA B 52 21.44 0.24 -22.89
C ALA B 52 22.85 0.26 -22.31
N PRO B 53 23.91 -0.17 -23.01
CA PRO B 53 25.24 -0.03 -22.41
C PRO B 53 25.63 1.41 -22.17
N PHE B 54 25.15 2.31 -23.03
CA PHE B 54 25.51 3.71 -22.89
C PHE B 54 24.95 4.26 -21.59
N VAL B 55 23.77 3.81 -21.19
CA VAL B 55 23.21 4.22 -19.91
C VAL B 55 23.73 3.38 -18.77
N LEU B 56 24.47 2.33 -19.07
CA LEU B 56 25.11 1.57 -18.01
C LEU B 56 26.54 2.01 -17.81
N ALA B 57 27.26 2.30 -18.90
CA ALA B 57 28.60 2.82 -18.74
C ALA B 57 28.56 4.21 -18.15
N ALA B 58 27.74 5.09 -18.73
CA ALA B 58 27.64 6.45 -18.21
C ALA B 58 27.18 6.45 -16.76
N LEU B 59 26.47 5.40 -16.36
CA LEU B 59 26.09 5.27 -14.96
C LEU B 59 27.25 4.69 -14.17
N ALA B 60 28.02 3.80 -14.78
CA ALA B 60 29.22 3.31 -14.13
C ALA B 60 30.22 4.45 -13.91
N ILE B 61 30.42 5.27 -14.94
CA ILE B 61 31.27 6.45 -14.80
C ILE B 61 30.84 7.27 -13.58
N LEU B 62 29.63 7.82 -13.65
CA LEU B 62 29.15 8.74 -12.61
C LEU B 62 29.24 8.15 -11.21
N MET B 63 29.09 6.84 -11.06
CA MET B 63 29.18 6.28 -9.72
C MET B 63 30.62 6.33 -9.22
N GLY B 64 31.57 6.08 -10.11
CA GLY B 64 32.97 6.25 -9.73
C GLY B 64 33.27 7.69 -9.43
N ALA B 65 32.98 8.56 -10.40
CA ALA B 65 33.15 10.01 -10.29
C ALA B 65 32.63 10.52 -8.96
N MET B 66 31.31 10.41 -8.75
CA MET B 66 30.66 10.83 -7.51
C MET B 66 31.37 10.28 -6.29
N SER B 67 31.93 9.06 -6.39
CA SER B 67 32.61 8.46 -5.26
C SER B 67 33.90 9.21 -4.96
N VAL B 68 34.67 9.54 -5.98
CA VAL B 68 35.88 10.33 -5.78
C VAL B 68 35.54 11.66 -5.12
N VAL B 69 34.67 12.43 -5.75
CA VAL B 69 34.10 13.65 -5.15
C VAL B 69 33.60 13.39 -3.73
N ALA B 70 33.22 12.15 -3.41
CA ALA B 70 32.81 11.85 -2.05
C ALA B 70 33.98 11.66 -1.11
N LEU B 71 35.15 11.32 -1.64
CA LEU B 71 36.36 11.35 -0.85
C LEU B 71 36.91 12.75 -0.71
N CYS B 72 36.59 13.65 -1.63
CA CYS B 72 37.13 15.00 -1.68
C CYS B 72 36.35 15.99 -0.81
N VAL B 73 35.44 15.53 0.04
CA VAL B 73 34.73 16.41 0.98
C VAL B 73 34.57 15.61 2.30
N GLY B 74 34.18 16.24 3.42
CA GLY B 74 33.78 17.63 3.50
C GLY B 74 34.18 18.40 4.74
N ALA B 75 33.35 18.32 5.79
CA ALA B 75 33.67 19.00 7.02
C ALA B 75 34.99 18.49 7.57
N TYR B 76 35.67 19.33 8.35
CA TYR B 76 37.08 19.14 8.67
C TYR B 76 37.89 19.12 7.38
N ARG B 77 37.72 20.19 6.58
CA ARG B 77 38.41 20.41 5.31
C ARG B 77 39.88 20.01 5.41
N ILE B 78 40.29 19.03 4.62
CA ILE B 78 41.39 18.17 5.00
C ILE B 78 42.44 17.98 3.90
N PRO B 79 43.76 17.99 4.25
CA PRO B 79 44.82 17.86 3.24
C PRO B 79 45.56 16.52 3.29
N LEU B 80 45.63 15.85 2.14
CA LEU B 80 45.92 14.41 2.04
C LEU B 80 47.40 14.07 2.02
N ALA B 81 48.29 15.04 2.22
CA ALA B 81 49.72 14.82 2.01
C ALA B 81 50.22 13.60 2.79
N GLU B 82 49.82 13.49 4.06
CA GLU B 82 50.24 12.38 4.91
C GLU B 82 49.64 11.05 4.49
N ALA B 83 48.49 11.08 3.80
CA ALA B 83 47.78 9.83 3.52
C ALA B 83 48.66 8.79 2.84
N TRP B 84 49.68 9.22 2.10
CA TRP B 84 50.48 8.29 1.31
C TRP B 84 51.44 7.48 2.20
N ALA B 85 51.89 8.03 3.34
CA ALA B 85 52.66 7.26 4.31
C ALA B 85 51.76 6.45 5.19
N ALA B 86 50.47 6.77 5.12
CA ALA B 86 49.42 6.27 5.96
C ALA B 86 48.75 5.05 5.32
N LEU B 87 48.36 5.20 4.06
CA LEU B 87 48.06 4.05 3.23
C LEU B 87 49.28 3.15 3.14
N SER B 88 50.43 3.72 2.76
CA SER B 88 51.67 2.96 2.60
C SER B 88 52.91 3.76 2.97
N GLY B 89 53.49 4.50 2.00
CA GLY B 89 54.73 5.24 2.25
C GLY B 89 54.78 6.63 1.65
N ASP B 90 55.12 7.62 2.48
CA ASP B 90 55.35 8.99 2.02
C ASP B 90 56.09 9.75 3.12
N PRO B 91 56.65 10.94 2.80
CA PRO B 91 57.50 11.65 3.78
C PRO B 91 56.81 11.90 5.13
N ALA B 92 55.50 12.16 5.11
CA ALA B 92 54.90 12.82 6.25
C ALA B 92 54.33 11.79 7.23
N ALA B 93 54.55 12.01 8.54
CA ALA B 93 54.12 11.06 9.58
C ALA B 93 52.60 10.89 9.58
N GLN B 94 52.11 9.75 10.09
CA GLN B 94 50.70 9.39 10.01
C GLN B 94 49.81 10.54 10.46
N GLN B 95 48.81 10.87 9.64
CA GLN B 95 47.93 11.98 9.98
C GLN B 95 46.55 11.85 9.32
N ALA B 96 46.50 11.75 7.99
CA ALA B 96 45.22 11.67 7.30
C ALA B 96 44.71 10.24 7.12
N ARG B 97 45.55 9.21 7.29
CA ARG B 97 45.06 7.88 7.60
C ARG B 97 43.87 7.95 8.52
N ALA B 98 44.08 8.59 9.66
CA ALA B 98 43.09 8.72 10.72
C ALA B 98 41.68 8.84 10.19
N VAL B 99 41.47 9.79 9.29
CA VAL B 99 40.15 10.06 8.75
C VAL B 99 39.93 9.27 7.47
N LEU B 100 40.74 9.57 6.45
CA LEU B 100 40.41 9.20 5.07
C LEU B 100 40.24 7.70 4.91
N LEU B 101 41.07 6.91 5.57
CA LEU B 101 40.96 5.46 5.42
C LEU B 101 40.02 4.82 6.43
N ASP B 102 39.89 5.37 7.63
CA ASP B 102 39.05 4.78 8.68
C ASP B 102 37.65 5.36 8.74
N ILE B 103 37.47 6.62 8.37
CA ILE B 103 36.19 7.29 8.59
C ILE B 103 35.46 7.46 7.28
N ARG B 104 36.13 8.11 6.33
CA ARG B 104 35.48 8.51 5.08
C ARG B 104 35.25 7.32 4.17
N ALA B 105 36.32 6.63 3.79
CA ALA B 105 36.22 5.51 2.85
C ALA B 105 35.23 4.42 3.27
N PRO B 106 35.09 4.05 4.55
CA PRO B 106 34.04 3.07 4.88
C PRO B 106 32.64 3.55 4.59
N ARG B 107 32.37 4.86 4.77
CA ARG B 107 31.02 5.37 4.57
C ARG B 107 30.65 5.45 3.10
N VAL B 108 31.59 5.90 2.26
CA VAL B 108 31.36 5.90 0.83
C VAL B 108 31.06 4.48 0.33
N VAL B 109 31.92 3.53 0.64
CA VAL B 109 31.68 2.15 0.19
C VAL B 109 30.44 1.56 0.89
N LEU B 110 30.08 2.03 2.09
CA LEU B 110 28.80 1.64 2.67
C LEU B 110 27.65 2.24 1.88
N ALA B 111 27.81 3.50 1.46
CA ALA B 111 26.75 4.14 0.67
C ALA B 111 26.59 3.47 -0.69
N LEU B 112 27.69 3.07 -1.32
CA LEU B 112 27.59 2.30 -2.55
C LEU B 112 26.89 0.97 -2.31
N LEU B 113 27.29 0.24 -1.27
CA LEU B 113 26.74 -1.10 -1.02
C LEU B 113 25.25 -1.03 -0.70
N VAL B 114 24.84 -0.05 0.11
CA VAL B 114 23.44 0.12 0.45
C VAL B 114 22.62 0.55 -0.78
N GLY B 115 23.13 1.52 -1.55
CA GLY B 115 22.42 1.96 -2.75
C GLY B 115 22.34 0.96 -3.88
N GLY B 116 23.38 0.16 -4.09
CA GLY B 116 23.25 -0.95 -5.02
C GLY B 116 22.41 -2.07 -4.46
N GLY B 117 22.33 -2.16 -3.13
CA GLY B 117 21.54 -3.22 -2.52
C GLY B 117 20.05 -2.95 -2.64
N PHE B 118 19.62 -1.77 -2.20
CA PHE B 118 18.19 -1.44 -2.26
C PHE B 118 17.71 -1.20 -3.69
N GLY B 119 18.60 -0.75 -4.57
CA GLY B 119 18.24 -0.66 -5.97
C GLY B 119 18.05 -2.03 -6.59
N ALA B 120 19.00 -2.95 -6.35
CA ALA B 120 18.98 -4.28 -6.97
C ALA B 120 17.89 -5.17 -6.37
N THR B 121 17.74 -5.16 -5.06
CA THR B 121 16.60 -5.84 -4.46
C THR B 121 15.29 -5.24 -4.93
N GLY B 122 15.24 -3.92 -5.10
CA GLY B 122 14.03 -3.32 -5.64
C GLY B 122 13.69 -3.84 -7.01
N ALA B 123 14.70 -4.15 -7.81
CA ALA B 123 14.46 -4.60 -9.18
C ALA B 123 13.85 -5.99 -9.21
N ALA B 124 14.42 -6.91 -8.44
CA ALA B 124 13.91 -8.28 -8.46
C ALA B 124 12.63 -8.43 -7.69
N MET B 125 12.38 -7.58 -6.68
CA MET B 125 11.11 -7.64 -5.97
C MET B 125 9.95 -7.25 -6.88
N GLN B 126 10.12 -6.18 -7.65
CA GLN B 126 9.06 -5.67 -8.50
C GLN B 126 8.89 -6.50 -9.74
N ALA B 127 9.97 -7.06 -10.25
CA ALA B 127 9.84 -8.08 -11.27
C ALA B 127 9.02 -9.27 -10.76
N LEU B 128 9.01 -9.50 -9.45
CA LEU B 128 8.34 -10.65 -8.87
C LEU B 128 6.85 -10.37 -8.76
N PHE B 129 6.46 -9.29 -8.10
CA PHE B 129 5.06 -8.92 -7.97
C PHE B 129 4.49 -8.26 -9.22
N ARG B 130 5.21 -8.26 -10.35
CA ARG B 130 4.77 -7.60 -11.58
C ARG B 130 4.30 -6.18 -11.33
N ASN B 131 4.70 -5.59 -10.21
CA ASN B 131 4.16 -4.31 -9.77
C ASN B 131 5.30 -3.35 -9.49
N PRO B 132 5.38 -2.21 -10.18
CA PRO B 132 6.53 -1.31 -10.01
C PRO B 132 6.67 -0.70 -8.64
N LEU B 133 5.69 -0.85 -7.74
CA LEU B 133 5.74 -0.23 -6.42
C LEU B 133 6.32 -1.14 -5.33
N ALA B 134 6.45 -2.45 -5.58
CA ALA B 134 6.95 -3.37 -4.57
C ALA B 134 8.33 -2.97 -4.04
N ASP B 135 8.35 -2.24 -2.93
CA ASP B 135 9.61 -2.01 -2.24
C ASP B 135 10.12 -3.32 -1.62
N PRO B 136 11.42 -3.49 -1.49
CA PRO B 136 11.95 -4.75 -0.93
C PRO B 136 11.64 -4.97 0.55
N GLY B 137 10.81 -4.12 1.14
CA GLY B 137 10.48 -4.27 2.54
C GLY B 137 9.14 -4.93 2.77
N LEU B 138 8.61 -5.60 1.74
CA LEU B 138 7.38 -6.37 1.87
C LEU B 138 7.59 -7.73 2.54
N VAL B 139 8.82 -8.25 2.57
CA VAL B 139 9.09 -9.45 3.34
C VAL B 139 8.93 -9.28 4.85
N GLY B 140 8.63 -8.08 5.33
CA GLY B 140 8.75 -7.80 6.77
C GLY B 140 10.17 -7.67 7.28
N VAL B 141 11.12 -7.46 6.39
CA VAL B 141 12.53 -7.44 6.77
C VAL B 141 12.95 -6.07 7.34
N SER B 142 12.32 -4.98 6.88
CA SER B 142 12.54 -3.66 7.46
C SER B 142 11.87 -3.53 8.82
N SER B 143 10.64 -4.02 8.95
CA SER B 143 10.03 -4.16 10.26
C SER B 143 10.88 -5.02 11.18
N GLY B 144 11.20 -6.24 10.73
CA GLY B 144 11.88 -7.18 11.59
C GLY B 144 13.19 -6.65 12.14
N ALA B 145 13.99 -6.00 11.28
CA ALA B 145 15.22 -5.40 11.75
C ALA B 145 14.95 -4.31 12.77
N ALA B 146 13.93 -3.48 12.52
CA ALA B 146 13.58 -2.39 13.43
C ALA B 146 13.27 -2.91 14.83
N LEU B 147 12.45 -3.97 14.92
CA LEU B 147 12.18 -4.59 16.20
C LEU B 147 13.44 -5.22 16.80
N GLY B 148 14.15 -6.05 16.03
CA GLY B 148 15.39 -6.63 16.51
C GLY B 148 16.29 -5.57 17.12
N ALA B 149 16.48 -4.47 16.38
CA ALA B 149 17.36 -3.41 16.85
C ALA B 149 16.80 -2.71 18.09
N THR B 150 15.50 -2.43 18.13
CA THR B 150 14.95 -1.74 19.30
C THR B 150 14.70 -2.69 20.46
N THR B 151 14.70 -4.00 20.22
CA THR B 151 14.61 -4.91 21.35
C THR B 151 15.95 -5.02 22.06
N LEU B 152 17.06 -4.84 21.34
CA LEU B 152 18.36 -4.83 22.00
C LEU B 152 18.56 -3.54 22.78
N ILE B 153 18.23 -2.40 22.17
CA ILE B 153 18.47 -1.10 22.76
C ILE B 153 17.69 -0.91 24.06
N VAL B 154 16.56 -1.62 24.22
CA VAL B 154 15.72 -1.45 25.41
C VAL B 154 15.88 -2.60 26.42
N LEU B 155 16.51 -3.70 26.04
CA LEU B 155 16.57 -4.88 26.92
C LEU B 155 18.01 -5.34 27.06
N GLY B 156 18.75 -4.70 27.96
CA GLY B 156 20.13 -5.09 28.23
C GLY B 156 20.30 -6.53 28.66
N ALA B 164 23.34 -4.97 26.28
CA ALA B 164 23.44 -4.18 25.06
C ALA B 164 24.75 -4.43 24.31
N SER B 165 25.79 -3.69 24.68
CA SER B 165 27.11 -3.72 24.05
C SER B 165 27.06 -3.15 22.64
N ALA B 166 28.12 -3.37 21.86
CA ALA B 166 28.17 -2.99 20.46
C ALA B 166 28.48 -4.22 19.62
N ALA B 167 28.20 -4.11 18.31
CA ALA B 167 28.36 -5.20 17.36
C ALA B 167 27.36 -6.33 17.59
N ALA B 168 26.60 -6.24 18.69
CA ALA B 168 25.43 -7.08 18.86
C ALA B 168 24.18 -6.40 18.35
N LEU B 169 24.19 -5.07 18.21
CA LEU B 169 23.03 -4.38 17.63
C LEU B 169 22.82 -4.78 16.17
N PRO B 170 23.82 -4.65 15.26
CA PRO B 170 23.65 -5.21 13.92
C PRO B 170 23.02 -6.59 13.91
N VAL B 171 23.51 -7.48 14.76
CA VAL B 171 23.01 -8.85 14.69
C VAL B 171 21.67 -8.99 15.41
N ALA B 172 21.30 -8.04 16.26
CA ALA B 172 19.92 -7.98 16.70
C ALA B 172 19.02 -7.57 15.55
N ALA B 173 19.43 -6.53 14.81
CA ALA B 173 18.68 -6.13 13.62
C ALA B 173 18.71 -7.20 12.54
N PHE B 174 19.87 -7.82 12.31
CA PHE B 174 19.97 -8.81 11.25
C PHE B 174 19.16 -10.06 11.57
N ALA B 175 19.41 -10.65 12.74
CA ALA B 175 18.61 -11.80 13.12
C ALA B 175 17.14 -11.42 13.19
N GLY B 176 16.85 -10.18 13.58
CA GLY B 176 15.48 -9.74 13.58
C GLY B 176 14.92 -9.69 12.18
N GLY B 177 15.70 -9.15 11.25
CA GLY B 177 15.22 -8.96 9.89
C GLY B 177 14.96 -10.28 9.19
N LEU B 178 15.77 -11.29 9.47
CA LEU B 178 15.54 -12.59 8.84
C LEU B 178 14.37 -13.32 9.48
N ALA B 179 14.26 -13.26 10.82
CA ALA B 179 13.25 -14.06 11.52
C ALA B 179 11.83 -13.65 11.14
N VAL B 180 11.60 -12.35 10.96
CA VAL B 180 10.26 -11.88 10.60
C VAL B 180 9.93 -12.20 9.14
N ALA B 181 10.94 -12.10 8.26
CA ALA B 181 10.76 -12.54 6.88
C ALA B 181 10.26 -13.99 6.82
N ALA B 182 10.92 -14.88 7.56
CA ALA B 182 10.50 -16.28 7.60
C ALA B 182 9.13 -16.42 8.25
N LEU B 183 8.82 -15.56 9.21
CA LEU B 183 7.49 -15.58 9.80
C LEU B 183 6.44 -15.21 8.76
N VAL B 184 6.65 -14.11 8.05
CA VAL B 184 5.73 -13.68 7.00
C VAL B 184 5.59 -14.77 5.93
N TYR B 185 6.69 -15.42 5.59
CA TYR B 185 6.60 -16.53 4.64
C TYR B 185 5.78 -17.67 5.21
N ARG B 186 6.16 -18.16 6.40
CA ARG B 186 5.50 -19.30 6.99
C ARG B 186 3.99 -19.13 7.14
N LEU B 187 3.52 -17.89 7.19
CA LEU B 187 2.07 -17.65 7.20
C LEU B 187 1.52 -17.75 5.79
N ALA B 188 2.16 -17.04 4.86
CA ALA B 188 1.55 -16.86 3.55
C ALA B 188 1.61 -18.14 2.74
N ALA B 189 2.67 -18.91 2.90
CA ALA B 189 2.80 -20.12 2.10
C ALA B 189 1.91 -21.21 2.66
N SER B 190 1.66 -22.21 1.82
CA SER B 190 0.79 -23.31 2.19
C SER B 190 1.40 -24.66 1.86
N ARG B 191 2.73 -24.75 1.75
CA ARG B 191 3.44 -25.99 1.47
C ARG B 191 2.86 -26.71 0.27
N GLY B 192 3.26 -26.29 -0.94
CA GLY B 192 4.36 -25.33 -1.11
C GLY B 192 4.11 -24.01 -1.80
N ARG B 193 3.20 -23.96 -2.79
CA ARG B 193 2.93 -22.69 -3.46
C ARG B 193 2.33 -21.68 -2.50
N LEU B 194 2.63 -20.39 -2.72
CA LEU B 194 2.38 -19.39 -1.68
C LEU B 194 1.26 -18.40 -2.01
N ALA B 195 1.29 -17.71 -3.17
CA ALA B 195 0.29 -16.77 -3.69
C ALA B 195 0.60 -15.29 -3.43
N LEU B 196 0.47 -14.47 -4.48
CA LEU B 196 0.92 -13.08 -4.42
C LEU B 196 0.17 -12.21 -3.41
N PRO B 197 -1.16 -12.13 -3.42
CA PRO B 197 -1.81 -11.21 -2.48
C PRO B 197 -1.76 -11.69 -1.04
N LEU B 198 -1.58 -12.99 -0.81
CA LEU B 198 -1.44 -13.49 0.55
C LEU B 198 -0.16 -12.98 1.20
N LEU B 199 0.96 -13.07 0.49
CA LEU B 199 2.23 -12.64 1.07
C LEU B 199 2.14 -11.20 1.55
N LEU B 200 1.43 -10.35 0.81
CA LEU B 200 1.20 -8.99 1.26
C LEU B 200 0.26 -8.94 2.45
N LEU B 201 -0.70 -9.87 2.54
CA LEU B 201 -1.63 -9.88 3.66
C LEU B 201 -0.94 -10.33 4.95
N ALA B 202 -0.34 -11.53 4.95
CA ALA B 202 0.49 -11.94 6.07
C ALA B 202 1.59 -10.93 6.34
N GLY B 203 2.06 -10.27 5.29
CA GLY B 203 3.07 -9.24 5.47
C GLY B 203 2.61 -8.10 6.35
N ILE B 204 1.42 -7.57 6.08
CA ILE B 204 0.95 -6.39 6.83
C ILE B 204 0.32 -6.75 8.16
N ALA B 205 -0.23 -7.96 8.31
CA ALA B 205 -0.70 -8.36 9.62
C ALA B 205 0.45 -8.38 10.60
N ILE B 206 1.54 -9.04 10.23
CA ILE B 206 2.72 -9.10 11.10
C ILE B 206 3.37 -7.72 11.22
N ASN B 207 3.37 -6.94 10.14
CA ASN B 207 3.76 -5.53 10.24
C ASN B 207 3.05 -4.84 11.40
N ALA B 208 1.74 -5.09 11.54
CA ALA B 208 1.01 -4.52 12.68
C ALA B 208 1.54 -5.09 13.98
N LEU B 209 1.78 -6.40 14.02
CA LEU B 209 2.27 -7.03 15.24
C LEU B 209 3.59 -6.43 15.65
N VAL B 210 4.59 -6.51 14.77
CA VAL B 210 5.92 -5.99 15.07
C VAL B 210 5.86 -4.50 15.40
N GLY B 211 4.93 -3.75 14.80
CA GLY B 211 4.87 -2.33 15.05
C GLY B 211 4.23 -1.96 16.37
N ALA B 212 3.33 -2.82 16.86
CA ALA B 212 2.81 -2.62 18.21
C ALA B 212 3.91 -2.87 19.23
N ALA B 213 4.69 -3.93 19.03
CA ALA B 213 5.81 -4.23 19.92
C ALA B 213 6.79 -3.07 19.98
N ILE B 214 6.86 -2.27 18.92
CA ILE B 214 7.74 -1.11 18.93
C ILE B 214 7.11 0.03 19.70
N GLY B 215 5.89 0.43 19.33
CA GLY B 215 5.20 1.47 20.06
C GLY B 215 5.07 1.19 21.55
N LEU B 216 5.00 -0.09 21.92
CA LEU B 216 5.11 -0.48 23.33
C LEU B 216 6.53 -0.28 23.85
N LEU B 217 7.54 -0.63 23.06
CA LEU B 217 8.93 -0.47 23.51
C LEU B 217 9.31 1.00 23.67
N THR B 218 8.93 1.86 22.72
CA THR B 218 9.27 3.28 22.87
C THR B 218 8.60 3.88 24.10
N PHE B 219 7.44 3.37 24.48
CA PHE B 219 6.72 3.97 25.60
C PHE B 219 7.44 3.71 26.93
N VAL B 220 7.88 2.48 27.16
CA VAL B 220 8.61 2.13 28.37
C VAL B 220 10.07 2.55 28.31
N ALA B 221 10.52 3.08 27.18
CA ALA B 221 11.94 3.36 26.97
C ALA B 221 12.29 4.75 27.47
N ASP B 222 13.40 4.88 28.20
CA ASP B 222 13.77 6.18 28.76
C ASP B 222 14.25 7.11 27.64
N ASP B 223 14.83 8.25 28.02
CA ASP B 223 15.09 9.29 27.02
C ASP B 223 16.31 8.97 26.16
N ALA B 224 17.36 8.42 26.76
CA ALA B 224 18.46 7.91 25.93
C ALA B 224 17.96 6.92 24.91
N GLN B 225 16.94 6.14 25.25
CA GLN B 225 16.35 5.21 24.31
C GLN B 225 15.65 5.91 23.16
N LEU B 226 14.90 6.99 23.44
CA LEU B 226 13.94 7.49 22.47
C LEU B 226 14.59 8.25 21.33
N ARG B 227 15.42 9.23 21.66
CA ARG B 227 16.06 9.98 20.60
C ARG B 227 17.00 9.10 19.79
N SER B 228 17.80 8.30 20.48
CA SER B 228 18.62 7.31 19.80
C SER B 228 17.80 6.28 19.03
N LEU B 229 16.53 6.09 19.39
CA LEU B 229 15.66 5.22 18.62
C LEU B 229 15.36 5.84 17.28
N THR B 230 14.51 6.88 17.28
CA THR B 230 14.02 7.51 16.06
C THR B 230 15.10 7.71 15.01
N PHE B 231 16.27 8.18 15.44
CA PHE B 231 17.35 8.44 14.49
C PHE B 231 17.76 7.19 13.73
N TRP B 232 17.81 6.04 14.41
CA TRP B 232 18.15 4.81 13.72
C TRP B 232 17.03 4.39 12.77
N SER B 233 15.79 4.64 13.16
CA SER B 233 14.68 4.33 12.27
C SER B 233 14.53 5.33 11.15
N LEU B 234 15.29 6.43 11.17
CA LEU B 234 15.43 7.26 9.98
C LEU B 234 16.60 6.85 9.12
N GLY B 235 17.56 6.10 9.68
CA GLY B 235 18.66 5.57 8.90
C GLY B 235 19.86 6.49 8.89
N SER B 236 21.07 5.93 8.95
CA SER B 236 22.26 6.75 9.01
C SER B 236 23.49 5.90 8.72
N LEU B 237 24.40 6.43 7.92
CA LEU B 237 25.71 5.83 7.72
C LEU B 237 26.79 6.53 8.53
N GLY B 238 26.38 7.37 9.49
CA GLY B 238 27.35 8.07 10.31
C GLY B 238 28.28 7.15 11.07
N GLY B 239 27.81 5.95 11.38
CA GLY B 239 28.66 4.98 12.01
C GLY B 239 29.12 3.93 11.03
N ALA B 240 29.85 4.35 10.00
CA ALA B 240 30.48 3.42 9.08
C ALA B 240 31.87 3.08 9.60
N GLN B 241 32.28 1.85 9.32
CA GLN B 241 33.52 1.29 9.82
C GLN B 241 33.91 0.15 8.89
N TRP B 242 35.21 -0.19 8.89
CA TRP B 242 35.68 -1.20 7.93
C TRP B 242 35.09 -2.57 8.21
N PRO B 243 35.37 -3.24 9.34
CA PRO B 243 34.90 -4.63 9.47
C PRO B 243 33.41 -4.76 9.78
N THR B 244 32.63 -3.73 9.48
CA THR B 244 31.18 -3.92 9.35
C THR B 244 30.77 -4.12 7.90
N LEU B 245 31.35 -3.35 6.97
CA LEU B 245 31.15 -3.61 5.56
C LEU B 245 32.01 -4.77 5.08
N ALA B 246 32.91 -5.26 5.92
CA ALA B 246 33.43 -6.60 5.74
C ALA B 246 32.51 -7.65 6.35
N ALA B 247 31.67 -7.24 7.30
CA ALA B 247 30.65 -8.13 7.87
C ALA B 247 29.43 -8.20 6.96
N VAL B 248 29.06 -7.07 6.35
CA VAL B 248 27.91 -7.02 5.45
C VAL B 248 28.26 -7.61 4.10
N ALA B 249 29.29 -7.05 3.44
CA ALA B 249 29.52 -7.30 2.02
C ALA B 249 29.44 -8.77 1.60
N PRO B 250 29.93 -9.75 2.38
CA PRO B 250 29.67 -11.14 1.99
C PRO B 250 28.20 -11.51 1.95
N CYS B 251 27.31 -10.76 2.63
CA CYS B 251 25.88 -11.02 2.56
C CYS B 251 25.27 -10.42 1.30
N VAL B 252 25.42 -9.11 1.12
CA VAL B 252 24.85 -8.43 -0.03
C VAL B 252 25.44 -8.97 -1.32
N ALA B 253 26.76 -8.98 -1.40
CA ALA B 253 27.39 -9.49 -2.61
C ALA B 253 27.09 -10.96 -2.84
N LEU B 254 26.75 -11.71 -1.80
CA LEU B 254 26.18 -13.02 -2.05
C LEU B 254 24.77 -12.89 -2.55
N GLY B 255 24.01 -11.94 -1.98
CA GLY B 255 22.62 -11.77 -2.36
C GLY B 255 22.45 -11.33 -3.79
N GLY B 256 23.27 -10.40 -4.25
CA GLY B 256 23.17 -9.97 -5.62
C GLY B 256 23.42 -11.09 -6.61
N VAL B 257 24.17 -12.11 -6.21
CA VAL B 257 24.59 -13.15 -7.15
C VAL B 257 23.60 -14.29 -7.21
N LEU B 258 22.88 -14.58 -6.13
CA LEU B 258 21.73 -15.45 -6.24
C LEU B 258 20.67 -14.77 -7.10
N LEU B 259 20.60 -13.44 -7.05
CA LEU B 259 19.61 -12.69 -7.80
C LEU B 259 19.98 -12.60 -9.27
N VAL B 260 21.22 -12.23 -9.55
CA VAL B 260 21.62 -12.07 -10.93
C VAL B 260 21.55 -13.37 -11.71
N ARG B 261 21.45 -14.52 -11.03
CA ARG B 261 21.44 -15.76 -11.77
C ARG B 261 20.03 -16.16 -12.19
N GLU B 262 19.01 -15.74 -11.44
CA GLU B 262 17.62 -15.99 -11.79
C GLU B 262 17.02 -14.86 -12.62
N ARG B 263 17.84 -14.17 -13.41
CA ARG B 263 17.35 -12.96 -14.07
C ARG B 263 16.52 -13.27 -15.30
N ASP B 264 16.76 -14.41 -15.95
CA ASP B 264 15.96 -14.75 -17.12
C ASP B 264 14.64 -15.40 -16.77
N ALA B 265 14.61 -16.25 -15.72
CA ALA B 265 13.33 -16.72 -15.19
C ALA B 265 12.48 -15.56 -14.69
N LEU B 266 13.13 -14.47 -14.29
CA LEU B 266 12.42 -13.29 -13.82
C LEU B 266 11.88 -12.47 -14.99
N ASN B 267 12.47 -12.63 -16.18
CA ASN B 267 11.96 -11.99 -17.38
C ASN B 267 10.75 -12.72 -17.92
N ALA B 268 10.64 -14.01 -17.65
CA ALA B 268 9.54 -14.81 -18.17
C ALA B 268 8.31 -14.63 -17.34
N LEU B 269 8.48 -14.18 -16.11
CA LEU B 269 7.34 -13.89 -15.24
C LEU B 269 6.52 -12.69 -15.75
N GLN B 270 7.19 -11.64 -16.22
CA GLN B 270 6.55 -10.37 -16.48
C GLN B 270 5.60 -10.41 -17.69
N LEU B 271 5.36 -11.61 -18.25
CA LEU B 271 4.24 -11.74 -19.18
C LEU B 271 3.15 -12.62 -18.62
N GLY B 272 3.35 -13.19 -17.42
CA GLY B 272 2.26 -13.85 -16.76
C GLY B 272 2.70 -15.06 -15.97
N GLU B 273 2.32 -15.13 -14.70
CA GLU B 273 2.78 -16.22 -13.84
C GLU B 273 2.35 -17.58 -14.34
N THR B 274 1.36 -17.66 -15.26
CA THR B 274 0.90 -18.94 -15.79
C THR B 274 1.63 -19.31 -17.06
N GLU B 275 1.81 -18.36 -17.97
CA GLU B 275 2.57 -18.63 -19.17
C GLU B 275 4.04 -18.83 -18.86
N ALA B 276 4.52 -18.17 -17.80
CA ALA B 276 5.85 -18.48 -17.30
C ALA B 276 5.92 -19.91 -16.85
N LEU B 277 4.79 -20.45 -16.39
CA LEU B 277 4.76 -21.85 -15.97
C LEU B 277 4.86 -22.76 -17.19
N HIS B 278 4.16 -22.40 -18.27
CA HIS B 278 4.24 -23.19 -19.49
C HIS B 278 5.60 -23.06 -20.16
N LEU B 279 6.35 -22.00 -19.86
CA LEU B 279 7.76 -21.91 -20.24
C LEU B 279 8.65 -22.74 -19.32
N GLY B 280 8.05 -23.43 -18.37
CA GLY B 280 8.83 -24.30 -17.55
C GLY B 280 9.71 -23.60 -16.55
N VAL B 281 9.43 -22.34 -16.22
CA VAL B 281 10.11 -21.76 -15.06
C VAL B 281 9.42 -22.28 -13.80
N PRO B 282 10.17 -22.77 -12.80
CA PRO B 282 9.57 -23.21 -11.55
C PRO B 282 9.27 -22.02 -10.67
N VAL B 283 8.05 -21.52 -10.78
CA VAL B 283 7.72 -20.21 -10.23
C VAL B 283 7.86 -20.23 -8.71
N GLN B 284 7.46 -21.33 -8.07
CA GLN B 284 7.49 -21.34 -6.61
C GLN B 284 8.92 -21.29 -6.09
N ARG B 285 9.78 -22.16 -6.61
CA ARG B 285 11.20 -22.06 -6.30
C ARG B 285 11.71 -20.66 -6.58
N LEU B 286 11.41 -20.12 -7.77
CA LEU B 286 11.88 -18.80 -8.13
C LEU B 286 11.51 -17.77 -7.07
N LYS B 287 10.21 -17.67 -6.75
CA LYS B 287 9.77 -16.78 -5.68
C LYS B 287 10.63 -16.99 -4.44
N ARG B 288 10.85 -18.25 -4.09
CA ARG B 288 11.60 -18.54 -2.88
C ARG B 288 13.02 -18.00 -2.98
N ARG B 289 13.72 -18.34 -4.07
CA ARG B 289 15.10 -17.90 -4.21
C ARG B 289 15.20 -16.39 -4.16
N VAL B 290 14.30 -15.71 -4.88
CA VAL B 290 14.27 -14.25 -4.85
C VAL B 290 14.00 -13.75 -3.44
N LEU B 291 12.94 -14.28 -2.82
CA LEU B 291 12.49 -13.77 -1.52
C LEU B 291 13.53 -14.00 -0.44
N VAL B 292 14.37 -15.02 -0.60
CA VAL B 292 15.46 -15.25 0.34
C VAL B 292 16.58 -14.26 0.09
N ALA B 293 17.03 -14.19 -1.17
CA ALA B 293 18.15 -13.34 -1.53
C ALA B 293 17.92 -11.90 -1.10
N VAL B 294 16.69 -11.40 -1.26
CA VAL B 294 16.40 -10.02 -0.88
C VAL B 294 16.27 -9.89 0.63
N ALA B 295 15.72 -10.89 1.30
CA ALA B 295 15.63 -10.82 2.74
C ALA B 295 17.02 -10.86 3.35
N LEU B 296 17.98 -11.44 2.64
CA LEU B 296 19.35 -11.45 3.10
C LEU B 296 20.00 -10.09 2.86
N ALA B 297 20.11 -9.70 1.58
CA ALA B 297 20.78 -8.45 1.24
C ALA B 297 20.12 -7.28 1.96
N VAL B 298 18.79 -7.23 1.96
CA VAL B 298 18.13 -6.13 2.67
C VAL B 298 18.25 -6.34 4.18
N GLY B 299 18.25 -7.58 4.66
CA GLY B 299 18.43 -7.78 6.08
C GLY B 299 19.82 -7.39 6.53
N ALA B 300 20.82 -7.67 5.70
CA ALA B 300 22.18 -7.26 6.03
C ALA B 300 22.29 -5.74 6.01
N LEU B 301 21.76 -5.10 4.97
CA LEU B 301 21.99 -3.69 4.73
C LEU B 301 21.20 -2.80 5.69
N VAL B 302 20.01 -3.21 6.11
CA VAL B 302 19.29 -2.41 7.10
C VAL B 302 19.93 -2.51 8.49
N SER B 303 20.62 -3.63 8.76
CA SER B 303 21.21 -3.85 10.08
C SER B 303 22.11 -2.68 10.52
N CYS B 304 22.92 -2.16 9.60
CA CYS B 304 23.89 -1.12 9.91
C CYS B 304 23.54 0.23 9.29
N ALA B 305 22.61 0.28 8.34
CA ALA B 305 22.21 1.54 7.75
C ALA B 305 20.89 2.07 8.29
N GLY B 306 20.08 1.23 8.92
CA GLY B 306 18.79 1.68 9.40
C GLY B 306 17.75 1.66 8.29
N ILE B 307 16.68 2.40 8.51
CA ILE B 307 15.55 2.45 7.61
C ILE B 307 15.83 3.49 6.52
N ILE B 308 16.20 3.00 5.35
CA ILE B 308 16.41 3.85 4.18
C ILE B 308 15.29 3.58 3.19
N GLY B 309 14.70 4.64 2.66
CA GLY B 309 13.55 4.52 1.79
C GLY B 309 13.78 5.17 0.43
N PHE B 310 12.83 4.90 -0.47
CA PHE B 310 12.70 5.50 -1.78
C PHE B 310 13.85 5.21 -2.72
N ILE B 311 14.81 4.37 -2.34
CA ILE B 311 15.78 3.92 -3.33
C ILE B 311 15.22 2.74 -4.11
N GLY B 312 14.55 1.82 -3.41
CA GLY B 312 13.99 0.66 -4.06
C GLY B 312 12.83 0.99 -4.98
N LEU B 313 12.23 2.16 -4.83
CA LEU B 313 11.19 2.63 -5.74
C LEU B 313 11.76 3.50 -6.87
N VAL B 314 12.67 4.42 -6.55
CA VAL B 314 13.16 5.38 -7.53
C VAL B 314 14.23 4.77 -8.43
N ALA B 315 15.21 4.09 -7.84
CA ALA B 315 16.35 3.65 -8.64
C ALA B 315 15.94 2.73 -9.79
N PRO B 316 15.24 1.61 -9.55
CA PRO B 316 14.91 0.72 -10.67
C PRO B 316 13.91 1.30 -11.62
N HIS B 317 13.12 2.30 -11.21
CA HIS B 317 12.15 2.87 -12.13
C HIS B 317 12.73 3.95 -13.05
N CYS B 318 13.73 4.70 -12.61
CA CYS B 318 14.36 5.67 -13.49
C CYS B 318 15.20 5.01 -14.57
N VAL B 319 15.64 3.76 -14.35
CA VAL B 319 16.32 3.01 -15.40
C VAL B 319 15.31 2.37 -16.35
N ARG B 320 14.05 2.25 -15.96
CA ARG B 320 13.07 1.54 -16.77
C ARG B 320 12.42 2.45 -17.82
N LEU B 321 12.17 3.71 -17.47
CA LEU B 321 11.81 4.69 -18.49
C LEU B 321 13.00 5.01 -19.37
N ALA B 322 14.21 4.82 -18.86
CA ALA B 322 15.39 5.11 -19.67
C ALA B 322 15.56 4.10 -20.78
N CYS B 323 15.39 2.82 -20.48
CA CYS B 323 15.71 1.78 -21.46
C CYS B 323 14.57 0.79 -21.60
N GLY B 324 14.54 -0.22 -20.75
CA GLY B 324 13.47 -1.17 -20.81
C GLY B 324 13.23 -1.83 -19.48
N PRO B 325 12.27 -2.76 -19.44
CA PRO B 325 12.12 -3.61 -18.26
C PRO B 325 12.95 -4.89 -18.33
N ASP B 326 13.87 -4.98 -19.28
CA ASP B 326 14.64 -6.20 -19.47
C ASP B 326 15.47 -6.44 -18.24
N GLN B 327 15.19 -7.51 -17.51
CA GLN B 327 15.86 -7.74 -16.24
C GLN B 327 17.35 -8.00 -16.42
N ARG B 328 17.78 -8.35 -17.64
CA ARG B 328 19.20 -8.55 -17.85
C ARG B 328 19.97 -7.25 -17.70
N ILE B 329 19.29 -6.12 -17.90
CA ILE B 329 19.92 -4.80 -17.83
C ILE B 329 19.30 -3.90 -16.77
N VAL B 330 18.20 -4.30 -16.14
CA VAL B 330 17.66 -3.48 -15.05
C VAL B 330 18.39 -3.77 -13.74
N LEU B 331 18.84 -5.00 -13.53
CA LEU B 331 19.56 -5.32 -12.29
C LEU B 331 20.87 -4.57 -12.20
N PRO B 332 21.79 -4.67 -13.18
CA PRO B 332 23.00 -3.83 -13.12
C PRO B 332 22.69 -2.35 -12.93
N GLY B 333 21.85 -1.79 -13.80
CA GLY B 333 21.67 -0.35 -13.79
C GLY B 333 21.02 0.14 -12.51
N ALA B 334 20.07 -0.61 -11.99
CA ALA B 334 19.42 -0.17 -10.76
C ALA B 334 20.39 -0.16 -9.61
N ALA B 335 21.41 -1.02 -9.65
CA ALA B 335 22.47 -0.98 -8.64
C ALA B 335 23.34 0.25 -8.85
N LEU B 336 23.80 0.47 -10.08
CA LEU B 336 24.64 1.63 -10.39
C LEU B 336 23.93 2.93 -10.03
N LEU B 337 22.67 3.09 -10.47
CA LEU B 337 21.93 4.31 -10.16
C LEU B 337 21.64 4.41 -8.67
N GLY B 338 21.08 3.36 -8.09
CA GLY B 338 20.82 3.35 -6.66
C GLY B 338 22.03 3.71 -5.83
N ALA B 339 23.18 3.12 -6.15
CA ALA B 339 24.41 3.48 -5.43
C ALA B 339 24.72 4.96 -5.60
N LEU B 340 24.85 5.40 -6.84
CA LEU B 340 24.96 6.81 -7.19
C LEU B 340 24.12 7.70 -6.27
N LEU B 341 22.82 7.41 -6.18
CA LEU B 341 21.92 8.38 -5.57
C LEU B 341 22.09 8.43 -4.07
N THR B 342 22.40 7.30 -3.43
CA THR B 342 22.53 7.29 -1.98
C THR B 342 23.82 7.94 -1.54
N LEU B 343 24.93 7.53 -2.17
CA LEU B 343 26.19 8.25 -2.03
C LEU B 343 26.04 9.73 -2.36
N ALA B 344 25.12 10.07 -3.28
CA ALA B 344 24.90 11.47 -3.63
C ALA B 344 24.04 12.18 -2.60
N ALA B 345 23.19 11.46 -1.90
CA ALA B 345 22.39 12.09 -0.85
C ALA B 345 23.02 11.98 0.52
N ASP B 346 23.91 11.02 0.73
CA ASP B 346 24.65 11.00 1.99
C ASP B 346 25.63 12.16 2.03
N LEU B 347 26.29 12.42 0.90
CA LEU B 347 27.23 13.54 0.79
C LEU B 347 26.54 14.88 0.95
N ALA B 348 25.23 14.87 1.18
CA ALA B 348 24.53 16.03 1.68
C ALA B 348 23.90 15.78 3.05
N ALA B 349 23.85 14.53 3.50
CA ALA B 349 23.58 14.27 4.91
C ALA B 349 24.71 14.80 5.78
N ARG B 350 25.95 14.47 5.42
CA ARG B 350 27.12 14.99 6.12
C ARG B 350 27.15 16.52 6.09
N THR B 351 26.96 17.10 4.90
CA THR B 351 27.51 18.41 4.59
C THR B 351 26.51 19.57 4.56
N VAL B 352 25.21 19.30 4.40
CA VAL B 352 24.34 20.45 4.17
C VAL B 352 24.21 21.29 5.44
N ALA B 353 24.29 20.66 6.60
CA ALA B 353 24.22 21.40 7.86
C ALA B 353 25.28 20.83 8.80
N ALA B 354 26.34 21.60 9.02
CA ALA B 354 27.51 21.12 9.75
C ALA B 354 27.68 21.85 11.08
N PRO B 355 28.01 21.09 12.13
CA PRO B 355 28.56 19.74 11.96
C PRO B 355 27.66 18.52 12.23
N ALA B 356 26.36 18.57 11.92
CA ALA B 356 25.46 17.50 12.27
C ALA B 356 25.00 16.69 11.07
N ASP B 357 24.89 15.39 11.26
CA ASP B 357 24.36 14.49 10.23
C ASP B 357 22.84 14.60 10.22
N ILE B 358 22.30 15.24 9.20
CA ILE B 358 20.91 14.88 8.96
C ILE B 358 20.87 13.39 8.67
N PRO B 359 19.96 12.61 9.24
CA PRO B 359 19.81 11.22 8.79
C PRO B 359 19.52 11.22 7.30
N LEU B 360 20.22 10.37 6.56
CA LEU B 360 20.00 10.41 5.12
C LEU B 360 18.58 10.00 4.73
N GLY B 361 17.82 9.41 5.66
CA GLY B 361 16.41 9.19 5.42
C GLY B 361 15.66 10.46 5.07
N VAL B 362 15.87 11.52 5.86
CA VAL B 362 15.35 12.85 5.51
C VAL B 362 15.76 13.30 4.10
N LEU B 363 16.87 12.79 3.58
CA LEU B 363 17.35 13.22 2.26
C LEU B 363 16.84 12.33 1.14
N THR B 364 16.95 11.00 1.27
CA THR B 364 16.36 10.15 0.23
C THR B 364 14.84 10.27 0.19
N ALA B 365 14.22 10.72 1.28
CA ALA B 365 12.82 11.14 1.21
C ALA B 365 12.68 12.40 0.36
N LEU B 366 13.63 13.32 0.48
CA LEU B 366 13.61 14.52 -0.34
C LEU B 366 13.81 14.18 -1.81
N LEU B 367 14.51 13.09 -2.11
CA LEU B 367 14.66 12.63 -3.49
C LEU B 367 13.34 12.14 -4.06
N GLY B 368 12.62 11.32 -3.29
CA GLY B 368 11.47 10.62 -3.85
C GLY B 368 10.33 11.55 -4.20
N ALA B 369 10.04 12.50 -3.31
CA ALA B 369 8.89 13.39 -3.47
C ALA B 369 8.82 14.04 -4.85
N PRO B 370 9.90 14.63 -5.39
CA PRO B 370 9.79 15.19 -6.74
C PRO B 370 9.66 14.12 -7.81
N PHE B 371 10.38 13.01 -7.67
CA PHE B 371 10.28 11.96 -8.68
C PHE B 371 9.00 11.15 -8.54
N PHE B 372 8.31 11.26 -7.41
CA PHE B 372 6.90 10.91 -7.38
C PHE B 372 6.06 12.02 -8.02
N LEU B 373 6.33 13.27 -7.65
CA LEU B 373 5.62 14.40 -8.25
C LEU B 373 5.96 14.56 -9.72
N ALA B 374 7.03 13.92 -10.17
CA ALA B 374 7.35 13.88 -11.59
C ALA B 374 6.37 12.96 -12.30
N LEU B 375 6.47 11.66 -12.03
CA LEU B 375 5.68 10.70 -12.81
C LEU B 375 4.19 10.96 -12.68
N LEU B 376 3.78 11.79 -11.71
CA LEU B 376 2.42 12.34 -11.72
C LEU B 376 2.18 13.10 -13.00
N TRP B 377 3.08 14.05 -13.28
CA TRP B 377 2.91 14.93 -14.43
C TRP B 377 3.08 14.17 -15.75
N LYS B 378 3.80 13.06 -15.76
CA LYS B 378 3.89 12.22 -16.95
C LYS B 378 2.63 11.40 -17.18
N ASN B 379 1.70 11.35 -16.22
CA ASN B 379 0.51 10.52 -16.32
C ASN B 379 -0.69 11.33 -15.90
N ARG B 380 -1.47 11.81 -16.88
CA ARG B 380 -2.77 12.42 -16.62
C ARG B 380 -3.51 12.81 -17.90
N GLY B 381 -3.30 12.08 -18.99
CA GLY B 381 -3.97 12.44 -20.23
C GLY B 381 -5.36 11.83 -20.23
N ALA B 382 -6.36 12.62 -20.67
CA ALA B 382 -7.76 12.18 -20.77
C ALA B 382 -8.33 11.68 -19.42
N MET C 1 -36.70 9.60 -30.59
CA MET C 1 -35.87 9.54 -31.78
C MET C 1 -34.43 9.88 -31.43
N LEU C 2 -33.60 8.87 -31.14
CA LEU C 2 -32.17 9.05 -30.99
C LEU C 2 -31.55 9.22 -32.37
N THR C 3 -31.04 10.41 -32.66
CA THR C 3 -30.52 10.74 -33.99
C THR C 3 -29.18 11.44 -33.84
N ALA C 4 -28.13 10.82 -34.37
CA ALA C 4 -26.87 11.48 -34.60
C ALA C 4 -26.91 11.99 -36.03
N HIS C 5 -26.48 13.22 -36.23
CA HIS C 5 -26.44 13.82 -37.56
C HIS C 5 -25.07 14.44 -37.77
N HIS C 6 -24.37 14.00 -38.82
CA HIS C 6 -23.03 14.48 -39.15
C HIS C 6 -22.14 14.47 -37.91
N LEU C 7 -22.13 13.33 -37.24
CA LEU C 7 -21.39 13.13 -36.01
C LEU C 7 -19.91 12.91 -36.32
N ASP C 8 -19.06 13.73 -35.70
CA ASP C 8 -17.62 13.68 -35.88
C ASP C 8 -16.96 13.70 -34.50
N VAL C 9 -16.03 12.78 -34.27
CA VAL C 9 -15.37 12.63 -32.97
C VAL C 9 -13.90 12.29 -33.19
N ALA C 10 -13.05 12.78 -32.30
CA ALA C 10 -11.61 12.57 -32.44
C ALA C 10 -10.91 12.63 -31.10
N ARG C 11 -9.99 11.70 -30.89
CA ARG C 11 -9.01 11.74 -29.81
C ARG C 11 -7.62 11.73 -30.46
N ARG C 12 -6.78 12.69 -30.08
CA ARG C 12 -5.45 12.84 -30.72
C ARG C 12 -4.63 11.56 -30.72
N HIS C 13 -3.90 11.28 -31.80
CA HIS C 13 -3.82 12.13 -32.98
C HIS C 13 -4.65 11.60 -34.16
N GLY C 14 -5.84 12.18 -34.36
CA GLY C 14 -6.63 11.85 -35.53
C GLY C 14 -8.02 11.35 -35.20
N THR C 15 -8.96 11.62 -36.10
CA THR C 15 -10.36 11.24 -35.91
C THR C 15 -10.49 9.72 -35.77
N ILE C 16 -11.60 9.31 -35.16
CA ILE C 16 -11.97 7.92 -35.04
C ILE C 16 -13.35 7.65 -35.63
N LEU C 17 -14.29 8.58 -35.42
CA LEU C 17 -15.63 8.54 -35.97
C LEU C 17 -15.84 9.79 -36.81
N ARG C 18 -16.04 9.63 -38.10
CA ARG C 18 -16.08 10.77 -39.01
C ARG C 18 -17.40 10.85 -39.74
N ASP C 19 -18.02 12.02 -39.68
CA ASP C 19 -19.17 12.41 -40.47
C ASP C 19 -20.19 11.27 -40.50
N LEU C 20 -20.68 10.95 -39.32
CA LEU C 20 -21.66 9.90 -39.15
C LEU C 20 -23.05 10.48 -39.01
N SER C 21 -24.06 9.71 -39.44
CA SER C 21 -25.43 10.01 -39.05
C SER C 21 -26.20 8.70 -38.95
N LEU C 22 -26.63 8.40 -37.73
CA LEU C 22 -27.52 7.30 -37.44
C LEU C 22 -28.67 7.83 -36.62
N SER C 23 -29.82 7.20 -36.79
CA SER C 23 -30.97 7.43 -35.95
C SER C 23 -31.53 6.09 -35.51
N ILE C 24 -32.03 6.05 -34.28
CA ILE C 24 -32.53 4.84 -33.67
C ILE C 24 -33.96 5.09 -33.24
N GLU C 25 -34.94 4.31 -33.87
CA GLU C 25 -36.37 4.41 -33.62
C GLU C 25 -36.78 3.56 -32.42
N PRO C 26 -37.80 4.01 -31.70
CA PRO C 26 -38.44 3.14 -30.70
C PRO C 26 -39.13 1.95 -31.34
N GLY C 27 -38.93 0.79 -30.74
CA GLY C 27 -39.51 -0.44 -31.21
C GLY C 27 -38.65 -1.23 -32.18
N ARG C 28 -37.53 -0.68 -32.63
CA ARG C 28 -36.65 -1.36 -33.57
C ARG C 28 -35.29 -1.59 -32.94
N VAL C 29 -34.57 -2.56 -33.50
CA VAL C 29 -33.35 -3.10 -32.93
C VAL C 29 -32.28 -3.00 -34.00
N THR C 30 -31.34 -2.07 -33.79
CA THR C 30 -30.21 -1.84 -34.66
C THR C 30 -28.99 -2.60 -34.14
N ALA C 31 -28.34 -3.38 -35.00
CA ALA C 31 -27.15 -4.15 -34.64
C ALA C 31 -25.96 -3.50 -35.31
N LEU C 32 -24.96 -3.13 -34.52
CA LEU C 32 -23.77 -2.46 -35.00
C LEU C 32 -22.73 -3.49 -35.42
N LEU C 33 -22.32 -3.42 -36.67
CA LEU C 33 -21.34 -4.33 -37.23
C LEU C 33 -20.13 -3.55 -37.66
N GLY C 34 -19.08 -4.25 -38.09
CA GLY C 34 -17.85 -3.60 -38.49
C GLY C 34 -16.63 -4.10 -37.74
N ARG C 35 -15.44 -3.83 -38.28
CA ARG C 35 -14.21 -4.31 -37.68
C ARG C 35 -14.02 -3.75 -36.28
N ASN C 36 -13.08 -4.33 -35.55
CA ASN C 36 -12.87 -3.95 -34.16
C ASN C 36 -12.13 -2.62 -34.06
N GLY C 37 -12.60 -1.77 -33.16
CA GLY C 37 -11.98 -0.46 -33.04
C GLY C 37 -12.01 0.32 -34.32
N ALA C 38 -13.06 0.17 -35.11
CA ALA C 38 -13.39 1.12 -36.14
C ALA C 38 -14.28 2.23 -35.61
N GLY C 39 -14.64 2.18 -34.33
CA GLY C 39 -15.36 3.24 -33.64
C GLY C 39 -16.66 2.85 -32.98
N LYS C 40 -17.10 1.60 -33.05
CA LYS C 40 -18.43 1.26 -32.54
C LYS C 40 -18.53 1.48 -31.03
N SER C 41 -17.53 1.02 -30.27
CA SER C 41 -17.52 1.32 -28.84
C SER C 41 -17.60 2.82 -28.62
N THR C 42 -17.06 3.61 -29.55
CA THR C 42 -17.05 5.06 -29.43
C THR C 42 -18.35 5.66 -29.95
N LEU C 43 -18.93 5.08 -30.99
CA LEU C 43 -20.28 5.45 -31.41
C LEU C 43 -21.23 5.35 -30.24
N LEU C 44 -21.25 4.17 -29.61
CA LEU C 44 -22.13 3.93 -28.47
C LEU C 44 -21.84 4.94 -27.36
N LYS C 45 -20.58 5.29 -27.15
CA LYS C 45 -20.25 6.17 -26.05
C LYS C 45 -20.82 7.56 -26.28
N THR C 46 -20.99 7.94 -27.55
CA THR C 46 -21.57 9.24 -27.87
C THR C 46 -23.08 9.24 -27.71
N PHE C 47 -23.73 8.13 -28.12
CA PHE C 47 -25.18 8.02 -28.04
C PHE C 47 -25.67 8.06 -26.61
N ALA C 48 -24.87 7.58 -25.68
CA ALA C 48 -25.21 7.82 -24.29
C ALA C 48 -24.91 9.25 -23.86
N GLY C 49 -24.25 10.04 -24.72
CA GLY C 49 -23.73 11.33 -24.30
C GLY C 49 -22.64 11.24 -23.25
N GLU C 50 -21.78 10.24 -23.32
CA GLU C 50 -20.68 10.16 -22.37
C GLU C 50 -19.69 11.29 -22.60
N LEU C 51 -19.32 11.49 -23.85
CA LEU C 51 -18.35 12.51 -24.24
C LEU C 51 -18.99 13.88 -24.38
N THR C 52 -20.22 14.04 -23.92
CA THR C 52 -20.96 15.28 -23.97
C THR C 52 -21.39 15.68 -22.57
N GLY C 53 -21.53 14.66 -21.72
CA GLY C 53 -22.20 14.85 -20.45
C GLY C 53 -21.34 15.50 -19.39
N SER C 54 -20.01 15.38 -19.50
CA SER C 54 -19.14 16.08 -18.57
C SER C 54 -19.48 17.56 -18.59
N VAL C 55 -19.84 18.07 -17.42
CA VAL C 55 -20.43 19.41 -17.22
C VAL C 55 -20.10 20.46 -18.30
N GLY C 59 -11.22 15.33 -22.59
CA GLY C 59 -10.71 16.29 -23.54
C GLY C 59 -10.72 15.66 -24.92
N VAL C 60 -11.82 15.88 -25.63
CA VAL C 60 -12.09 15.18 -26.88
C VAL C 60 -12.98 16.06 -27.74
N ARG C 61 -12.75 16.04 -29.05
CA ARG C 61 -13.43 16.92 -29.99
C ARG C 61 -14.58 16.17 -30.65
N VAL C 62 -15.80 16.70 -30.48
CA VAL C 62 -17.00 16.17 -31.12
C VAL C 62 -17.73 17.33 -31.81
N THR C 63 -18.16 17.09 -33.05
CA THR C 63 -18.97 18.03 -33.81
C THR C 63 -20.21 17.31 -34.32
N GLY C 64 -21.03 18.02 -35.07
CA GLY C 64 -22.31 17.48 -35.45
C GLY C 64 -23.21 17.39 -34.24
N ASP C 65 -24.40 16.88 -34.46
CA ASP C 65 -25.41 16.87 -33.42
C ASP C 65 -25.99 15.48 -33.25
N VAL C 66 -26.19 15.11 -31.99
CA VAL C 66 -26.88 13.90 -31.62
C VAL C 66 -28.07 14.31 -30.74
N THR C 67 -29.26 13.94 -31.19
CA THR C 67 -30.51 14.34 -30.57
C THR C 67 -31.34 13.09 -30.30
N LEU C 68 -31.75 12.91 -29.05
CA LEU C 68 -32.71 11.87 -28.70
C LEU C 68 -34.04 12.52 -28.36
N ASN C 69 -35.09 12.10 -29.08
CA ASN C 69 -36.46 12.53 -28.83
C ASN C 69 -36.55 14.05 -28.83
N GLY C 70 -35.87 14.67 -29.78
CA GLY C 70 -36.08 16.08 -30.07
C GLY C 70 -35.19 17.07 -29.36
N GLU C 71 -34.38 16.63 -28.39
CA GLU C 71 -33.50 17.56 -27.70
C GLU C 71 -32.06 17.05 -27.73
N PRO C 72 -31.09 17.93 -27.99
CA PRO C 72 -29.71 17.51 -28.07
C PRO C 72 -29.23 16.81 -26.80
N LEU C 73 -28.31 15.87 -26.98
CA LEU C 73 -27.74 15.16 -25.83
C LEU C 73 -26.98 16.09 -24.90
N ALA C 74 -26.56 17.26 -25.40
CA ALA C 74 -25.78 18.16 -24.56
C ALA C 74 -26.61 18.71 -23.42
N ARG C 75 -27.79 19.24 -23.72
CA ARG C 75 -28.56 20.02 -22.76
C ARG C 75 -29.36 19.18 -21.77
N ILE C 76 -29.26 17.86 -21.82
CA ILE C 76 -30.01 16.99 -20.93
C ILE C 76 -29.16 16.71 -19.69
N ASP C 77 -29.64 17.15 -18.53
CA ASP C 77 -28.98 16.83 -17.28
C ASP C 77 -28.81 15.32 -17.14
N ALA C 78 -27.61 14.90 -16.75
CA ALA C 78 -27.30 13.48 -16.66
C ALA C 78 -28.32 12.69 -15.85
N PRO C 79 -28.74 13.11 -14.65
CA PRO C 79 -29.70 12.29 -13.90
C PRO C 79 -30.99 12.10 -14.64
N ARG C 80 -31.39 13.08 -15.43
CA ARG C 80 -32.57 12.95 -16.26
C ARG C 80 -32.33 12.08 -17.47
N LEU C 81 -31.09 12.04 -17.96
CA LEU C 81 -30.74 11.17 -19.06
C LEU C 81 -30.67 9.73 -18.60
N ALA C 82 -30.39 9.53 -17.32
CA ALA C 82 -30.47 8.19 -16.74
C ALA C 82 -31.89 7.66 -16.75
N CYS C 83 -32.88 8.56 -16.82
CA CYS C 83 -34.28 8.19 -16.91
C CYS C 83 -34.74 8.02 -18.34
N LEU C 84 -33.92 8.39 -19.31
CA LEU C 84 -34.22 8.20 -20.72
C LEU C 84 -33.41 7.09 -21.36
N ARG C 85 -32.27 6.73 -20.80
CA ARG C 85 -31.31 5.88 -21.49
C ARG C 85 -30.51 5.06 -20.50
N ALA C 86 -30.33 3.77 -20.80
CA ALA C 86 -29.56 2.86 -19.96
C ALA C 86 -28.57 2.10 -20.82
N VAL C 87 -27.44 1.73 -20.23
CA VAL C 87 -26.31 1.18 -20.98
C VAL C 87 -25.88 -0.12 -20.34
N LEU C 88 -25.68 -1.14 -21.16
CA LEU C 88 -25.13 -2.41 -20.67
C LEU C 88 -23.71 -2.57 -21.21
N PRO C 89 -22.70 -2.24 -20.42
CA PRO C 89 -21.33 -2.52 -20.85
C PRO C 89 -20.85 -3.82 -20.26
N GLN C 90 -20.48 -4.81 -21.10
CA GLN C 90 -20.08 -6.12 -20.59
C GLN C 90 -19.17 -5.89 -19.40
N ALA C 91 -19.68 -6.21 -18.22
CA ALA C 91 -19.17 -5.67 -16.98
C ALA C 91 -17.97 -6.47 -16.50
N ALA C 92 -17.49 -6.10 -15.33
CA ALA C 92 -16.59 -6.92 -14.54
C ALA C 92 -17.34 -7.40 -13.31
N GLN C 93 -16.81 -8.47 -12.72
CA GLN C 93 -17.21 -8.85 -11.38
C GLN C 93 -17.16 -7.60 -10.49
N PRO C 94 -18.12 -7.41 -9.60
CA PRO C 94 -18.07 -6.22 -8.73
C PRO C 94 -16.89 -6.26 -7.76
N ALA C 95 -16.79 -5.23 -6.93
CA ALA C 95 -15.72 -5.18 -5.95
C ALA C 95 -16.17 -5.60 -4.56
N PHE C 96 -17.47 -5.72 -4.34
CA PHE C 96 -18.04 -6.05 -3.05
C PHE C 96 -19.09 -7.13 -3.22
N PRO C 97 -19.39 -7.87 -2.19
CA PRO C 97 -20.37 -8.95 -2.30
C PRO C 97 -21.82 -8.47 -2.25
N PHE C 98 -22.20 -7.61 -3.18
CA PHE C 98 -23.60 -7.26 -3.33
C PHE C 98 -24.42 -8.49 -3.71
N SER C 99 -25.61 -8.62 -3.15
CA SER C 99 -26.44 -9.71 -3.62
C SER C 99 -27.09 -9.34 -4.94
N VAL C 100 -27.70 -10.32 -5.58
CA VAL C 100 -28.34 -10.08 -6.88
C VAL C 100 -29.41 -9.01 -6.75
N ASP C 101 -30.17 -9.03 -5.65
CA ASP C 101 -31.24 -8.04 -5.51
C ASP C 101 -30.67 -6.64 -5.35
N GLU C 102 -29.65 -6.49 -4.51
CA GLU C 102 -29.04 -5.18 -4.31
C GLU C 102 -28.58 -4.56 -5.63
N ILE C 103 -27.86 -5.34 -6.45
CA ILE C 103 -27.36 -4.87 -7.75
C ILE C 103 -28.52 -4.48 -8.66
N VAL C 104 -29.48 -5.39 -8.89
CA VAL C 104 -30.62 -5.05 -9.73
C VAL C 104 -31.34 -3.83 -9.18
N LEU C 105 -31.44 -3.73 -7.85
CA LEU C 105 -32.11 -2.58 -7.23
C LEU C 105 -31.43 -1.28 -7.61
N LEU C 106 -30.11 -1.30 -7.78
CA LEU C 106 -29.42 -0.09 -8.20
C LEU C 106 -29.91 0.36 -9.55
N GLY C 107 -30.59 -0.50 -10.30
CA GLY C 107 -31.22 -0.06 -11.54
C GLY C 107 -32.30 0.97 -11.34
N ARG C 108 -32.90 1.02 -10.17
CA ARG C 108 -33.92 2.02 -9.91
C ARG C 108 -33.33 3.33 -9.43
N TYR C 109 -32.00 3.46 -9.41
CA TYR C 109 -31.39 4.66 -8.85
C TYR C 109 -31.86 5.98 -9.47
N PRO C 110 -31.91 6.13 -10.80
CA PRO C 110 -32.30 7.43 -11.35
C PRO C 110 -33.74 7.80 -11.07
N HIS C 111 -34.51 6.89 -10.47
CA HIS C 111 -35.90 7.09 -10.09
C HIS C 111 -35.89 7.14 -8.56
N ALA C 112 -35.91 8.34 -7.99
CA ALA C 112 -35.68 8.40 -6.55
C ALA C 112 -36.37 9.61 -5.93
N ARG C 113 -36.41 9.58 -4.60
CA ARG C 113 -36.72 10.71 -3.74
C ARG C 113 -36.35 10.40 -2.29
N ALA C 117 -34.73 6.49 0.43
CA ALA C 117 -35.25 5.22 -0.06
C ALA C 117 -36.31 5.47 -1.14
N THR C 118 -36.66 4.43 -1.92
CA THR C 118 -37.54 4.58 -3.07
C THR C 118 -38.56 3.47 -3.25
N SER C 119 -38.50 2.40 -2.46
CA SER C 119 -39.38 1.25 -2.61
C SER C 119 -40.88 1.64 -2.39
N HIS C 120 -41.85 0.72 -2.51
CA HIS C 120 -41.70 -0.67 -2.90
C HIS C 120 -41.92 -0.85 -4.38
N ARG C 121 -42.69 0.03 -5.01
CA ARG C 121 -43.00 -0.16 -6.43
C ARG C 121 -41.74 -0.36 -7.23
N ASP C 122 -40.70 0.39 -6.89
CA ASP C 122 -39.38 0.15 -7.48
C ASP C 122 -38.80 -1.20 -7.06
N ARG C 123 -39.25 -1.76 -5.94
CA ARG C 123 -38.76 -3.07 -5.56
C ARG C 123 -39.50 -4.17 -6.30
N ASP C 124 -40.80 -4.02 -6.49
CA ASP C 124 -41.57 -5.00 -7.24
C ASP C 124 -41.00 -5.13 -8.66
N ILE C 125 -40.75 -3.99 -9.30
CA ILE C 125 -40.24 -3.96 -10.67
C ILE C 125 -38.97 -4.78 -10.79
N ALA C 126 -38.08 -4.67 -9.80
CA ALA C 126 -36.81 -5.37 -9.84
C ALA C 126 -37.01 -6.87 -9.93
N TRP C 127 -38.01 -7.39 -9.24
CA TRP C 127 -38.23 -8.83 -9.23
C TRP C 127 -38.68 -9.33 -10.61
N ARG C 128 -39.50 -8.54 -11.29
CA ARG C 128 -39.96 -8.98 -12.61
C ARG C 128 -38.87 -8.88 -13.66
N ALA C 129 -37.95 -7.94 -13.50
CA ALA C 129 -36.84 -7.83 -14.45
C ALA C 129 -35.96 -9.08 -14.40
N LEU C 130 -35.59 -9.53 -13.19
CA LEU C 130 -34.81 -10.76 -13.06
C LEU C 130 -35.52 -11.93 -13.73
N GLU C 131 -36.79 -12.12 -13.42
CA GLU C 131 -37.57 -13.19 -14.04
C GLU C 131 -37.56 -13.07 -15.55
N ARG C 132 -37.83 -11.86 -16.06
CA ARG C 132 -37.86 -11.67 -17.51
C ARG C 132 -36.47 -11.90 -18.10
N ALA C 133 -35.44 -11.52 -17.35
CA ALA C 133 -34.07 -11.74 -17.77
C ALA C 133 -33.55 -13.09 -17.35
N GLY C 134 -34.38 -13.93 -16.74
CA GLY C 134 -34.00 -15.30 -16.45
C GLY C 134 -32.89 -15.44 -15.42
N ALA C 135 -33.03 -14.75 -14.30
CA ALA C 135 -32.11 -14.90 -13.18
C ALA C 135 -32.85 -15.00 -11.86
N ASP C 136 -34.13 -15.37 -11.90
CA ASP C 136 -34.95 -15.29 -10.69
C ASP C 136 -34.39 -16.16 -9.58
N ALA C 137 -33.92 -17.35 -9.93
CA ALA C 137 -33.50 -18.29 -8.91
C ALA C 137 -32.14 -17.89 -8.35
N LEU C 138 -31.77 -16.62 -8.51
CA LEU C 138 -30.49 -16.15 -8.03
C LEU C 138 -30.62 -15.00 -7.05
N VAL C 139 -31.84 -14.61 -6.66
CA VAL C 139 -32.04 -13.35 -5.95
C VAL C 139 -31.17 -13.25 -4.70
N GLY C 140 -30.99 -14.35 -3.99
CA GLY C 140 -30.21 -14.30 -2.77
C GLY C 140 -28.69 -14.39 -2.93
N ARG C 141 -28.23 -14.86 -4.09
CA ARG C 141 -26.83 -15.21 -4.23
C ARG C 141 -25.93 -13.98 -4.21
N ASP C 142 -24.66 -14.23 -3.87
CA ASP C 142 -23.62 -13.21 -3.90
C ASP C 142 -23.02 -13.18 -5.30
N VAL C 143 -23.03 -12.00 -5.93
CA VAL C 143 -22.67 -11.87 -7.35
C VAL C 143 -21.25 -12.38 -7.61
N THR C 144 -20.34 -12.17 -6.67
CA THR C 144 -18.96 -12.55 -6.91
C THR C 144 -18.77 -14.06 -6.92
N THR C 145 -19.75 -14.83 -6.48
CA THR C 145 -19.72 -16.29 -6.56
C THR C 145 -20.28 -16.81 -7.87
N LEU C 146 -20.75 -15.94 -8.75
CA LEU C 146 -21.47 -16.29 -9.97
C LEU C 146 -20.53 -16.52 -11.15
N SER C 147 -21.05 -17.25 -12.13
CA SER C 147 -20.34 -17.43 -13.38
C SER C 147 -20.49 -16.19 -14.24
N GLY C 148 -19.72 -16.14 -15.32
CA GLY C 148 -19.80 -15.01 -16.23
C GLY C 148 -21.17 -14.87 -16.87
N GLY C 149 -21.89 -15.99 -16.97
CA GLY C 149 -23.20 -15.98 -17.58
C GLY C 149 -24.28 -15.61 -16.63
N GLU C 150 -24.16 -16.04 -15.38
CA GLU C 150 -25.11 -15.64 -14.34
C GLU C 150 -24.97 -14.16 -14.03
N LEU C 151 -23.72 -13.68 -13.95
CA LEU C 151 -23.46 -12.27 -13.79
C LEU C 151 -24.08 -11.46 -14.93
N ALA C 152 -23.91 -11.92 -16.17
CA ALA C 152 -24.46 -11.21 -17.31
C ALA C 152 -25.96 -11.05 -17.22
N ARG C 153 -26.67 -12.10 -16.80
CA ARG C 153 -28.13 -12.01 -16.74
C ARG C 153 -28.59 -11.15 -15.58
N VAL C 154 -27.79 -11.07 -14.52
CA VAL C 154 -28.10 -10.13 -13.44
C VAL C 154 -27.94 -8.69 -13.93
N GLN C 155 -26.87 -8.41 -14.67
CA GLN C 155 -26.67 -7.07 -15.25
C GLN C 155 -27.69 -6.77 -16.33
N PHE C 156 -28.18 -7.78 -17.07
CA PHE C 156 -29.29 -7.54 -17.98
C PHE C 156 -30.58 -7.29 -17.20
N ALA C 157 -30.74 -7.90 -16.03
CA ALA C 157 -31.87 -7.59 -15.18
C ALA C 157 -31.78 -6.17 -14.66
N ARG C 158 -30.58 -5.75 -14.28
CA ARG C 158 -30.37 -4.42 -13.69
C ARG C 158 -30.66 -3.29 -14.67
N VAL C 159 -30.33 -3.48 -15.95
CA VAL C 159 -30.64 -2.45 -16.93
C VAL C 159 -32.13 -2.47 -17.27
N LEU C 160 -32.71 -3.66 -17.48
CA LEU C 160 -34.16 -3.75 -17.67
C LEU C 160 -34.90 -3.14 -16.50
N ALA C 161 -34.50 -3.49 -15.28
CA ALA C 161 -35.13 -2.96 -14.08
C ALA C 161 -34.98 -1.45 -14.00
N GLN C 162 -34.25 -0.86 -14.94
CA GLN C 162 -34.05 0.57 -14.97
C GLN C 162 -34.94 1.30 -15.97
N LEU C 163 -35.52 0.57 -16.94
CA LEU C 163 -36.35 1.16 -17.98
C LEU C 163 -37.81 0.76 -17.88
N TRP C 164 -38.16 -0.10 -16.92
CA TRP C 164 -39.49 -0.68 -16.77
C TRP C 164 -40.55 0.39 -16.73
N PRO C 165 -41.38 0.49 -17.78
CA PRO C 165 -42.43 1.51 -17.79
C PRO C 165 -43.57 1.21 -16.83
N ASP C 166 -44.31 0.12 -17.13
CA ASP C 166 -45.49 -0.35 -16.41
C ASP C 166 -46.71 0.50 -16.74
N HIS C 167 -46.75 1.73 -16.22
CA HIS C 167 -47.90 2.60 -16.39
C HIS C 167 -47.97 3.15 -17.83
N PRO C 174 -40.48 7.54 -25.14
CA PRO C 174 -39.83 6.32 -25.62
C PRO C 174 -38.36 6.24 -25.21
N ARG C 175 -37.95 5.09 -24.65
CA ARG C 175 -36.65 4.94 -24.01
C ARG C 175 -35.67 4.19 -24.91
N TYR C 176 -34.39 4.30 -24.57
CA TYR C 176 -33.29 3.85 -25.43
C TYR C 176 -32.35 2.95 -24.66
N LEU C 177 -32.23 1.71 -25.12
CA LEU C 177 -31.37 0.69 -24.50
C LEU C 177 -30.15 0.48 -25.39
N LEU C 178 -28.96 0.70 -24.81
CA LEU C 178 -27.67 0.68 -25.47
C LEU C 178 -26.86 -0.51 -24.97
N LEU C 179 -26.71 -1.52 -25.81
CA LEU C 179 -26.03 -2.75 -25.44
C LEU C 179 -24.67 -2.78 -26.10
N ASP C 180 -23.63 -2.77 -25.27
CA ASP C 180 -22.24 -2.92 -25.69
C ASP C 180 -21.87 -4.40 -25.63
N GLU C 181 -21.98 -5.08 -26.78
CA GLU C 181 -21.63 -6.50 -26.92
C GLU C 181 -22.25 -7.34 -25.81
N PRO C 182 -23.57 -7.40 -25.71
CA PRO C 182 -24.21 -7.96 -24.51
C PRO C 182 -24.12 -9.48 -24.37
N THR C 183 -23.96 -10.22 -25.46
CA THR C 183 -23.99 -11.67 -25.38
C THR C 183 -22.61 -12.32 -25.32
N ALA C 184 -21.54 -11.57 -25.55
CA ALA C 184 -20.21 -12.14 -25.48
C ALA C 184 -20.00 -12.89 -24.17
N ALA C 185 -19.37 -14.06 -24.26
CA ALA C 185 -19.09 -14.93 -23.12
C ALA C 185 -20.35 -15.59 -22.56
N LEU C 186 -21.41 -15.63 -23.34
CA LEU C 186 -22.57 -16.47 -23.04
C LEU C 186 -22.56 -17.70 -23.93
N ASP C 187 -23.25 -18.73 -23.47
CA ASP C 187 -23.42 -19.92 -24.28
C ASP C 187 -24.39 -19.63 -25.43
N LEU C 188 -24.31 -20.46 -26.47
CA LEU C 188 -25.16 -20.30 -27.64
C LEU C 188 -26.60 -20.11 -27.25
N ALA C 189 -27.13 -21.06 -26.48
CA ALA C 189 -28.52 -20.98 -26.04
C ALA C 189 -28.78 -19.66 -25.32
N HIS C 190 -27.80 -19.18 -24.55
CA HIS C 190 -28.00 -17.98 -23.77
C HIS C 190 -27.92 -16.71 -24.61
N GLN C 191 -27.03 -16.68 -25.61
CA GLN C 191 -27.00 -15.57 -26.54
C GLN C 191 -28.36 -15.34 -27.17
N HIS C 192 -28.92 -16.39 -27.75
CA HIS C 192 -30.15 -16.24 -28.50
C HIS C 192 -31.32 -15.90 -27.60
N ARG C 193 -31.38 -16.46 -26.39
CA ARG C 193 -32.44 -16.10 -25.46
C ARG C 193 -32.37 -14.64 -25.06
N LEU C 194 -31.16 -14.11 -24.87
CA LEU C 194 -31.00 -12.70 -24.51
C LEU C 194 -31.43 -11.77 -25.64
N LEU C 195 -31.07 -12.10 -26.88
CA LEU C 195 -31.47 -11.26 -27.99
C LEU C 195 -32.97 -11.38 -28.28
N ASP C 196 -33.56 -12.55 -28.02
CA ASP C 196 -35.01 -12.69 -28.18
C ASP C 196 -35.77 -11.86 -27.18
N THR C 197 -35.39 -11.91 -25.89
CA THR C 197 -35.90 -10.99 -24.90
C THR C 197 -35.80 -9.54 -25.39
N VAL C 198 -34.57 -9.08 -25.62
CA VAL C 198 -34.25 -7.74 -26.12
C VAL C 198 -35.18 -7.30 -27.25
N ARG C 199 -35.48 -8.20 -28.17
CA ARG C 199 -36.42 -7.84 -29.22
C ARG C 199 -37.83 -7.74 -28.65
N ALA C 200 -38.19 -8.63 -27.73
CA ALA C 200 -39.51 -8.55 -27.10
C ALA C 200 -39.63 -7.35 -26.18
N VAL C 201 -38.58 -7.06 -25.41
CA VAL C 201 -38.55 -5.82 -24.63
C VAL C 201 -38.72 -4.62 -25.54
N ALA C 202 -38.10 -4.64 -26.73
CA ALA C 202 -38.15 -3.52 -27.64
C ALA C 202 -39.54 -3.36 -28.24
N ARG C 203 -40.30 -4.44 -28.31
CA ARG C 203 -41.57 -4.37 -29.01
C ARG C 203 -42.71 -4.00 -28.07
N GLU C 204 -42.64 -4.46 -26.83
CA GLU C 204 -43.79 -4.28 -25.95
C GLU C 204 -43.68 -3.02 -25.12
N TRP C 205 -42.48 -2.54 -24.85
CA TRP C 205 -42.32 -1.13 -24.61
C TRP C 205 -41.99 -0.52 -25.95
N GLN C 206 -42.27 0.77 -26.10
CA GLN C 206 -41.90 1.42 -27.35
C GLN C 206 -40.48 1.93 -27.18
N LEU C 207 -39.57 0.96 -27.07
CA LEU C 207 -38.20 1.16 -26.64
C LEU C 207 -37.22 0.92 -27.79
N GLY C 208 -36.14 1.69 -27.78
CA GLY C 208 -35.18 1.69 -28.88
C GLY C 208 -33.86 1.09 -28.41
N VAL C 209 -33.36 0.16 -29.22
CA VAL C 209 -32.18 -0.65 -28.88
C VAL C 209 -31.07 -0.34 -29.88
N LEU C 210 -29.87 -0.10 -29.37
CA LEU C 210 -28.63 -0.11 -30.16
C LEU C 210 -27.71 -1.15 -29.57
N ALA C 211 -27.29 -2.10 -30.38
CA ALA C 211 -26.53 -3.22 -29.84
C ALA C 211 -25.32 -3.48 -30.72
N ILE C 212 -24.17 -3.53 -30.10
CA ILE C 212 -22.99 -4.05 -30.75
C ILE C 212 -23.06 -5.57 -30.69
N VAL C 213 -22.50 -6.24 -31.71
CA VAL C 213 -22.52 -7.69 -31.73
C VAL C 213 -21.34 -8.15 -32.57
N HIS C 214 -20.78 -9.32 -32.21
CA HIS C 214 -19.58 -9.84 -32.85
C HIS C 214 -19.87 -10.98 -33.81
N ASP C 215 -21.08 -11.51 -33.82
CA ASP C 215 -21.44 -12.48 -34.85
C ASP C 215 -22.31 -11.76 -35.88
N PRO C 216 -21.79 -11.46 -37.07
CA PRO C 216 -22.66 -10.87 -38.10
C PRO C 216 -23.90 -11.72 -38.33
N ASN C 217 -23.81 -13.02 -38.04
CA ASN C 217 -24.97 -13.89 -38.19
C ASN C 217 -26.05 -13.58 -37.16
N LEU C 218 -25.65 -13.29 -35.91
CA LEU C 218 -26.62 -12.86 -34.89
C LEU C 218 -27.27 -11.53 -35.24
N ALA C 219 -26.62 -10.71 -36.07
CA ALA C 219 -27.19 -9.42 -36.42
C ALA C 219 -28.25 -9.57 -37.49
N ALA C 220 -28.09 -10.54 -38.40
CA ALA C 220 -29.16 -10.83 -39.32
C ALA C 220 -30.30 -11.55 -38.61
N ARG C 221 -29.99 -12.19 -37.50
CA ARG C 221 -30.97 -13.04 -36.85
C ARG C 221 -31.85 -12.28 -35.89
N HIS C 222 -31.39 -11.15 -35.34
CA HIS C 222 -32.13 -10.47 -34.29
C HIS C 222 -32.25 -8.95 -34.43
N ALA C 223 -31.73 -8.35 -35.48
CA ALA C 223 -31.75 -6.91 -35.63
C ALA C 223 -32.64 -6.54 -36.79
N ASP C 224 -33.64 -5.71 -36.51
CA ASP C 224 -34.51 -5.21 -37.57
C ASP C 224 -33.81 -4.16 -38.41
N ALA C 225 -32.79 -3.50 -37.87
CA ALA C 225 -31.96 -2.56 -38.60
C ALA C 225 -30.50 -2.92 -38.37
N ILE C 226 -29.68 -2.66 -39.37
CA ILE C 226 -28.26 -2.94 -39.28
C ILE C 226 -27.50 -1.73 -39.81
N ALA C 227 -26.43 -1.36 -39.10
CA ALA C 227 -25.50 -0.34 -39.50
C ALA C 227 -24.13 -0.98 -39.57
N MET C 228 -23.52 -0.99 -40.75
CA MET C 228 -22.16 -1.48 -40.94
C MET C 228 -21.19 -0.30 -40.91
N LEU C 229 -20.20 -0.37 -40.03
CA LEU C 229 -19.31 0.74 -39.76
C LEU C 229 -17.90 0.28 -40.13
N ALA C 230 -17.44 0.68 -41.30
CA ALA C 230 -16.06 0.51 -41.71
C ALA C 230 -15.39 1.88 -41.86
N ASP C 231 -14.07 1.89 -41.70
CA ASP C 231 -13.24 3.07 -41.93
C ASP C 231 -13.46 4.14 -40.86
N GLY C 232 -14.57 4.08 -40.14
CA GLY C 232 -14.89 5.10 -39.15
C GLY C 232 -16.15 5.86 -39.52
N THR C 233 -16.75 5.44 -40.63
CA THR C 233 -17.97 6.00 -41.16
C THR C 233 -18.93 4.84 -41.42
N ILE C 234 -20.22 5.15 -41.52
CA ILE C 234 -21.21 4.11 -41.75
C ILE C 234 -21.33 3.90 -43.25
N VAL C 235 -20.97 2.70 -43.68
CA VAL C 235 -20.82 2.35 -45.08
C VAL C 235 -21.96 1.48 -45.59
N ALA C 236 -22.91 1.12 -44.72
CA ALA C 236 -24.12 0.39 -45.12
C ALA C 236 -25.10 0.45 -43.97
N HIS C 237 -26.38 0.55 -44.29
CA HIS C 237 -27.44 0.67 -43.30
C HIS C 237 -28.71 0.07 -43.88
N GLY C 238 -29.50 -0.56 -43.03
CA GLY C 238 -30.83 -0.97 -43.43
C GLY C 238 -31.15 -2.37 -42.95
N ALA C 239 -32.19 -2.95 -43.55
CA ALA C 239 -32.66 -4.27 -43.15
C ALA C 239 -31.56 -5.31 -43.35
N PRO C 240 -31.62 -6.42 -42.61
CA PRO C 240 -30.62 -7.48 -42.78
C PRO C 240 -30.51 -7.99 -44.22
N ARG C 241 -31.64 -8.21 -44.89
CA ARG C 241 -31.61 -8.66 -46.28
C ARG C 241 -30.88 -7.68 -47.18
N ASP C 242 -30.95 -6.39 -46.87
CA ASP C 242 -30.32 -5.38 -47.72
C ASP C 242 -28.85 -5.22 -47.42
N VAL C 243 -28.44 -5.53 -46.21
CA VAL C 243 -27.11 -5.20 -45.72
C VAL C 243 -26.16 -6.39 -45.78
N MET C 244 -26.65 -7.58 -45.45
CA MET C 244 -25.81 -8.77 -45.37
C MET C 244 -25.57 -9.31 -46.79
N THR C 245 -24.65 -8.66 -47.49
CA THR C 245 -24.20 -9.10 -48.80
C THR C 245 -22.70 -9.38 -48.78
N PRO C 246 -22.20 -10.20 -49.69
CA PRO C 246 -20.74 -10.38 -49.77
C PRO C 246 -19.98 -9.08 -49.98
N ALA C 247 -20.55 -8.15 -50.75
CA ALA C 247 -19.86 -6.90 -51.04
C ALA C 247 -19.71 -6.04 -49.80
N HIS C 248 -20.81 -5.80 -49.09
CA HIS C 248 -20.73 -5.02 -47.87
C HIS C 248 -19.77 -5.65 -46.86
N ILE C 249 -19.87 -6.97 -46.67
CA ILE C 249 -19.03 -7.63 -45.66
C ILE C 249 -17.57 -7.59 -46.06
N ALA C 250 -17.28 -7.75 -47.34
CA ALA C 250 -15.88 -7.77 -47.77
C ALA C 250 -15.20 -6.44 -47.51
N GLN C 251 -15.91 -5.33 -47.72
CA GLN C 251 -15.29 -4.03 -47.44
C GLN C 251 -15.27 -3.74 -45.95
N CYS C 252 -16.35 -4.10 -45.24
CA CYS C 252 -16.41 -3.80 -43.81
C CYS C 252 -15.48 -4.71 -43.02
N TYR C 253 -15.40 -5.99 -43.37
CA TYR C 253 -14.65 -6.97 -42.60
C TYR C 253 -13.35 -7.42 -43.24
N GLY C 254 -13.05 -6.98 -44.47
CA GLY C 254 -11.88 -7.46 -45.18
C GLY C 254 -11.84 -8.96 -45.29
N PHE C 255 -12.92 -9.57 -45.77
CA PHE C 255 -13.07 -11.01 -45.65
C PHE C 255 -14.06 -11.52 -46.68
N ALA C 256 -13.69 -12.60 -47.37
CA ALA C 256 -14.54 -13.19 -48.39
C ALA C 256 -15.73 -13.87 -47.73
N VAL C 257 -16.92 -13.54 -48.20
CA VAL C 257 -18.16 -14.00 -47.58
C VAL C 257 -19.15 -14.34 -48.69
N LYS C 258 -19.88 -15.43 -48.51
CA LYS C 258 -20.97 -15.76 -49.41
C LYS C 258 -22.23 -16.08 -48.60
N MET C 259 -23.37 -15.64 -49.12
CA MET C 259 -24.63 -15.80 -48.41
C MET C 259 -25.23 -17.18 -48.63
N VAL C 260 -25.96 -17.66 -47.62
CA VAL C 260 -26.64 -18.95 -47.66
C VAL C 260 -28.06 -18.77 -47.17
N GLU C 261 -29.00 -19.48 -47.78
CA GLU C 261 -30.43 -19.35 -47.52
C GLU C 261 -30.94 -20.45 -46.59
N THR C 262 -32.04 -20.15 -45.92
CA THR C 262 -32.71 -21.12 -45.06
C THR C 262 -34.21 -20.94 -45.17
N GLY C 263 -34.94 -21.99 -44.81
CA GLY C 263 -36.39 -22.00 -44.87
C GLY C 263 -37.08 -20.84 -44.17
N PRO C 267 -34.52 -16.23 -43.03
CA PRO C 267 -33.29 -15.43 -42.83
C PRO C 267 -32.06 -16.09 -43.44
N PRO C 268 -31.03 -15.29 -43.75
CA PRO C 268 -29.81 -15.85 -44.33
C PRO C 268 -28.62 -15.84 -43.39
N VAL C 269 -27.67 -16.74 -43.60
CA VAL C 269 -26.45 -16.80 -42.81
C VAL C 269 -25.24 -16.56 -43.73
N MET C 270 -24.07 -16.44 -43.12
CA MET C 270 -22.87 -16.00 -43.80
C MET C 270 -21.78 -17.05 -43.63
N VAL C 271 -21.16 -17.44 -44.74
CA VAL C 271 -20.16 -18.51 -44.75
C VAL C 271 -18.92 -18.00 -45.50
N PRO C 272 -17.71 -18.36 -45.09
CA PRO C 272 -16.50 -17.88 -45.78
C PRO C 272 -16.25 -18.66 -47.06
N ALA C 273 -15.20 -18.23 -47.78
CA ALA C 273 -14.78 -18.79 -49.06
C ALA C 273 -15.84 -18.59 -50.11
N MET D 1 1.63 -40.15 -28.34
CA MET D 1 0.70 -39.03 -28.53
C MET D 1 0.42 -38.38 -27.19
N LEU D 2 -0.31 -37.25 -27.20
CA LEU D 2 -0.89 -36.72 -25.97
C LEU D 2 -2.24 -37.40 -25.78
N THR D 3 -2.33 -38.24 -24.75
CA THR D 3 -3.46 -39.11 -24.54
C THR D 3 -3.78 -39.18 -23.06
N ALA D 4 -5.02 -38.86 -22.72
CA ALA D 4 -5.55 -39.12 -21.39
C ALA D 4 -6.47 -40.32 -21.48
N HIS D 5 -6.41 -41.19 -20.48
CA HIS D 5 -7.24 -42.39 -20.41
C HIS D 5 -7.99 -42.40 -19.09
N HIS D 6 -9.32 -42.45 -19.18
CA HIS D 6 -10.20 -42.45 -18.00
C HIS D 6 -9.78 -41.37 -17.03
N LEU D 7 -9.66 -40.17 -17.56
CA LEU D 7 -9.11 -39.03 -16.81
C LEU D 7 -10.16 -38.48 -15.86
N ASP D 8 -9.87 -38.53 -14.56
CA ASP D 8 -10.77 -38.01 -13.53
C ASP D 8 -10.07 -36.89 -12.77
N VAL D 9 -10.78 -35.79 -12.56
CA VAL D 9 -10.26 -34.68 -11.77
C VAL D 9 -11.39 -34.10 -10.95
N ALA D 10 -11.03 -33.45 -9.85
CA ALA D 10 -11.96 -32.71 -9.02
C ALA D 10 -11.27 -31.56 -8.31
N HIS D 13 -16.16 -28.02 -4.05
CA HIS D 13 -15.27 -28.82 -4.89
C HIS D 13 -15.91 -30.15 -5.25
N GLY D 14 -16.50 -30.18 -6.44
CA GLY D 14 -17.00 -31.40 -7.04
C GLY D 14 -16.02 -32.00 -8.05
N THR D 15 -16.45 -33.11 -8.63
CA THR D 15 -15.71 -33.67 -9.75
C THR D 15 -16.24 -33.02 -11.02
N ILE D 16 -15.37 -32.29 -11.69
CA ILE D 16 -15.74 -31.49 -12.83
C ILE D 16 -15.64 -32.29 -14.13
N LEU D 17 -14.77 -33.30 -14.15
CA LEU D 17 -14.32 -33.91 -15.40
C LEU D 17 -13.98 -35.37 -15.11
N ARG D 18 -14.82 -36.30 -15.55
CA ARG D 18 -14.81 -37.65 -15.05
C ARG D 18 -14.80 -38.67 -16.18
N ASP D 19 -14.09 -39.76 -15.94
CA ASP D 19 -13.86 -40.83 -16.92
C ASP D 19 -13.72 -40.28 -18.33
N LEU D 20 -12.85 -39.29 -18.48
CA LEU D 20 -12.55 -38.75 -19.79
C LEU D 20 -11.43 -39.57 -20.42
N SER D 21 -11.66 -40.00 -21.66
CA SER D 21 -10.69 -40.70 -22.47
C SER D 21 -10.70 -40.08 -23.86
N LEU D 22 -9.51 -39.69 -24.33
CA LEU D 22 -9.33 -38.87 -25.51
C LEU D 22 -7.84 -38.80 -25.78
N SER D 23 -7.48 -38.58 -27.04
CA SER D 23 -6.10 -38.49 -27.43
C SER D 23 -5.93 -37.56 -28.61
N ILE D 24 -4.93 -36.71 -28.55
CA ILE D 24 -4.56 -35.83 -29.64
C ILE D 24 -3.28 -36.38 -30.23
N GLU D 25 -3.21 -36.43 -31.55
CA GLU D 25 -2.03 -36.97 -32.21
C GLU D 25 -1.48 -35.96 -33.20
N PRO D 26 -0.18 -36.05 -33.52
CA PRO D 26 0.44 -35.07 -34.40
C PRO D 26 -0.21 -35.00 -35.77
N GLY D 27 -0.29 -33.77 -36.30
CA GLY D 27 -0.87 -33.50 -37.58
C GLY D 27 -2.35 -33.19 -37.56
N ARG D 28 -3.03 -33.43 -36.45
CA ARG D 28 -4.48 -33.38 -36.38
C ARG D 28 -4.93 -32.26 -35.44
N VAL D 29 -5.96 -31.54 -35.86
CA VAL D 29 -6.51 -30.41 -35.10
C VAL D 29 -7.82 -30.86 -34.47
N THR D 30 -7.81 -31.04 -33.14
CA THR D 30 -9.02 -31.33 -32.39
C THR D 30 -9.58 -30.03 -31.85
N ALA D 31 -10.89 -29.83 -31.98
CA ALA D 31 -11.59 -28.70 -31.39
C ALA D 31 -12.43 -29.21 -30.23
N LEU D 32 -12.39 -28.51 -29.11
CA LEU D 32 -13.12 -28.92 -27.92
C LEU D 32 -14.39 -28.10 -27.85
N LEU D 33 -15.53 -28.76 -28.05
CA LEU D 33 -16.83 -28.11 -28.01
C LEU D 33 -17.57 -28.47 -26.72
N GLY D 34 -18.48 -27.60 -26.32
CA GLY D 34 -19.17 -27.70 -25.04
C GLY D 34 -19.47 -26.31 -24.51
N ARG D 35 -20.19 -26.27 -23.38
CA ARG D 35 -20.59 -24.98 -22.82
C ARG D 35 -19.80 -24.65 -21.57
N ASN D 36 -19.87 -23.39 -21.17
CA ASN D 36 -18.97 -22.82 -20.17
C ASN D 36 -19.00 -23.61 -18.87
N GLY D 37 -17.85 -23.68 -18.23
CA GLY D 37 -17.76 -24.29 -16.92
C GLY D 37 -18.10 -25.75 -16.90
N ALA D 38 -17.99 -26.43 -18.03
CA ALA D 38 -18.28 -27.85 -18.09
C ALA D 38 -17.04 -28.70 -18.24
N GLY D 39 -15.85 -28.13 -18.06
CA GLY D 39 -14.61 -28.89 -18.05
C GLY D 39 -13.62 -28.59 -19.16
N LYS D 40 -14.03 -27.95 -20.27
CA LYS D 40 -13.12 -27.66 -21.38
C LYS D 40 -11.82 -27.03 -20.89
N SER D 41 -11.94 -25.90 -20.19
CA SER D 41 -10.78 -25.24 -19.64
C SER D 41 -9.97 -26.18 -18.74
N THR D 42 -10.66 -26.97 -17.91
CA THR D 42 -9.96 -27.92 -17.07
C THR D 42 -9.29 -29.03 -17.88
N LEU D 43 -9.94 -29.50 -18.94
CA LEU D 43 -9.31 -30.49 -19.79
C LEU D 43 -7.97 -29.98 -20.30
N LEU D 44 -7.97 -28.78 -20.88
CA LEU D 44 -6.73 -28.20 -21.39
C LEU D 44 -5.69 -28.05 -20.28
N LYS D 45 -6.13 -27.67 -19.08
CA LYS D 45 -5.20 -27.50 -17.97
C LYS D 45 -4.58 -28.84 -17.57
N THR D 46 -5.30 -29.93 -17.79
CA THR D 46 -4.79 -31.27 -17.51
C THR D 46 -3.77 -31.71 -18.56
N PHE D 47 -4.10 -31.51 -19.84
CA PHE D 47 -3.15 -31.80 -20.91
C PHE D 47 -1.89 -30.94 -20.81
N ALA D 48 -2.00 -29.75 -20.22
CA ALA D 48 -0.85 -28.89 -20.05
C ALA D 48 0.07 -29.38 -18.97
N GLY D 49 -0.45 -30.15 -18.01
CA GLY D 49 0.30 -30.57 -16.85
C GLY D 49 0.19 -29.64 -15.67
N GLU D 50 -0.61 -28.58 -15.79
CA GLU D 50 -0.76 -27.63 -14.69
C GLU D 50 -1.26 -28.32 -13.43
N LEU D 51 -1.84 -29.52 -13.57
CA LEU D 51 -2.51 -30.18 -12.47
C LEU D 51 -1.78 -31.42 -11.97
N THR D 52 -0.58 -31.71 -12.43
CA THR D 52 0.03 -32.99 -12.12
C THR D 52 1.51 -32.94 -11.72
N GLY D 53 2.17 -31.80 -11.77
CA GLY D 53 3.57 -31.79 -11.34
C GLY D 53 3.65 -31.47 -9.87
N SER D 54 2.97 -30.39 -9.52
CA SER D 54 2.74 -29.94 -8.16
C SER D 54 1.73 -28.82 -8.25
N VAL D 55 0.45 -29.16 -8.09
CA VAL D 55 -0.62 -28.20 -8.28
C VAL D 55 -0.33 -26.98 -7.42
N GLY D 59 -4.98 -27.78 -4.37
CA GLY D 59 -5.26 -29.12 -3.87
C GLY D 59 -6.37 -29.76 -4.67
N VAL D 60 -6.00 -30.48 -5.72
CA VAL D 60 -6.97 -31.22 -6.53
C VAL D 60 -6.37 -32.57 -6.89
N ARG D 61 -7.24 -33.56 -7.02
CA ARG D 61 -6.83 -34.93 -7.22
C ARG D 61 -7.19 -35.34 -8.64
N VAL D 62 -6.23 -35.97 -9.33
CA VAL D 62 -6.41 -36.49 -10.67
C VAL D 62 -6.21 -38.00 -10.61
N THR D 63 -6.93 -38.74 -11.47
CA THR D 63 -6.75 -40.19 -11.54
C THR D 63 -6.73 -40.62 -13.00
N GLY D 64 -6.35 -41.88 -13.24
CA GLY D 64 -6.01 -42.28 -14.58
C GLY D 64 -4.74 -41.55 -14.97
N ASP D 65 -4.36 -41.67 -16.24
CA ASP D 65 -3.19 -40.89 -16.61
C ASP D 65 -3.33 -40.32 -18.01
N VAL D 66 -2.59 -39.25 -18.22
CA VAL D 66 -2.44 -38.60 -19.51
C VAL D 66 -0.99 -38.79 -19.92
N THR D 67 -0.78 -39.37 -21.09
CA THR D 67 0.55 -39.74 -21.54
C THR D 67 0.94 -38.86 -22.73
N LEU D 68 2.12 -38.23 -22.62
CA LEU D 68 2.63 -37.31 -23.63
C LEU D 68 3.70 -38.06 -24.43
N ASN D 69 3.28 -38.63 -25.56
CA ASN D 69 4.17 -39.33 -26.48
C ASN D 69 4.89 -40.49 -25.80
N GLY D 70 4.13 -41.32 -25.11
CA GLY D 70 4.68 -42.51 -24.50
C GLY D 70 5.14 -42.37 -23.07
N GLU D 71 5.04 -41.20 -22.45
CA GLU D 71 5.43 -41.05 -21.06
C GLU D 71 4.37 -40.23 -20.33
N PRO D 72 3.99 -40.65 -19.12
CA PRO D 72 2.99 -39.89 -18.36
C PRO D 72 3.44 -38.46 -18.16
N LEU D 73 2.47 -37.55 -18.10
CA LEU D 73 2.76 -36.16 -17.75
C LEU D 73 3.56 -36.11 -16.47
N ALA D 74 2.94 -36.48 -15.35
CA ALA D 74 3.51 -36.46 -14.01
C ALA D 74 5.01 -36.67 -13.97
N ARG D 75 5.55 -37.53 -14.85
CA ARG D 75 6.98 -37.80 -14.91
C ARG D 75 7.72 -36.89 -15.90
N ILE D 76 7.23 -35.67 -16.13
CA ILE D 76 7.92 -34.73 -17.02
C ILE D 76 8.12 -33.41 -16.28
N ASP D 77 9.37 -32.96 -16.22
CA ASP D 77 9.71 -31.69 -15.61
C ASP D 77 8.90 -30.54 -16.20
N ALA D 78 8.85 -29.42 -15.48
CA ALA D 78 8.30 -28.21 -16.08
C ALA D 78 9.13 -27.71 -17.25
N PRO D 79 10.47 -27.61 -17.15
CA PRO D 79 11.25 -27.21 -18.33
C PRO D 79 11.13 -28.18 -19.48
N ARG D 80 11.37 -29.46 -19.25
CA ARG D 80 11.31 -30.44 -20.33
C ARG D 80 10.00 -30.33 -21.08
N LEU D 81 8.90 -30.20 -20.33
CA LEU D 81 7.59 -30.07 -20.95
C LEU D 81 7.58 -28.91 -21.92
N ALA D 82 7.97 -27.72 -21.44
CA ALA D 82 7.96 -26.49 -22.23
C ALA D 82 8.53 -26.72 -23.61
N CYS D 83 9.50 -27.64 -23.73
CA CYS D 83 10.07 -28.01 -25.01
C CYS D 83 9.20 -28.98 -25.79
N LEU D 84 8.31 -29.73 -25.12
CA LEU D 84 7.41 -30.66 -25.79
C LEU D 84 6.00 -30.11 -26.00
N ARG D 85 5.62 -29.06 -25.28
CA ARG D 85 4.23 -28.61 -25.25
C ARG D 85 4.21 -27.10 -25.02
N ALA D 86 3.32 -26.39 -25.73
CA ALA D 86 3.03 -24.99 -25.39
C ALA D 86 1.52 -24.74 -25.36
N VAL D 87 1.17 -23.67 -24.66
CA VAL D 87 -0.20 -23.30 -24.37
C VAL D 87 -0.37 -21.84 -24.73
N LEU D 88 -1.53 -21.50 -25.28
CA LEU D 88 -1.93 -20.12 -25.55
C LEU D 88 -3.10 -19.80 -24.62
N PRO D 89 -2.85 -19.22 -23.43
CA PRO D 89 -3.96 -18.88 -22.55
C PRO D 89 -4.81 -17.80 -23.20
N GLN D 90 -6.10 -17.79 -22.85
CA GLN D 90 -7.10 -17.07 -23.65
C GLN D 90 -6.62 -15.69 -24.03
N ALA D 91 -6.07 -14.94 -23.07
CA ALA D 91 -5.55 -13.59 -23.31
C ALA D 91 -4.79 -13.16 -22.07
N ALA D 92 -3.98 -12.11 -22.22
CA ALA D 92 -3.25 -11.51 -21.11
C ALA D 92 -2.57 -10.25 -21.63
N GLN D 93 -2.41 -9.27 -20.72
CA GLN D 93 -1.73 -8.02 -21.02
C GLN D 93 -0.36 -7.96 -20.36
N PRO D 94 0.61 -7.35 -21.04
CA PRO D 94 2.02 -7.49 -20.61
C PRO D 94 2.32 -7.17 -19.16
N ALA D 95 1.86 -6.04 -18.65
CA ALA D 95 2.17 -5.50 -17.32
C ALA D 95 3.57 -4.90 -17.16
N PHE D 96 4.35 -4.77 -18.24
CA PHE D 96 5.62 -4.06 -18.29
C PHE D 96 5.89 -3.75 -19.76
N PRO D 97 6.41 -2.57 -20.09
CA PRO D 97 6.54 -2.21 -21.52
C PRO D 97 7.67 -2.94 -22.24
N PHE D 98 7.53 -4.25 -22.35
CA PHE D 98 8.42 -5.02 -23.22
C PHE D 98 8.15 -4.68 -24.68
N SER D 99 9.19 -4.75 -25.50
CA SER D 99 8.90 -4.65 -26.92
C SER D 99 8.41 -6.00 -27.44
N VAL D 100 7.99 -6.02 -28.69
CA VAL D 100 7.47 -7.26 -29.27
C VAL D 100 8.58 -8.30 -29.42
N ASP D 101 9.81 -7.87 -29.77
CA ASP D 101 10.87 -8.87 -29.88
C ASP D 101 11.29 -9.43 -28.53
N GLU D 102 11.19 -8.64 -27.45
CA GLU D 102 11.45 -9.20 -26.11
C GLU D 102 10.43 -10.27 -25.76
N ILE D 103 9.15 -10.00 -26.00
CA ILE D 103 8.10 -10.93 -25.67
C ILE D 103 8.19 -12.20 -26.54
N VAL D 104 8.25 -12.03 -27.85
CA VAL D 104 8.37 -13.18 -28.73
C VAL D 104 9.60 -13.99 -28.37
N LEU D 105 10.71 -13.30 -28.11
CA LEU D 105 11.96 -13.99 -27.80
C LEU D 105 11.79 -14.88 -26.57
N LEU D 106 10.91 -14.50 -25.65
CA LEU D 106 10.71 -15.34 -24.47
C LEU D 106 10.21 -16.71 -24.87
N GLY D 107 9.66 -16.85 -26.08
CA GLY D 107 9.24 -18.17 -26.54
C GLY D 107 10.39 -19.16 -26.62
N ARG D 108 11.60 -18.68 -26.90
CA ARG D 108 12.77 -19.55 -26.94
C ARG D 108 13.35 -19.79 -25.55
N TYR D 109 12.72 -19.27 -24.50
CA TYR D 109 13.24 -19.47 -23.14
C TYR D 109 13.54 -20.92 -22.81
N PRO D 110 12.67 -21.89 -23.06
CA PRO D 110 12.98 -23.26 -22.68
C PRO D 110 14.09 -23.92 -23.48
N HIS D 111 14.72 -23.21 -24.42
CA HIS D 111 15.84 -23.70 -25.21
C HIS D 111 17.04 -22.82 -24.87
N ALA D 112 18.06 -23.40 -24.22
CA ALA D 112 18.98 -22.59 -23.41
C ALA D 112 20.34 -23.26 -23.38
N ARG D 113 21.15 -22.94 -24.39
CA ARG D 113 22.55 -23.37 -24.49
C ARG D 113 22.71 -24.89 -24.62
N SER D 119 23.69 -17.07 -29.98
CA SER D 119 22.30 -17.49 -29.80
C SER D 119 21.43 -16.90 -30.88
N HIS D 120 22.03 -16.53 -32.02
CA HIS D 120 21.23 -15.89 -33.05
C HIS D 120 20.19 -16.81 -33.67
N ARG D 121 20.22 -18.12 -33.42
CA ARG D 121 19.13 -18.90 -33.98
C ARG D 121 17.82 -18.62 -33.25
N ASP D 122 17.85 -18.56 -31.93
CA ASP D 122 16.70 -18.05 -31.19
C ASP D 122 16.32 -16.66 -31.69
N ARG D 123 17.33 -15.83 -31.99
CA ARG D 123 17.09 -14.58 -32.69
C ARG D 123 16.29 -14.80 -33.97
N ASP D 124 16.75 -15.74 -34.81
CA ASP D 124 16.12 -15.96 -36.10
C ASP D 124 14.67 -16.40 -35.94
N ILE D 125 14.44 -17.46 -35.18
CA ILE D 125 13.12 -18.07 -35.05
C ILE D 125 12.07 -17.07 -34.59
N ALA D 126 12.45 -16.12 -33.73
CA ALA D 126 11.52 -15.07 -33.33
C ALA D 126 10.93 -14.36 -34.54
N TRP D 127 11.79 -13.80 -35.39
CA TRP D 127 11.30 -12.93 -36.45
C TRP D 127 10.46 -13.70 -37.47
N ARG D 128 10.86 -14.93 -37.81
CA ARG D 128 10.09 -15.68 -38.79
C ARG D 128 8.72 -16.06 -38.27
N ALA D 129 8.57 -16.22 -36.95
CA ALA D 129 7.27 -16.53 -36.35
C ALA D 129 6.36 -15.31 -36.30
N LEU D 130 6.92 -14.10 -36.20
CA LEU D 130 6.11 -12.88 -36.26
C LEU D 130 5.55 -12.65 -37.66
N GLU D 131 6.35 -12.88 -38.70
CA GLU D 131 5.81 -12.87 -40.05
C GLU D 131 4.69 -13.89 -40.20
N ARG D 132 4.96 -15.14 -39.83
CA ARG D 132 3.96 -16.21 -39.97
C ARG D 132 2.65 -15.86 -39.27
N ALA D 133 2.73 -15.37 -38.04
CA ALA D 133 1.55 -14.89 -37.34
C ALA D 133 1.14 -13.49 -37.76
N GLY D 134 1.79 -12.92 -38.78
CA GLY D 134 1.37 -11.63 -39.28
C GLY D 134 1.51 -10.50 -38.28
N ALA D 135 2.66 -10.44 -37.59
CA ALA D 135 2.93 -9.35 -36.66
C ALA D 135 4.27 -8.69 -36.90
N ASP D 136 4.89 -8.91 -38.06
CA ASP D 136 6.27 -8.48 -38.24
C ASP D 136 6.39 -6.97 -38.16
N ALA D 137 5.35 -6.26 -38.57
CA ALA D 137 5.42 -4.81 -38.62
C ALA D 137 5.48 -4.21 -37.22
N LEU D 138 5.43 -5.05 -36.20
CA LEU D 138 5.30 -4.58 -34.83
C LEU D 138 6.58 -4.77 -34.03
N VAL D 139 7.70 -5.11 -34.67
CA VAL D 139 8.87 -5.62 -33.94
C VAL D 139 9.36 -4.63 -32.89
N GLY D 140 9.31 -3.35 -33.18
CA GLY D 140 9.82 -2.36 -32.25
C GLY D 140 8.86 -1.80 -31.22
N ARG D 141 7.58 -2.15 -31.30
CA ARG D 141 6.57 -1.40 -30.56
C ARG D 141 6.47 -1.86 -29.11
N ASP D 142 5.84 -1.01 -28.29
CA ASP D 142 5.61 -1.26 -26.89
C ASP D 142 4.26 -1.93 -26.70
N VAL D 143 4.26 -3.04 -25.96
CA VAL D 143 3.10 -3.92 -25.88
C VAL D 143 1.88 -3.25 -25.24
N THR D 144 2.08 -2.35 -24.27
CA THR D 144 0.98 -1.62 -23.64
C THR D 144 0.30 -0.60 -24.57
N THR D 145 0.68 -0.54 -25.84
CA THR D 145 0.06 0.35 -26.82
C THR D 145 -0.64 -0.40 -27.94
N LEU D 146 -1.01 -1.66 -27.71
CA LEU D 146 -1.49 -2.54 -28.77
C LEU D 146 -2.97 -2.85 -28.62
N SER D 147 -3.65 -2.90 -29.77
CA SER D 147 -5.02 -3.37 -29.81
C SER D 147 -5.09 -4.84 -29.45
N GLY D 148 -6.26 -5.27 -29.03
CA GLY D 148 -6.41 -6.65 -28.61
C GLY D 148 -6.00 -7.65 -29.67
N GLY D 149 -6.04 -7.23 -30.94
CA GLY D 149 -5.68 -8.09 -32.04
C GLY D 149 -4.19 -8.15 -32.27
N GLU D 150 -3.51 -7.00 -32.20
CA GLU D 150 -2.06 -6.97 -32.32
C GLU D 150 -1.40 -7.75 -31.19
N LEU D 151 -1.90 -7.56 -29.97
CA LEU D 151 -1.47 -8.32 -28.80
C LEU D 151 -1.64 -9.82 -29.03
N ALA D 152 -2.78 -10.24 -29.58
CA ALA D 152 -3.01 -11.67 -29.81
C ALA D 152 -2.07 -12.23 -30.86
N ARG D 153 -1.82 -11.49 -31.94
CA ARG D 153 -0.88 -11.95 -32.96
C ARG D 153 0.53 -12.08 -32.39
N VAL D 154 0.88 -11.25 -31.41
CA VAL D 154 2.22 -11.32 -30.82
C VAL D 154 2.37 -12.55 -29.93
N GLN D 155 1.38 -12.82 -29.08
CA GLN D 155 1.40 -14.04 -28.26
C GLN D 155 1.32 -15.29 -29.11
N PHE D 156 0.64 -15.24 -30.26
CA PHE D 156 0.71 -16.34 -31.20
C PHE D 156 2.10 -16.49 -31.79
N ALA D 157 2.78 -15.39 -32.05
CA ALA D 157 4.15 -15.49 -32.52
C ALA D 157 5.04 -16.07 -31.43
N ARG D 158 4.81 -15.66 -30.18
CA ARG D 158 5.63 -16.14 -29.08
C ARG D 158 5.42 -17.62 -28.82
N VAL D 159 4.18 -18.09 -28.86
CA VAL D 159 3.94 -19.50 -28.66
C VAL D 159 4.44 -20.31 -29.86
N LEU D 160 4.32 -19.75 -31.07
CA LEU D 160 4.83 -20.43 -32.25
C LEU D 160 6.34 -20.53 -32.20
N ALA D 161 7.00 -19.46 -31.76
CA ALA D 161 8.46 -19.48 -31.63
C ALA D 161 8.93 -20.55 -30.66
N GLN D 162 8.10 -20.93 -29.69
CA GLN D 162 8.47 -21.96 -28.72
C GLN D 162 8.45 -23.39 -29.29
N LEU D 163 7.54 -23.71 -30.21
CA LEU D 163 7.45 -25.02 -30.89
C LEU D 163 8.02 -24.92 -32.29
N TRP D 164 9.10 -25.63 -32.57
CA TRP D 164 9.65 -25.44 -33.91
C TRP D 164 9.88 -26.73 -34.73
N PRO D 165 10.97 -27.51 -34.51
CA PRO D 165 12.26 -27.44 -33.82
C PRO D 165 13.37 -27.08 -34.78
N ASP D 166 13.12 -27.34 -36.07
CA ASP D 166 14.06 -27.10 -37.17
C ASP D 166 13.50 -27.62 -38.49
N PRO D 174 7.49 -34.73 -32.27
CA PRO D 174 6.10 -34.28 -32.31
C PRO D 174 5.72 -33.38 -31.15
N ARG D 175 5.40 -32.12 -31.40
CA ARG D 175 5.07 -31.16 -30.35
C ARG D 175 3.57 -30.95 -30.30
N TYR D 176 3.11 -30.31 -29.23
CA TYR D 176 1.70 -30.23 -28.89
C TYR D 176 1.33 -28.79 -28.58
N LEU D 177 0.44 -28.22 -29.39
CA LEU D 177 -0.03 -26.87 -29.19
C LEU D 177 -1.44 -26.92 -28.61
N LEU D 178 -1.60 -26.31 -27.45
CA LEU D 178 -2.86 -26.25 -26.72
C LEU D 178 -3.42 -24.84 -26.80
N LEU D 179 -4.60 -24.70 -27.39
CA LEU D 179 -5.20 -23.40 -27.60
C LEU D 179 -6.41 -23.26 -26.69
N ASP D 180 -6.36 -22.26 -25.81
CA ASP D 180 -7.45 -21.95 -24.90
C ASP D 180 -8.18 -20.74 -25.48
N GLU D 181 -9.21 -21.01 -26.30
CA GLU D 181 -10.03 -19.98 -26.91
C GLU D 181 -9.21 -18.85 -27.51
N PRO D 182 -8.36 -19.14 -28.50
CA PRO D 182 -7.36 -18.17 -28.94
C PRO D 182 -7.88 -17.03 -29.81
N THR D 183 -8.94 -17.30 -30.58
CA THR D 183 -9.41 -16.30 -31.53
C THR D 183 -10.35 -15.27 -30.90
N ALA D 184 -10.83 -15.53 -29.69
CA ALA D 184 -11.81 -14.62 -29.07
C ALA D 184 -11.31 -13.18 -29.09
N ALA D 185 -12.27 -12.25 -29.22
CA ALA D 185 -12.01 -10.81 -29.29
C ALA D 185 -11.17 -10.39 -30.49
N LEU D 186 -10.91 -11.28 -31.43
CA LEU D 186 -10.29 -10.90 -32.69
C LEU D 186 -11.37 -10.60 -33.72
N ASP D 187 -11.12 -9.60 -34.56
CA ASP D 187 -12.04 -9.33 -35.66
C ASP D 187 -12.14 -10.57 -36.57
N LEU D 188 -13.12 -10.53 -37.47
CA LEU D 188 -13.55 -11.75 -38.15
C LEU D 188 -12.48 -12.29 -39.08
N ALA D 189 -11.83 -11.42 -39.85
CA ALA D 189 -10.82 -11.89 -40.80
C ALA D 189 -9.69 -12.62 -40.08
N HIS D 190 -9.33 -12.17 -38.88
CA HIS D 190 -8.19 -12.74 -38.18
C HIS D 190 -8.55 -14.05 -37.47
N GLN D 191 -9.81 -14.24 -37.10
CA GLN D 191 -10.22 -15.54 -36.57
C GLN D 191 -9.90 -16.64 -37.56
N HIS D 192 -10.37 -16.48 -38.79
CA HIS D 192 -10.14 -17.52 -39.78
C HIS D 192 -8.68 -17.60 -40.17
N ARG D 193 -7.99 -16.46 -40.26
CA ARG D 193 -6.58 -16.51 -40.64
C ARG D 193 -5.68 -16.99 -39.50
N LEU D 194 -6.13 -16.92 -38.24
CA LEU D 194 -5.40 -17.59 -37.15
C LEU D 194 -5.60 -19.10 -37.22
N LEU D 195 -6.83 -19.54 -37.49
CA LEU D 195 -7.12 -20.97 -37.57
C LEU D 195 -6.52 -21.60 -38.83
N ASP D 196 -6.48 -20.85 -39.93
CA ASP D 196 -5.78 -21.32 -41.14
C ASP D 196 -4.29 -21.50 -40.88
N THR D 197 -3.63 -20.46 -40.34
CA THR D 197 -2.26 -20.57 -39.89
C THR D 197 -2.03 -21.82 -39.04
N VAL D 198 -2.87 -22.03 -38.04
CA VAL D 198 -2.68 -23.12 -37.09
C VAL D 198 -2.75 -24.47 -37.80
N ARG D 199 -3.65 -24.62 -38.76
CA ARG D 199 -3.72 -25.88 -39.48
C ARG D 199 -2.52 -26.05 -40.38
N ALA D 200 -2.07 -24.97 -41.02
CA ALA D 200 -0.83 -25.05 -41.77
C ALA D 200 0.34 -25.38 -40.86
N VAL D 201 0.42 -24.72 -39.72
CA VAL D 201 1.44 -25.07 -38.72
C VAL D 201 1.31 -26.52 -38.33
N ALA D 202 0.09 -26.96 -38.07
CA ALA D 202 -0.12 -28.33 -37.64
C ALA D 202 0.29 -29.31 -38.71
N ARG D 203 0.03 -28.97 -39.98
CA ARG D 203 0.32 -29.93 -41.05
C ARG D 203 1.81 -29.96 -41.34
N GLU D 204 2.43 -28.79 -41.45
CA GLU D 204 3.80 -28.74 -41.94
C GLU D 204 4.77 -29.31 -40.92
N TRP D 205 4.70 -28.83 -39.68
CA TRP D 205 5.35 -29.59 -38.63
C TRP D 205 4.49 -30.82 -38.34
N GLN D 206 5.08 -31.79 -37.65
CA GLN D 206 4.27 -32.89 -37.16
C GLN D 206 3.86 -32.51 -35.75
N LEU D 207 2.99 -31.50 -35.70
CA LEU D 207 2.57 -30.84 -34.48
C LEU D 207 1.08 -31.10 -34.24
N GLY D 208 0.74 -31.25 -32.97
CA GLY D 208 -0.61 -31.61 -32.55
C GLY D 208 -1.32 -30.44 -31.90
N VAL D 209 -2.51 -30.14 -32.40
CA VAL D 209 -3.33 -29.03 -31.92
C VAL D 209 -4.54 -29.59 -31.16
N LEU D 210 -4.81 -29.00 -30.00
CA LEU D 210 -6.10 -29.13 -29.35
C LEU D 210 -6.54 -27.72 -29.01
N ALA D 211 -7.73 -27.35 -29.46
CA ALA D 211 -8.13 -25.96 -29.37
C ALA D 211 -9.54 -25.87 -28.84
N ILE D 212 -9.71 -25.13 -27.77
CA ILE D 212 -11.03 -24.72 -27.34
C ILE D 212 -11.49 -23.59 -28.24
N VAL D 213 -12.77 -23.59 -28.62
CA VAL D 213 -13.32 -22.63 -29.57
C VAL D 213 -14.72 -22.27 -29.13
N HIS D 214 -15.08 -21.00 -29.28
CA HIS D 214 -16.38 -20.51 -28.83
C HIS D 214 -17.47 -20.82 -29.85
N ASP D 215 -17.15 -20.78 -31.13
CA ASP D 215 -18.16 -20.94 -32.16
C ASP D 215 -18.09 -22.34 -32.74
N PRO D 216 -19.15 -23.15 -32.61
CA PRO D 216 -19.11 -24.47 -33.24
C PRO D 216 -18.86 -24.41 -34.73
N ASN D 217 -19.48 -23.44 -35.41
CA ASN D 217 -19.26 -23.31 -36.85
C ASN D 217 -17.78 -23.14 -37.18
N LEU D 218 -17.01 -22.45 -36.32
CA LEU D 218 -15.57 -22.36 -36.52
C LEU D 218 -14.86 -23.67 -36.27
N ALA D 219 -15.40 -24.49 -35.36
CA ALA D 219 -14.82 -25.80 -35.13
C ALA D 219 -15.10 -26.73 -36.30
N ALA D 220 -16.31 -26.64 -36.87
CA ALA D 220 -16.59 -27.39 -38.08
C ALA D 220 -15.69 -26.95 -39.21
N ARG D 221 -15.43 -25.64 -39.31
CA ARG D 221 -14.68 -25.11 -40.44
C ARG D 221 -13.21 -25.51 -40.38
N HIS D 222 -12.66 -25.69 -39.18
CA HIS D 222 -11.21 -25.70 -39.03
C HIS D 222 -10.63 -26.90 -38.29
N ALA D 223 -11.43 -27.69 -37.60
CA ALA D 223 -10.91 -28.82 -36.85
C ALA D 223 -11.06 -30.11 -37.65
N ASP D 224 -10.00 -30.91 -37.70
CA ASP D 224 -10.09 -32.21 -38.34
C ASP D 224 -10.67 -33.26 -37.40
N ALA D 225 -10.63 -33.01 -36.10
CA ALA D 225 -11.26 -33.86 -35.10
C ALA D 225 -12.04 -32.97 -34.15
N ILE D 226 -13.12 -33.49 -33.60
CA ILE D 226 -13.97 -32.72 -32.68
C ILE D 226 -14.27 -33.58 -31.46
N ALA D 227 -14.31 -32.92 -30.31
CA ALA D 227 -14.70 -33.55 -29.06
C ALA D 227 -15.77 -32.68 -28.43
N MET D 228 -16.91 -33.27 -28.13
CA MET D 228 -17.99 -32.55 -27.48
C MET D 228 -18.03 -32.95 -26.01
N LEU D 229 -18.01 -31.96 -25.13
CA LEU D 229 -17.97 -32.20 -23.69
C LEU D 229 -19.34 -31.83 -23.11
N ALA D 230 -20.14 -32.85 -22.83
CA ALA D 230 -21.39 -32.74 -22.11
C ALA D 230 -21.28 -33.55 -20.82
N ASP D 231 -22.20 -33.32 -19.90
CA ASP D 231 -22.06 -33.94 -18.57
C ASP D 231 -20.73 -33.43 -18.01
N GLY D 232 -19.90 -34.28 -17.44
CA GLY D 232 -18.51 -33.93 -17.26
C GLY D 232 -17.62 -34.72 -18.18
N THR D 233 -18.24 -35.54 -19.05
CA THR D 233 -17.55 -36.55 -19.84
C THR D 233 -17.66 -36.28 -21.34
N ILE D 234 -16.77 -36.88 -22.13
CA ILE D 234 -16.81 -36.69 -23.56
C ILE D 234 -17.99 -37.48 -24.13
N VAL D 235 -18.84 -36.78 -24.89
CA VAL D 235 -20.12 -37.33 -25.36
C VAL D 235 -20.14 -37.55 -26.87
N ALA D 236 -19.16 -37.05 -27.60
CA ALA D 236 -19.11 -37.23 -29.04
C ALA D 236 -17.67 -37.05 -29.48
N HIS D 237 -17.29 -37.74 -30.55
CA HIS D 237 -15.91 -37.63 -31.01
C HIS D 237 -15.82 -38.13 -32.44
N GLY D 238 -15.04 -37.43 -33.25
CA GLY D 238 -14.83 -37.75 -34.64
C GLY D 238 -14.73 -36.50 -35.48
N ALA D 239 -14.70 -36.69 -36.79
CA ALA D 239 -14.59 -35.58 -37.73
C ALA D 239 -15.79 -34.65 -37.58
N PRO D 240 -15.69 -33.43 -38.08
CA PRO D 240 -16.83 -32.50 -38.00
C PRO D 240 -18.13 -33.10 -38.52
N ARG D 241 -18.12 -33.55 -39.77
CA ARG D 241 -19.25 -34.15 -40.45
C ARG D 241 -19.99 -35.18 -39.59
N ASP D 242 -19.26 -35.87 -38.70
CA ASP D 242 -19.85 -36.91 -37.87
C ASP D 242 -20.45 -36.37 -36.59
N VAL D 243 -19.80 -35.38 -35.98
CA VAL D 243 -20.17 -34.93 -34.65
C VAL D 243 -21.16 -33.79 -34.70
N MET D 244 -21.00 -32.86 -35.66
CA MET D 244 -21.92 -31.74 -35.82
C MET D 244 -23.24 -32.25 -36.40
N THR D 245 -24.10 -32.73 -35.51
CA THR D 245 -25.46 -33.14 -35.83
C THR D 245 -26.41 -32.45 -34.86
N PRO D 246 -27.68 -32.29 -35.22
CA PRO D 246 -28.61 -31.64 -34.29
C PRO D 246 -28.73 -32.38 -32.97
N ALA D 247 -28.63 -33.70 -32.97
CA ALA D 247 -28.78 -34.47 -31.73
C ALA D 247 -27.61 -34.24 -30.79
N HIS D 248 -26.37 -34.37 -31.29
CA HIS D 248 -25.21 -34.11 -30.46
C HIS D 248 -25.22 -32.69 -29.92
N ILE D 249 -25.55 -31.71 -30.75
CA ILE D 249 -25.47 -30.33 -30.29
C ILE D 249 -26.59 -30.04 -29.30
N ALA D 250 -27.76 -30.63 -29.49
CA ALA D 250 -28.85 -30.37 -28.57
C ALA D 250 -28.51 -30.89 -27.17
N GLN D 251 -27.86 -32.04 -27.09
CA GLN D 251 -27.54 -32.58 -25.77
C GLN D 251 -26.34 -31.86 -25.16
N CYS D 252 -25.34 -31.53 -25.96
CA CYS D 252 -24.15 -30.87 -25.43
C CYS D 252 -24.43 -29.41 -25.11
N TYR D 253 -25.22 -28.74 -25.91
CA TYR D 253 -25.43 -27.30 -25.76
C TYR D 253 -26.79 -26.93 -25.15
N GLY D 254 -27.70 -27.89 -25.01
CA GLY D 254 -29.05 -27.59 -24.52
C GLY D 254 -29.79 -26.60 -25.38
N PHE D 255 -29.83 -26.85 -26.68
CA PHE D 255 -30.15 -25.78 -27.61
C PHE D 255 -30.46 -26.41 -28.95
N ALA D 256 -31.56 -25.93 -29.58
CA ALA D 256 -32.16 -26.56 -30.74
C ALA D 256 -31.44 -26.10 -32.01
N VAL D 257 -30.70 -27.00 -32.63
CA VAL D 257 -29.87 -26.71 -33.77
C VAL D 257 -30.36 -27.48 -34.98
N LYS D 258 -30.46 -26.81 -36.13
CA LYS D 258 -30.68 -27.47 -37.40
C LYS D 258 -29.40 -27.43 -38.24
N MET D 259 -29.41 -28.12 -39.38
CA MET D 259 -28.19 -28.36 -40.13
C MET D 259 -28.39 -28.02 -41.59
N VAL D 260 -27.41 -27.32 -42.17
CA VAL D 260 -27.49 -26.81 -43.53
C VAL D 260 -26.13 -27.04 -44.21
N GLU D 261 -26.18 -27.27 -45.52
CA GLU D 261 -25.01 -27.59 -46.34
C GLU D 261 -24.49 -26.36 -47.08
N THR D 262 -23.31 -26.53 -47.69
CA THR D 262 -22.70 -25.51 -48.52
C THR D 262 -22.11 -26.19 -49.75
N GLY D 263 -21.44 -25.40 -50.58
CA GLY D 263 -20.80 -25.91 -51.79
C GLY D 263 -19.73 -26.96 -51.54
N PRO D 267 -18.70 -27.79 -46.49
CA PRO D 267 -18.83 -28.10 -45.05
C PRO D 267 -20.15 -27.64 -44.44
N PRO D 268 -20.54 -28.24 -43.32
CA PRO D 268 -21.83 -27.88 -42.72
C PRO D 268 -21.74 -26.66 -41.82
N VAL D 269 -22.88 -25.99 -41.69
CA VAL D 269 -23.03 -24.82 -40.82
C VAL D 269 -24.32 -24.98 -40.04
N MET D 270 -24.36 -24.46 -38.81
CA MET D 270 -25.50 -24.69 -37.93
C MET D 270 -26.30 -23.41 -37.66
N VAL D 271 -27.61 -23.55 -37.65
CA VAL D 271 -28.54 -22.43 -37.48
C VAL D 271 -29.63 -22.89 -36.49
N PRO D 272 -30.11 -22.02 -35.59
CA PRO D 272 -31.12 -22.47 -34.60
C PRO D 272 -32.50 -22.59 -35.23
N ALA D 273 -33.15 -23.71 -34.97
CA ALA D 273 -34.48 -23.99 -35.50
C ALA D 273 -35.56 -23.47 -34.55
N ARG E 7 -0.53 15.70 50.89
CA ARG E 7 0.16 14.72 50.05
C ARG E 7 0.73 15.38 48.81
N VAL E 8 2.06 15.38 48.70
CA VAL E 8 2.76 16.07 47.62
C VAL E 8 3.36 15.04 46.68
N ILE E 9 3.21 15.28 45.38
CA ILE E 9 3.88 14.52 44.33
C ILE E 9 4.86 15.45 43.64
N VAL E 10 6.06 14.94 43.37
CA VAL E 10 7.13 15.75 42.76
C VAL E 10 7.51 15.12 41.43
N ILE E 11 7.68 15.95 40.41
CA ILE E 11 8.06 15.51 39.06
C ILE E 11 9.40 16.13 38.73
N GLY E 12 10.44 15.31 38.64
CA GLY E 12 11.78 15.79 38.36
C GLY E 12 12.79 15.47 39.45
N GLY E 13 13.87 14.80 39.08
CA GLY E 13 14.79 14.26 40.09
C GLY E 13 15.37 15.31 41.01
N ALA E 14 15.78 16.45 40.45
CA ALA E 14 16.37 17.50 41.27
C ALA E 14 15.37 18.12 42.22
N LEU E 15 14.11 18.24 41.80
CA LEU E 15 13.07 18.74 42.70
C LEU E 15 12.83 17.79 43.85
N ALA E 16 12.82 16.48 43.58
CA ALA E 16 12.72 15.50 44.65
C ALA E 16 13.91 15.63 45.61
N GLU E 17 15.12 15.78 45.07
CA GLU E 17 16.27 16.06 45.92
C GLU E 17 16.05 17.30 46.77
N THR E 18 15.51 18.37 46.16
CA THR E 18 15.26 19.59 46.90
C THR E 18 14.24 19.37 48.01
N ALA E 19 13.13 18.71 47.69
CA ALA E 19 12.08 18.49 48.68
C ALA E 19 12.61 17.70 49.86
N PHE E 20 13.31 16.60 49.59
CA PHE E 20 13.91 15.84 50.68
C PHE E 20 15.00 16.64 51.39
N ALA E 21 15.72 17.50 50.66
CA ALA E 21 16.78 18.30 51.27
C ALA E 21 16.25 19.34 52.23
N LEU E 22 14.97 19.73 52.10
CA LEU E 22 14.38 20.65 53.05
C LEU E 22 14.08 19.99 54.40
N GLY E 23 13.83 18.68 54.40
CA GLY E 23 13.63 17.98 55.65
C GLY E 23 12.96 16.62 55.60
N GLY E 24 13.37 15.77 54.67
CA GLY E 24 12.98 14.37 54.73
C GLY E 24 11.65 14.05 54.06
N ALA E 25 11.26 12.78 54.21
CA ALA E 25 10.10 12.26 53.50
C ALA E 25 8.80 12.85 54.03
N GLU E 26 8.66 12.96 55.35
CA GLU E 26 7.47 13.58 55.93
C GLU E 26 7.84 14.42 57.14
N THR E 27 7.30 15.63 57.18
CA THR E 27 7.45 16.60 58.26
C THR E 27 6.07 16.81 58.87
N PRO E 28 5.91 17.69 59.86
CA PRO E 28 4.53 18.03 60.26
C PRO E 28 3.72 18.62 59.13
N ARG E 29 4.36 19.27 58.16
CA ARG E 29 3.64 20.03 57.15
C ARG E 29 3.33 19.25 55.88
N TYR E 30 4.05 18.16 55.60
CA TYR E 30 3.82 17.46 54.34
C TYR E 30 4.38 16.05 54.39
N ARG E 31 3.93 15.25 53.41
CA ARG E 31 4.41 13.89 53.17
C ARG E 31 4.52 13.70 51.66
N LEU E 32 5.69 13.27 51.20
CA LEU E 32 5.87 12.96 49.78
C LEU E 32 5.32 11.57 49.48
N VAL E 33 4.54 11.46 48.41
CA VAL E 33 3.76 10.25 48.18
C VAL E 33 4.01 9.66 46.79
N GLY E 34 4.73 10.39 45.94
CA GLY E 34 4.98 9.87 44.61
C GLY E 34 5.92 10.75 43.82
N ALA E 35 6.43 10.16 42.74
CA ALA E 35 7.42 10.82 41.90
C ALA E 35 7.45 10.16 40.53
N ASP E 36 8.37 10.63 39.69
CA ASP E 36 8.65 10.02 38.40
C ASP E 36 9.94 9.19 38.48
N THR E 37 10.22 8.47 37.40
CA THR E 37 11.29 7.48 37.44
C THR E 37 12.68 8.09 37.52
N THR E 38 12.83 9.36 37.13
CA THR E 38 14.16 9.97 37.11
C THR E 38 14.68 10.29 38.50
N CYS E 39 13.86 10.17 39.54
CA CYS E 39 14.26 10.51 40.90
C CYS E 39 14.89 9.27 41.53
N THR E 40 16.19 9.11 41.32
CA THR E 40 16.92 7.96 41.85
C THR E 40 17.81 8.32 43.03
N TYR E 41 17.90 9.59 43.40
CA TYR E 41 18.67 9.98 44.58
C TYR E 41 17.93 11.04 45.39
N PRO E 42 17.95 10.91 46.72
CA PRO E 42 18.57 9.80 47.46
C PRO E 42 17.65 8.58 47.55
N ASP E 43 17.91 7.73 48.54
CA ASP E 43 17.12 6.51 48.66
C ASP E 43 15.68 6.78 49.05
N ALA E 44 15.42 7.87 49.78
CA ALA E 44 14.05 8.20 50.14
C ALA E 44 13.20 8.52 48.91
N ALA E 45 13.82 9.09 47.87
CA ALA E 45 13.08 9.36 46.64
C ALA E 45 12.80 8.06 45.88
N LYS E 46 13.79 7.17 45.82
CA LYS E 46 13.64 5.94 45.05
C LYS E 46 12.53 5.05 45.61
N ARG E 47 12.33 5.07 46.93
CA ARG E 47 11.26 4.29 47.53
C ARG E 47 9.89 4.73 47.04
N LEU E 48 9.76 6.00 46.65
CA LEU E 48 8.46 6.56 46.34
C LEU E 48 7.83 5.83 45.16
N PRO E 49 6.53 5.57 45.20
CA PRO E 49 5.84 5.04 44.01
C PRO E 49 6.00 5.99 42.84
N LYS E 50 6.16 5.41 41.65
CA LYS E 50 6.42 6.17 40.44
C LYS E 50 5.22 6.07 39.51
N VAL E 51 4.92 7.17 38.82
CA VAL E 51 3.78 7.21 37.90
C VAL E 51 4.25 7.45 36.47
N GLY E 52 5.42 6.93 36.12
CA GLY E 52 5.95 7.02 34.79
C GLY E 52 7.09 8.02 34.69
N TYR E 53 7.71 8.03 33.51
CA TYR E 53 8.76 9.00 33.22
C TYR E 53 8.18 10.41 33.25
N GLN E 54 9.02 11.38 33.59
CA GLN E 54 8.53 12.72 33.87
C GLN E 54 7.84 13.35 32.68
N ARG E 55 8.06 12.84 31.46
CA ARG E 55 7.56 13.47 30.25
C ARG E 55 6.31 12.79 29.69
N ALA E 56 5.71 11.85 30.41
CA ALA E 56 4.56 11.10 29.91
C ALA E 56 3.75 10.58 31.08
N LEU E 57 2.51 11.05 31.22
CA LEU E 57 1.76 10.84 32.45
C LEU E 57 0.27 10.61 32.19
N SER E 58 -0.34 9.85 33.10
CA SER E 58 -1.77 9.56 33.14
C SER E 58 -2.34 10.14 34.43
N ALA E 59 -3.35 11.00 34.30
CA ALA E 59 -3.81 11.76 35.47
C ALA E 59 -4.51 10.88 36.49
N GLU E 60 -5.34 9.94 36.04
CA GLU E 60 -5.99 9.04 37.00
C GLU E 60 -4.95 8.28 37.80
N GLY E 61 -3.87 7.85 37.15
CA GLY E 61 -2.77 7.24 37.88
C GLY E 61 -2.07 8.23 38.80
N LEU E 62 -1.85 9.45 38.32
CA LEU E 62 -1.30 10.49 39.19
C LEU E 62 -2.22 10.74 40.37
N LEU E 63 -3.52 10.92 40.10
CA LEU E 63 -4.48 11.10 41.17
C LEU E 63 -4.55 9.87 42.06
N SER E 64 -4.19 8.70 41.55
CA SER E 64 -4.20 7.50 42.37
C SER E 64 -3.19 7.58 43.50
N LEU E 65 -2.13 8.38 43.34
CA LEU E 65 -1.27 8.70 44.47
C LEU E 65 -1.87 9.76 45.37
N ARG E 66 -3.07 10.26 45.04
CA ARG E 66 -3.89 11.13 45.87
C ARG E 66 -3.17 12.43 46.26
N PRO E 67 -2.74 13.24 45.28
CA PRO E 67 -2.04 14.48 45.63
C PRO E 67 -2.98 15.60 46.02
N ASP E 68 -2.50 16.43 46.94
CA ASP E 68 -3.06 17.75 47.18
C ASP E 68 -2.31 18.82 46.42
N LEU E 69 -1.07 18.54 46.02
CA LEU E 69 -0.20 19.49 45.35
C LEU E 69 0.80 18.70 44.51
N VAL E 70 1.15 19.25 43.35
CA VAL E 70 2.18 18.68 42.49
C VAL E 70 3.26 19.73 42.28
N LEU E 71 4.49 19.40 42.63
CA LEU E 71 5.65 20.19 42.25
C LEU E 71 6.18 19.61 40.95
N ALA E 72 6.12 20.40 39.88
CA ALA E 72 6.43 19.93 38.54
C ALA E 72 7.59 20.73 37.96
N SER E 73 8.54 20.03 37.38
CA SER E 73 9.65 20.71 36.73
C SER E 73 9.18 21.36 35.44
N ALA E 74 10.10 22.11 34.80
CA ALA E 74 9.79 22.68 33.49
C ALA E 74 9.55 21.60 32.44
N GLU E 75 10.14 20.41 32.63
CA GLU E 75 10.02 19.32 31.68
C GLU E 75 8.77 18.47 31.88
N ALA E 76 8.04 18.66 32.97
CA ALA E 76 6.90 17.81 33.26
C ALA E 76 5.82 17.94 32.18
N GLY E 77 5.35 16.81 31.69
CA GLY E 77 4.32 16.81 30.66
C GLY E 77 3.74 15.43 30.41
N PRO E 78 2.93 15.30 29.35
CA PRO E 78 2.61 16.36 28.38
C PRO E 78 1.61 17.39 28.92
N PRO E 79 1.44 18.50 28.20
CA PRO E 79 0.42 19.48 28.61
C PRO E 79 -0.96 18.89 28.78
N THR E 80 -1.32 17.92 27.94
CA THR E 80 -2.61 17.25 28.10
C THR E 80 -2.72 16.58 29.45
N ALA E 81 -1.66 15.90 29.90
CA ALA E 81 -1.70 15.22 31.18
C ALA E 81 -1.75 16.22 32.33
N ILE E 82 -0.91 17.26 32.28
CA ILE E 82 -0.89 18.26 33.34
C ILE E 82 -2.24 18.96 33.45
N ALA E 83 -2.86 19.26 32.31
CA ALA E 83 -4.14 19.94 32.33
C ALA E 83 -5.22 19.07 32.96
N GLN E 84 -5.18 17.76 32.69
CA GLN E 84 -6.11 16.85 33.32
C GLN E 84 -5.94 16.84 34.84
N VAL E 85 -4.68 16.92 35.30
CA VAL E 85 -4.43 16.94 36.74
C VAL E 85 -4.84 18.26 37.35
N LYS E 86 -4.41 19.37 36.75
CA LYS E 86 -4.91 20.68 37.15
C LYS E 86 -6.44 20.70 37.12
N GLY E 87 -7.03 20.11 36.07
CA GLY E 87 -8.48 20.04 35.97
C GLY E 87 -9.12 19.24 37.08
N ALA E 88 -8.34 18.43 37.80
CA ALA E 88 -8.83 17.65 38.93
C ALA E 88 -8.79 18.43 40.24
N GLY E 89 -8.35 19.68 40.22
CA GLY E 89 -8.34 20.49 41.42
C GLY E 89 -7.06 20.43 42.23
N VAL E 90 -6.05 19.70 41.77
CA VAL E 90 -4.77 19.67 42.47
C VAL E 90 -3.98 20.90 42.07
N THR E 91 -3.43 21.60 43.07
CA THR E 91 -2.53 22.70 42.78
C THR E 91 -1.24 22.16 42.16
N VAL E 92 -0.82 22.74 41.05
CA VAL E 92 0.38 22.32 40.35
C VAL E 92 1.27 23.54 40.16
N THR E 93 2.47 23.50 40.75
CA THR E 93 3.42 24.58 40.65
C THR E 93 4.59 24.13 39.78
N THR E 94 4.85 24.85 38.71
CA THR E 94 5.89 24.51 37.75
C THR E 94 7.11 25.40 37.97
N PHE E 95 8.29 24.81 37.80
CA PHE E 95 9.56 25.48 38.02
C PHE E 95 10.33 25.61 36.70
N ASP E 96 11.27 26.55 36.68
CA ASP E 96 12.05 26.87 35.49
C ASP E 96 13.40 26.17 35.53
N GLU E 97 14.04 26.10 34.36
CA GLU E 97 15.39 25.54 34.24
C GLU E 97 16.24 26.52 33.44
N ARG E 98 17.24 27.11 34.10
CA ARG E 98 18.13 28.07 33.46
C ARG E 98 19.61 27.66 33.54
N HIS E 99 19.91 26.46 34.01
CA HIS E 99 21.26 25.86 34.00
C HIS E 99 22.29 26.58 34.88
N ASP E 100 21.86 27.50 35.74
CA ASP E 100 22.80 28.31 36.50
C ASP E 100 22.34 28.38 37.95
N VAL E 101 23.17 29.02 38.79
CA VAL E 101 22.88 29.08 40.23
C VAL E 101 21.49 29.64 40.46
N GLU E 102 21.08 30.60 39.63
CA GLU E 102 19.77 31.21 39.82
C GLU E 102 18.64 30.22 39.57
N SER E 103 18.80 29.35 38.58
CA SER E 103 17.77 28.34 38.34
C SER E 103 17.67 27.38 39.51
N VAL E 104 18.80 27.07 40.12
CA VAL E 104 18.80 26.12 41.23
C VAL E 104 18.22 26.77 42.48
N ARG E 105 18.59 28.03 42.75
CA ARG E 105 18.14 28.68 43.97
C ARG E 105 16.63 28.85 43.98
N ALA E 106 16.02 29.04 42.81
CA ALA E 106 14.56 29.20 42.75
C ALA E 106 13.85 27.89 43.06
N LYS E 107 14.46 26.75 42.71
CA LYS E 107 13.88 25.47 43.08
C LYS E 107 14.00 25.24 44.58
N ILE E 108 15.14 25.57 45.17
CA ILE E 108 15.33 25.42 46.61
C ILE E 108 14.32 26.26 47.37
N THR E 109 14.35 27.57 47.13
CA THR E 109 13.45 28.48 47.84
C THR E 109 12.00 28.28 47.41
N GLY E 110 11.77 27.97 46.13
CA GLY E 110 10.40 27.83 45.66
C GLY E 110 9.72 26.59 46.22
N VAL E 111 10.46 25.48 46.31
CA VAL E 111 9.88 24.28 46.91
C VAL E 111 9.62 24.51 48.40
N ALA E 112 10.56 25.17 49.08
CA ALA E 112 10.35 25.50 50.48
C ALA E 112 9.12 26.38 50.67
N GLN E 113 8.90 27.33 49.75
CA GLN E 113 7.70 28.14 49.81
C GLN E 113 6.46 27.30 49.55
N ALA E 114 6.49 26.47 48.50
CA ALA E 114 5.33 25.67 48.15
C ALA E 114 4.98 24.69 49.27
N LEU E 115 6.00 24.11 49.92
CA LEU E 115 5.77 23.24 51.05
C LEU E 115 5.63 24.00 52.36
N ASP E 116 5.69 25.33 52.32
CA ASP E 116 5.50 26.18 53.50
C ASP E 116 6.56 25.90 54.56
N VAL E 117 7.81 25.71 54.13
CA VAL E 117 8.92 25.50 55.05
C VAL E 117 10.03 26.50 54.74
N ARG E 118 9.73 27.79 54.92
CA ARG E 118 10.65 28.85 54.52
C ARG E 118 11.98 28.75 55.26
N ASP E 119 11.94 28.50 56.57
CA ASP E 119 13.18 28.48 57.36
C ASP E 119 14.10 27.36 56.91
N ALA E 120 13.54 26.16 56.70
CA ALA E 120 14.34 25.06 56.18
C ALA E 120 14.96 25.43 54.85
N GLY E 121 14.21 26.14 54.00
CA GLY E 121 14.77 26.59 52.74
C GLY E 121 15.94 27.53 52.93
N ALA E 122 15.85 28.41 53.93
CA ALA E 122 16.96 29.33 54.20
C ALA E 122 18.20 28.57 54.64
N ALA E 123 18.02 27.48 55.39
CA ALA E 123 19.16 26.66 55.78
C ALA E 123 19.78 25.96 54.58
N LEU E 124 18.94 25.40 53.71
CA LEU E 124 19.46 24.71 52.54
C LEU E 124 20.16 25.65 51.58
N LEU E 125 19.57 26.83 51.33
CA LEU E 125 20.16 27.77 50.40
C LEU E 125 21.53 28.26 50.89
N GLN E 126 21.65 28.49 52.20
CA GLN E 126 22.91 28.98 52.75
C GLN E 126 24.01 27.93 52.66
N ARG E 127 23.69 26.70 53.05
CA ARG E 127 24.65 25.60 52.88
C ARG E 127 25.07 25.47 51.42
N PHE E 128 24.06 25.41 50.54
CA PHE E 128 24.32 25.23 49.12
C PHE E 128 25.25 26.31 48.59
N ASP E 129 24.93 27.59 48.89
CA ASP E 129 25.68 28.69 48.31
C ASP E 129 27.10 28.78 48.85
N ARG E 130 27.29 28.43 50.13
CA ARG E 130 28.63 28.45 50.70
C ARG E 130 29.48 27.34 50.11
N ASP E 131 28.95 26.11 50.10
CA ASP E 131 29.60 25.04 49.35
C ASP E 131 29.76 25.41 47.88
N TRP E 132 28.84 26.22 47.35
CA TRP E 132 28.92 26.62 45.95
C TRP E 132 30.09 27.58 45.72
N GLN E 133 30.25 28.57 46.60
CA GLN E 133 31.40 29.46 46.49
C GLN E 133 32.70 28.67 46.60
N ALA E 134 32.73 27.67 47.48
CA ALA E 134 33.89 26.79 47.55
C ALA E 134 34.08 26.02 46.25
N ALA E 135 32.97 25.65 45.60
CA ALA E 135 33.05 24.90 44.35
C ALA E 135 33.63 25.75 43.23
N ARG E 136 33.21 27.01 43.14
CA ARG E 136 33.88 27.94 42.23
C ARG E 136 35.36 28.06 42.57
N ASP E 137 35.69 28.06 43.86
CA ASP E 137 37.07 28.30 44.27
C ASP E 137 37.96 27.10 43.99
N ALA E 138 37.46 25.89 44.26
CA ALA E 138 38.28 24.70 44.02
C ALA E 138 38.65 24.56 42.55
N VAL E 139 37.70 24.85 41.66
CA VAL E 139 37.97 24.78 40.22
C VAL E 139 38.94 25.87 39.80
N ALA E 140 38.70 27.10 40.29
CA ALA E 140 39.56 28.21 39.93
C ALA E 140 40.99 28.03 40.43
N ALA E 141 41.20 27.17 41.43
CA ALA E 141 42.53 26.93 41.95
C ALA E 141 43.47 26.41 40.88
N ARG E 142 42.95 25.59 39.96
CA ARG E 142 43.78 25.00 38.93
C ARG E 142 42.87 24.57 37.77
N VAL E 143 43.14 25.07 36.58
CA VAL E 143 42.41 24.57 35.41
C VAL E 143 42.81 23.12 35.17
N PRO E 144 41.85 22.23 34.95
CA PRO E 144 42.19 20.82 34.64
C PRO E 144 43.12 20.75 33.43
N GLY E 145 44.26 20.10 33.63
CA GLY E 145 45.26 19.98 32.60
C GLY E 145 46.41 20.97 32.71
N GLY E 146 46.30 21.97 33.59
CA GLY E 146 47.33 22.99 33.68
C GLY E 146 47.50 23.84 32.44
N ALA E 147 46.56 23.78 31.50
CA ALA E 147 46.58 24.63 30.31
C ALA E 147 45.28 25.40 30.23
N GLN E 148 45.05 26.09 29.10
CA GLN E 148 43.79 26.78 28.89
C GLN E 148 42.63 25.79 28.97
N PRO E 149 41.41 26.27 29.22
CA PRO E 149 40.26 25.36 29.39
C PRO E 149 40.20 24.30 28.31
N PRO E 150 40.22 23.04 28.71
CA PRO E 150 40.26 21.95 27.72
C PRO E 150 38.91 21.73 27.05
N ARG E 151 38.96 21.03 25.92
CA ARG E 151 37.78 20.82 25.10
C ARG E 151 37.15 19.47 25.45
N VAL E 152 35.86 19.50 25.81
CA VAL E 152 35.16 18.33 26.32
C VAL E 152 33.95 18.07 25.45
N LEU E 153 33.80 16.83 25.01
CA LEU E 153 32.60 16.35 24.34
C LEU E 153 31.77 15.57 25.35
N PHE E 154 30.51 15.93 25.52
CA PHE E 154 29.62 15.16 26.37
C PHE E 154 28.69 14.32 25.50
N VAL E 155 28.75 13.01 25.69
CA VAL E 155 27.90 12.07 24.98
C VAL E 155 26.71 11.73 25.89
N LEU E 156 25.51 12.02 25.40
CA LEU E 156 24.31 11.60 26.10
C LEU E 156 24.02 10.13 25.83
N ASN E 157 24.03 9.73 24.55
CA ASN E 157 23.72 8.36 24.18
C ASN E 157 24.27 8.09 22.78
N HIS E 158 23.97 6.89 22.28
CA HIS E 158 24.36 6.48 20.94
C HIS E 158 23.15 5.97 20.17
N THR E 159 23.16 6.25 18.86
CA THR E 159 22.22 5.64 17.92
C THR E 159 23.02 4.63 17.11
N GLY E 160 22.97 3.38 17.52
CA GLY E 160 23.89 2.41 16.95
C GLY E 160 25.31 2.88 17.17
N THR E 161 26.01 3.11 16.07
CA THR E 161 27.40 3.55 16.11
C THR E 161 27.54 5.07 16.06
N GLN E 162 26.43 5.81 16.11
CA GLN E 162 26.44 7.27 16.02
C GLN E 162 26.05 7.87 17.37
N ALA E 163 26.89 8.77 17.87
CA ALA E 163 26.70 9.36 19.19
C ALA E 163 25.78 10.58 19.11
N LEU E 164 25.04 10.78 20.19
CA LEU E 164 24.25 12.00 20.37
C LEU E 164 25.00 12.89 21.36
N VAL E 165 25.28 14.12 20.96
CA VAL E 165 26.14 14.98 21.76
C VAL E 165 25.40 16.27 22.11
N ALA E 166 25.83 16.88 23.20
CA ALA E 166 25.23 18.10 23.71
C ALA E 166 25.93 19.31 23.12
N GLY E 167 25.17 20.17 22.47
CA GLY E 167 25.63 21.49 22.12
C GLY E 167 25.34 22.46 23.23
N GLN E 168 25.07 23.70 22.84
CA GLN E 168 24.72 24.71 23.83
C GLN E 168 23.26 24.54 24.23
N ARG E 169 22.85 25.32 25.23
CA ARG E 169 21.51 25.21 25.82
C ARG E 169 21.24 23.79 26.34
N THR E 170 22.29 23.13 26.81
CA THR E 170 22.20 21.81 27.42
C THR E 170 22.70 21.87 28.86
N ALA E 171 22.26 20.91 29.66
CA ALA E 171 22.82 20.76 30.99
C ALA E 171 24.32 20.49 30.92
N ALA E 172 24.74 19.69 29.94
CA ALA E 172 26.16 19.34 29.82
C ALA E 172 27.01 20.55 29.49
N ASP E 173 26.52 21.42 28.61
CA ASP E 173 27.27 22.63 28.29
C ASP E 173 27.57 23.44 29.55
N ALA E 174 26.57 23.58 30.41
CA ALA E 174 26.77 24.35 31.64
C ALA E 174 27.70 23.63 32.60
N MET E 175 27.52 22.32 32.77
CA MET E 175 28.36 21.57 33.70
C MET E 175 29.81 21.55 33.22
N ILE E 176 30.01 21.46 31.91
CA ILE E 176 31.37 21.46 31.36
C ILE E 176 32.05 22.78 31.64
N ARG E 177 31.32 23.90 31.45
CA ARG E 177 31.91 25.20 31.70
C ARG E 177 32.19 25.41 33.18
N TYR E 178 31.35 24.86 34.05
CA TYR E 178 31.52 25.07 35.48
C TYR E 178 32.73 24.32 36.01
N ALA E 179 33.14 23.24 35.36
CA ALA E 179 34.31 22.48 35.78
C ALA E 179 35.61 23.07 35.27
N GLY E 180 35.58 24.30 34.74
CA GLY E 180 36.79 24.95 34.27
C GLY E 180 37.24 24.55 32.89
N ALA E 181 36.38 23.92 32.11
CA ALA E 181 36.70 23.45 30.78
C ALA E 181 35.88 24.22 29.74
N ARG E 182 35.98 23.77 28.48
CA ARG E 182 35.31 24.40 27.34
C ARG E 182 34.64 23.31 26.52
N ASN E 183 33.41 23.59 26.07
CA ASN E 183 32.65 22.60 25.33
C ASN E 183 33.26 22.41 23.94
N ALA E 184 33.62 21.17 23.62
CA ALA E 184 34.19 20.89 22.31
C ALA E 184 33.19 21.15 21.21
N MET E 185 31.89 20.99 21.49
CA MET E 185 30.86 21.25 20.50
C MET E 185 30.43 22.72 20.57
N GLN E 186 30.50 23.39 19.43
CA GLN E 186 30.07 24.78 19.32
C GLN E 186 29.26 24.93 18.05
N GLY E 187 28.36 25.90 18.05
CA GLY E 187 27.62 26.26 16.85
C GLY E 187 26.21 25.69 16.76
N PHE E 188 25.71 25.03 17.80
CA PHE E 188 24.34 24.55 17.77
C PHE E 188 23.83 24.38 19.20
N ASP E 189 22.50 24.32 19.32
CA ASP E 189 21.84 24.22 20.61
C ASP E 189 21.21 22.83 20.76
N HIS E 190 21.03 22.44 22.03
CA HIS E 190 20.34 21.21 22.39
C HIS E 190 21.09 19.99 21.89
N TYR E 191 20.40 18.86 21.78
CA TYR E 191 21.06 17.60 21.44
C TYR E 191 20.98 17.32 19.96
N LYS E 192 22.04 16.67 19.43
CA LYS E 192 22.05 16.36 18.02
C LYS E 192 23.06 15.26 17.74
N PRO E 193 22.76 14.35 16.82
CA PRO E 193 23.70 13.25 16.53
C PRO E 193 25.06 13.76 16.09
N LEU E 194 26.09 13.09 16.58
CA LEU E 194 27.47 13.51 16.35
C LEU E 194 28.00 12.92 15.06
N THR E 195 28.54 13.78 14.19
CA THR E 195 29.28 13.29 13.04
C THR E 195 30.76 13.13 13.39
N THR E 196 31.38 12.14 12.75
CA THR E 196 32.83 12.06 12.77
C THR E 196 33.45 13.39 12.34
N GLU E 197 32.80 14.09 11.42
CA GLU E 197 33.24 15.43 11.03
C GLU E 197 33.16 16.39 12.21
N ALA E 198 31.99 16.46 12.86
CA ALA E 198 31.86 17.24 14.08
C ALA E 198 32.94 16.87 15.09
N LEU E 199 33.15 15.57 15.26
CA LEU E 199 34.08 15.09 16.28
C LEU E 199 35.50 15.52 15.95
N ALA E 200 35.95 15.28 14.71
CA ALA E 200 37.32 15.63 14.35
C ALA E 200 37.56 17.13 14.45
N ALA E 201 36.61 17.93 13.97
CA ALA E 201 36.76 19.38 14.08
C ALA E 201 36.70 19.82 15.54
N ALA E 202 35.79 19.23 16.32
CA ALA E 202 35.73 19.56 17.73
C ALA E 202 37.01 19.17 18.47
N ALA E 203 37.70 18.14 17.98
CA ALA E 203 38.95 17.63 18.54
C ALA E 203 38.93 17.61 20.08
N PRO E 204 37.99 16.87 20.69
CA PRO E 204 37.89 16.90 22.15
C PRO E 204 39.11 16.29 22.80
N ASP E 205 39.49 16.86 23.93
CA ASP E 205 40.59 16.31 24.73
C ASP E 205 40.10 15.26 25.71
N VAL E 206 38.85 15.34 26.14
CA VAL E 206 38.25 14.41 27.08
C VAL E 206 36.84 14.08 26.59
N VAL E 207 36.43 12.83 26.79
CA VAL E 207 35.06 12.41 26.54
C VAL E 207 34.35 12.27 27.89
N LEU E 208 33.27 13.02 28.07
CA LEU E 208 32.43 12.94 29.25
C LEU E 208 31.14 12.21 28.91
N ILE E 209 30.73 11.28 29.77
CA ILE E 209 29.58 10.43 29.50
C ILE E 209 28.97 10.02 30.83
N SER E 210 27.68 9.67 30.79
CA SER E 210 27.00 9.23 31.99
C SER E 210 27.23 7.75 32.23
N ASP E 211 27.07 7.34 33.51
CA ASP E 211 27.12 5.92 33.84
C ASP E 211 26.15 5.13 32.98
N GLU E 212 24.92 5.64 32.85
CA GLU E 212 23.92 4.97 32.03
C GLU E 212 24.35 4.92 30.57
N GLY E 213 24.89 6.03 30.06
CA GLY E 213 25.36 6.04 28.69
C GLY E 213 26.56 5.12 28.48
N LEU E 214 27.46 5.07 29.46
CA LEU E 214 28.61 4.20 29.36
C LEU E 214 28.18 2.74 29.37
N ALA E 215 27.23 2.39 30.23
CA ALA E 215 26.70 1.02 30.24
C ALA E 215 25.96 0.72 28.95
N ALA E 216 25.19 1.69 28.45
CA ALA E 216 24.40 1.46 27.25
C ALA E 216 25.29 1.23 26.03
N VAL E 217 26.39 1.96 25.93
CA VAL E 217 27.29 1.78 24.79
C VAL E 217 28.13 0.52 24.94
N GLY E 218 28.26 -0.02 26.14
CA GLY E 218 28.99 -1.25 26.37
C GLY E 218 30.28 -1.14 27.16
N GLY E 219 30.56 0.02 27.74
CA GLY E 219 31.75 0.19 28.56
C GLY E 219 32.75 1.11 27.89
N HIS E 220 33.91 1.22 28.54
CA HIS E 220 34.91 2.21 28.13
C HIS E 220 35.46 1.92 26.74
N ALA E 221 35.88 0.67 26.50
CA ALA E 221 36.47 0.33 25.21
C ALA E 221 35.48 0.51 24.07
N ALA E 222 34.22 0.14 24.29
CA ALA E 222 33.19 0.31 23.27
C ALA E 222 33.03 1.79 22.90
N LEU E 223 33.14 2.67 23.89
CA LEU E 223 33.05 4.10 23.61
C LEU E 223 34.19 4.57 22.71
N LEU E 224 35.41 4.09 22.98
CA LEU E 224 36.58 4.58 22.27
C LEU E 224 36.73 3.96 20.88
N ALA E 225 36.10 2.82 20.62
CA ALA E 225 36.11 2.26 19.28
C ALA E 225 35.03 2.85 18.39
N THR E 226 34.15 3.68 18.94
CA THR E 226 33.14 4.35 18.14
C THR E 226 33.82 5.07 16.98
N PRO E 227 33.25 5.02 15.77
CA PRO E 227 33.91 5.63 14.61
C PRO E 227 34.29 7.08 14.85
N GLY E 228 35.56 7.39 14.58
CA GLY E 228 36.11 8.71 14.79
C GLY E 228 36.74 8.93 16.15
N PHE E 229 36.37 8.11 17.14
CA PHE E 229 36.88 8.34 18.50
C PHE E 229 38.36 8.00 18.61
N GLY E 230 38.81 6.99 17.87
CA GLY E 230 40.19 6.56 18.00
C GLY E 230 41.19 7.63 17.60
N ALA E 231 40.87 8.38 16.54
CA ALA E 231 41.80 9.35 15.98
C ALA E 231 41.56 10.77 16.49
N THR E 232 41.47 10.91 17.81
CA THR E 232 41.29 12.20 18.46
C THR E 232 42.21 12.25 19.68
N PRO E 233 42.50 13.43 20.20
CA PRO E 233 43.34 13.50 21.43
C PRO E 233 42.77 12.69 22.58
N ALA E 234 41.46 12.78 22.82
CA ALA E 234 40.85 11.94 23.85
C ALA E 234 40.97 10.46 23.50
N GLY E 235 40.77 10.12 22.22
CA GLY E 235 40.82 8.71 21.85
C GLY E 235 42.25 8.17 21.81
N ARG E 236 43.19 8.98 21.31
CA ARG E 236 44.58 8.56 21.34
C ARG E 236 45.06 8.36 22.77
N ALA E 237 44.57 9.18 23.70
CA ALA E 237 44.90 9.04 25.11
C ALA E 237 43.91 8.18 25.87
N ARG E 238 42.83 7.74 25.22
CA ARG E 238 41.81 6.90 25.83
C ARG E 238 41.28 7.53 27.12
N ARG E 239 40.83 8.78 27.00
CA ARG E 239 40.52 9.64 28.15
C ARG E 239 39.01 9.74 28.30
N VAL E 240 38.45 8.97 29.22
CA VAL E 240 37.02 8.85 29.42
C VAL E 240 36.69 9.14 30.88
N VAL E 241 35.61 9.90 31.10
CA VAL E 241 35.06 10.11 32.43
C VAL E 241 33.59 9.76 32.40
N SER E 242 33.16 8.92 33.35
CA SER E 242 31.76 8.55 33.50
C SER E 242 31.25 9.04 34.85
N LEU E 243 29.97 9.40 34.89
CA LEU E 243 29.33 9.86 36.11
C LEU E 243 27.84 9.50 36.05
N ASP E 244 27.23 9.35 37.22
CA ASP E 244 25.80 9.12 37.27
C ASP E 244 25.06 10.28 36.60
N ALA E 245 24.12 9.95 35.72
CA ALA E 245 23.44 10.98 34.93
C ALA E 245 22.70 11.96 35.82
N LEU E 246 21.92 11.45 36.78
CA LEU E 246 21.21 12.33 37.71
C LEU E 246 22.19 13.18 38.51
N PHE E 247 23.31 12.58 38.94
CA PHE E 247 24.30 13.32 39.71
C PHE E 247 24.91 14.44 38.88
N LEU E 248 25.20 14.16 37.61
CA LEU E 248 25.94 15.12 36.80
C LEU E 248 25.05 16.24 36.30
N LEU E 249 23.87 15.91 35.79
CA LEU E 249 23.09 16.84 34.99
C LEU E 249 21.86 17.41 35.67
N GLY E 250 21.51 16.94 36.87
CA GLY E 250 20.20 17.26 37.41
C GLY E 250 20.00 18.72 37.77
N PHE E 251 21.08 19.42 38.11
CA PHE E 251 21.02 20.80 38.57
C PHE E 251 20.12 20.93 39.80
N GLY E 252 20.56 20.30 40.89
CA GLY E 252 19.85 20.35 42.14
C GLY E 252 20.75 20.75 43.30
N PRO E 253 20.33 20.44 44.52
CA PRO E 253 21.10 20.87 45.70
C PRO E 253 22.48 20.25 45.78
N ARG E 254 22.79 19.26 44.96
CA ARG E 254 24.12 18.67 44.91
C ARG E 254 25.03 19.36 43.89
N LEU E 255 24.61 20.50 43.36
CA LEU E 255 25.39 21.21 42.35
C LEU E 255 26.83 21.48 42.76
N PRO E 256 27.13 22.01 43.95
CA PRO E 256 28.55 22.24 44.28
C PRO E 256 29.34 20.95 44.34
N LEU E 257 28.74 19.88 44.84
CA LEU E 257 29.46 18.60 44.91
C LEU E 257 29.58 17.96 43.53
N ALA E 258 28.54 18.10 42.72
CA ALA E 258 28.60 17.55 41.37
C ALA E 258 29.67 18.24 40.54
N VAL E 259 29.73 19.57 40.63
CA VAL E 259 30.73 20.32 39.88
C VAL E 259 32.13 20.00 40.39
N THR E 260 32.30 19.95 41.72
CA THR E 260 33.60 19.60 42.29
C THR E 260 34.04 18.21 41.83
N THR E 261 33.11 17.25 41.81
CA THR E 261 33.47 15.90 41.38
C THR E 261 33.86 15.88 39.91
N LEU E 262 33.09 16.59 39.06
CA LEU E 262 33.42 16.63 37.65
C LEU E 262 34.78 17.26 37.42
N HIS E 263 35.07 18.37 38.11
CA HIS E 263 36.38 19.00 37.99
C HIS E 263 37.49 18.05 38.39
N ARG E 264 37.26 17.26 39.45
CA ARG E 264 38.28 16.30 39.88
C ARG E 264 38.52 15.25 38.80
N ARG E 265 37.44 14.65 38.30
CA ARG E 265 37.60 13.56 37.34
C ARG E 265 38.21 14.05 36.03
N LEU E 266 37.91 15.28 35.64
CA LEU E 266 38.59 15.87 34.50
C LEU E 266 40.07 16.06 34.79
N SER E 267 40.40 16.50 36.00
CA SER E 267 41.80 16.76 36.33
C SER E 267 42.60 15.46 36.43
N ASP E 268 42.02 14.42 37.03
CA ASP E 268 42.68 13.13 37.06
C ASP E 268 42.91 12.60 35.65
N ALA E 269 41.89 12.72 34.79
CA ALA E 269 42.02 12.22 33.42
C ALA E 269 43.13 12.92 32.65
N LEU E 270 43.40 14.18 32.99
CA LEU E 270 44.42 14.98 32.33
C LEU E 270 45.67 15.15 33.19
N ALA E 271 45.99 14.14 34.01
CA ALA E 271 47.13 14.23 34.91
C ALA E 271 48.44 14.47 34.15
#